data_2YQ5
#
_entry.id   2YQ5
#
_cell.length_a   92.718
_cell.length_b   110.012
_cell.length_c   147.736
_cell.angle_alpha   90.00
_cell.angle_beta   90.00
_cell.angle_gamma   90.00
#
_symmetry.space_group_name_H-M   'P 21 21 21'
#
loop_
_entity.id
_entity.type
_entity.pdbx_description
1 polymer 'D-ISOMER SPECIFIC 2-HYDROXYACID DEHYDROGENASE'
2 non-polymer NICOTINAMIDE-ADENINE-DINUCLEOTIDE
3 water water
#
_entity_poly.entity_id   1
_entity_poly.type   'polypeptide(L)'
_entity_poly.pdbx_seq_one_letter_code
;MTKIAMYNVSPIEVPYIEDWAKKNDVEIKTTDQALTSATVDLAEGCSSVSLKPLGPVDEEVVYQKLSEYGVKCIGLRIVG
FNTINFDWTKKYNLLVTNVPVYSPRAIAEMTVTQAMYLLRKIGEFRYRMDHDHDFTWPSNLISNEIYNLTVGLIGVGHIG
SAVAEIFSAMGAKVIAYDVAYNPEFEPFLTYTDFDTVLKEADIVSLHTPLFPSTENMIGEKQLKEMKKSAYLINCARGEL
VDTGALIKALQDGEIAGAGLDTLAGESSYFGHTGLTDSEIPEDYKTLAKMPNVVITPHSAFYTETSIRNMVQICLTDQLT
IAKGGRPRSIVNLTASGHHHHHH
;
_entity_poly.pdbx_strand_id   A,B,C,D
#
loop_
_chem_comp.id
_chem_comp.type
_chem_comp.name
_chem_comp.formula
NAD non-polymer NICOTINAMIDE-ADENINE-DINUCLEOTIDE 'C21 H27 N7 O14 P2'
#
# COMPACT_ATOMS: atom_id res chain seq x y z
N THR A 2 -16.48 -38.02 -18.31
CA THR A 2 -15.07 -38.53 -18.22
C THR A 2 -14.72 -38.96 -16.77
N LYS A 3 -13.69 -39.81 -16.61
CA LYS A 3 -13.34 -40.35 -15.30
C LYS A 3 -11.91 -39.98 -14.87
N ILE A 4 -11.76 -39.70 -13.56
CA ILE A 4 -10.45 -39.44 -12.92
C ILE A 4 -10.39 -40.09 -11.55
N ALA A 5 -9.26 -40.74 -11.24
CA ALA A 5 -9.04 -41.32 -9.92
C ALA A 5 -7.95 -40.60 -9.15
N MET A 6 -8.18 -40.46 -7.85
CA MET A 6 -7.36 -39.65 -6.95
C MET A 6 -6.82 -40.44 -5.77
N TYR A 7 -5.53 -40.29 -5.51
CA TYR A 7 -4.87 -40.95 -4.39
C TYR A 7 -4.30 -39.92 -3.43
N ASN A 8 -4.00 -40.38 -2.22
CA ASN A 8 -3.39 -39.54 -1.20
C ASN A 8 -4.36 -38.44 -0.83
N VAL A 9 -5.66 -38.70 -0.87
CA VAL A 9 -6.56 -37.57 -0.64
C VAL A 9 -6.78 -37.46 0.85
N SER A 10 -6.89 -36.25 1.37
CA SER A 10 -7.14 -36.03 2.79
C SER A 10 -8.51 -35.43 2.96
N PRO A 11 -9.14 -35.65 4.13
CA PRO A 11 -10.49 -35.06 4.29
C PRO A 11 -10.58 -33.54 3.93
N ILE A 12 -9.58 -32.73 4.25
CA ILE A 12 -9.58 -31.29 3.90
C ILE A 12 -9.72 -31.02 2.40
N GLU A 13 -9.26 -31.96 1.57
CA GLU A 13 -9.32 -31.84 0.10
C GLU A 13 -10.71 -32.09 -0.49
N VAL A 14 -11.47 -32.99 0.14
CA VAL A 14 -12.69 -33.53 -0.45
C VAL A 14 -13.70 -32.48 -0.97
N PRO A 15 -14.25 -31.62 -0.10
CA PRO A 15 -15.22 -30.59 -0.58
C PRO A 15 -14.86 -29.92 -1.91
N TYR A 16 -13.58 -29.56 -2.06
CA TYR A 16 -13.05 -28.85 -3.22
C TYR A 16 -13.09 -29.70 -4.49
N ILE A 17 -12.66 -30.96 -4.33
CA ILE A 17 -12.78 -32.02 -5.33
C ILE A 17 -14.25 -32.26 -5.69
N GLU A 18 -15.11 -32.29 -4.69
CA GLU A 18 -16.54 -32.54 -4.92
C GLU A 18 -17.20 -31.32 -5.53
N ASP A 19 -16.62 -30.16 -5.25
CA ASP A 19 -17.05 -28.93 -5.89
C ASP A 19 -16.68 -28.90 -7.39
N TRP A 20 -15.41 -29.13 -7.68
CA TRP A 20 -14.91 -29.23 -9.04
C TRP A 20 -15.67 -30.28 -9.84
N ALA A 21 -15.89 -31.44 -9.21
CA ALA A 21 -16.61 -32.58 -9.81
C ALA A 21 -18.01 -32.23 -10.29
N LYS A 22 -18.83 -31.60 -9.44
CA LYS A 22 -20.20 -31.27 -9.84
C LYS A 22 -20.20 -30.12 -10.86
N LYS A 23 -19.13 -29.31 -10.88
CA LYS A 23 -19.02 -28.17 -11.79
C LYS A 23 -18.61 -28.51 -13.23
N ASN A 24 -17.68 -29.46 -13.37
CA ASN A 24 -17.17 -29.87 -14.67
C ASN A 24 -17.84 -31.13 -15.23
N ASP A 25 -18.82 -31.65 -14.48
CA ASP A 25 -19.60 -32.84 -14.85
C ASP A 25 -18.72 -34.11 -14.97
N VAL A 26 -17.91 -34.36 -13.94
CA VAL A 26 -16.83 -35.38 -13.99
C VAL A 26 -16.85 -36.36 -12.80
N GLU A 27 -16.69 -37.64 -13.12
CA GLU A 27 -16.63 -38.66 -12.09
C GLU A 27 -15.23 -38.81 -11.51
N ILE A 28 -15.18 -38.83 -10.18
CA ILE A 28 -13.93 -38.88 -9.44
C ILE A 28 -14.06 -39.97 -8.39
N LYS A 29 -13.17 -40.97 -8.39
CA LYS A 29 -13.07 -41.84 -7.23
C LYS A 29 -11.76 -41.62 -6.48
N THR A 30 -11.83 -41.70 -5.17
CA THR A 30 -10.75 -41.24 -4.33
C THR A 30 -10.37 -42.31 -3.34
N THR A 31 -9.22 -42.11 -2.70
CA THR A 31 -8.73 -42.98 -1.63
C THR A 31 -7.59 -42.27 -0.92
N ASP A 32 -7.60 -42.41 0.40
CA ASP A 32 -6.59 -41.79 1.26
C ASP A 32 -5.19 -42.38 1.03
N GLN A 33 -5.13 -43.56 0.42
CA GLN A 33 -3.85 -44.28 0.34
C GLN A 33 -3.13 -44.13 -0.98
N ALA A 34 -1.83 -44.43 -0.92
CA ALA A 34 -0.87 -44.14 -1.99
C ALA A 34 -1.10 -45.02 -3.20
N LEU A 35 -0.62 -44.59 -4.36
CA LEU A 35 -0.66 -45.45 -5.54
C LEU A 35 0.41 -46.55 -5.48
N THR A 36 0.00 -47.81 -5.68
CA THR A 36 0.86 -49.02 -5.61
C THR A 36 0.18 -50.19 -6.34
N SER A 37 0.87 -51.33 -6.41
CA SER A 37 0.34 -52.58 -7.02
C SER A 37 -1.10 -52.86 -6.64
N ALA A 38 -1.35 -52.85 -5.33
CA ALA A 38 -2.68 -53.03 -4.78
C ALA A 38 -3.69 -52.01 -5.31
N THR A 39 -3.48 -50.73 -5.00
CA THR A 39 -4.49 -49.70 -5.23
C THR A 39 -4.58 -49.15 -6.65
N VAL A 40 -3.85 -49.75 -7.59
CA VAL A 40 -3.88 -49.26 -8.97
C VAL A 40 -5.23 -49.60 -9.64
N ASP A 41 -5.97 -50.53 -9.01
CA ASP A 41 -7.26 -51.05 -9.48
C ASP A 41 -8.42 -50.04 -9.59
N LEU A 42 -8.30 -48.90 -8.93
CA LEU A 42 -9.35 -47.89 -9.09
C LEU A 42 -9.15 -46.97 -10.28
N ALA A 43 -7.97 -47.07 -10.90
CA ALA A 43 -7.70 -46.26 -12.10
C ALA A 43 -8.30 -46.82 -13.42
N GLU A 44 -9.33 -47.67 -13.32
CA GLU A 44 -9.97 -48.24 -14.54
C GLU A 44 -10.97 -47.30 -15.25
N GLY A 45 -10.71 -47.05 -16.53
CA GLY A 45 -11.57 -46.21 -17.37
C GLY A 45 -11.20 -44.75 -17.29
N CYS A 46 -10.23 -44.43 -16.47
CA CYS A 46 -9.91 -43.04 -16.19
C CYS A 46 -9.07 -42.42 -17.27
N SER A 47 -9.39 -41.16 -17.56
CA SER A 47 -8.55 -40.33 -18.38
C SER A 47 -7.24 -39.97 -17.63
N SER A 48 -7.30 -39.91 -16.29
CA SER A 48 -6.16 -39.46 -15.46
C SER A 48 -6.09 -40.01 -14.02
N VAL A 49 -4.88 -40.05 -13.45
CA VAL A 49 -4.75 -40.19 -12.00
C VAL A 49 -4.23 -38.88 -11.38
N SER A 50 -4.46 -38.71 -10.07
CA SER A 50 -4.08 -37.50 -9.34
C SER A 50 -3.48 -37.83 -7.97
N LEU A 51 -2.24 -37.40 -7.73
CA LEU A 51 -1.52 -37.80 -6.52
C LEU A 51 -0.95 -36.63 -5.68
N LYS A 52 -0.92 -36.82 -4.35
CA LYS A 52 -0.09 -35.99 -3.47
C LYS A 52 0.84 -36.92 -2.68
N PRO A 53 1.89 -37.46 -3.34
CA PRO A 53 2.72 -38.56 -2.79
C PRO A 53 3.68 -38.19 -1.64
N LEU A 54 3.89 -39.13 -0.72
CA LEU A 54 4.90 -38.99 0.34
C LEU A 54 6.08 -39.91 0.08
N GLY A 55 5.90 -40.87 -0.81
CA GLY A 55 6.99 -41.74 -1.24
C GLY A 55 7.11 -41.85 -2.75
N PRO A 56 8.27 -42.34 -3.23
CA PRO A 56 8.45 -42.74 -4.63
C PRO A 56 7.39 -43.73 -5.13
N VAL A 57 6.89 -43.52 -6.34
CA VAL A 57 6.11 -44.54 -7.02
C VAL A 57 7.11 -45.46 -7.75
N ASP A 58 7.71 -46.37 -6.98
CA ASP A 58 8.89 -47.12 -7.44
C ASP A 58 8.63 -48.45 -8.17
N GLU A 59 7.37 -48.84 -8.31
CA GLU A 59 7.03 -50.16 -8.89
C GLU A 59 6.62 -50.06 -10.35
N GLU A 60 7.29 -50.81 -11.21
CA GLU A 60 7.05 -50.74 -12.64
C GLU A 60 5.64 -51.13 -13.09
N VAL A 61 5.08 -52.14 -12.43
CA VAL A 61 3.76 -52.69 -12.75
C VAL A 61 2.66 -51.62 -12.73
N VAL A 62 2.79 -50.66 -11.82
CA VAL A 62 1.83 -49.57 -11.66
C VAL A 62 1.69 -48.78 -12.97
N TYR A 63 2.82 -48.41 -13.56
CA TYR A 63 2.89 -47.67 -14.82
C TYR A 63 2.32 -48.45 -16.01
N GLN A 64 2.69 -49.72 -16.12
CA GLN A 64 2.25 -50.56 -17.21
C GLN A 64 0.74 -50.69 -17.25
N LYS A 65 0.13 -51.07 -16.12
CA LYS A 65 -1.35 -51.14 -16.02
C LYS A 65 -2.03 -49.78 -16.26
N LEU A 66 -1.35 -48.68 -15.91
CA LEU A 66 -1.89 -47.33 -16.18
C LEU A 66 -2.13 -47.16 -17.68
N SER A 67 -1.05 -47.19 -18.47
CA SER A 67 -1.16 -47.10 -19.93
C SER A 67 -1.92 -48.28 -20.53
N GLU A 68 -2.14 -49.33 -19.74
CA GLU A 68 -3.01 -50.46 -20.13
C GLU A 68 -4.51 -50.10 -20.04
N TYR A 69 -4.85 -49.14 -19.18
CA TYR A 69 -6.23 -48.70 -18.96
C TYR A 69 -6.58 -47.46 -19.78
N GLY A 70 -5.62 -46.94 -20.54
CA GLY A 70 -5.83 -45.72 -21.29
C GLY A 70 -5.82 -44.49 -20.40
N VAL A 71 -4.97 -44.54 -19.37
CA VAL A 71 -4.66 -43.40 -18.51
C VAL A 71 -3.68 -42.48 -19.26
N LYS A 72 -4.08 -41.24 -19.49
CA LYS A 72 -3.30 -40.29 -20.32
C LYS A 72 -2.20 -39.56 -19.54
N CYS A 73 -2.49 -39.27 -18.28
CA CYS A 73 -1.57 -38.47 -17.50
C CYS A 73 -1.59 -38.83 -16.02
N ILE A 74 -0.44 -38.66 -15.38
CA ILE A 74 -0.32 -38.68 -13.92
C ILE A 74 -0.20 -37.24 -13.45
N GLY A 75 -1.16 -36.74 -12.70
CA GLY A 75 -1.09 -35.33 -12.31
C GLY A 75 -0.70 -35.19 -10.87
N LEU A 76 0.41 -34.51 -10.57
CA LEU A 76 0.76 -34.20 -9.18
C LEU A 76 -0.07 -32.99 -8.71
N ARG A 77 -0.40 -32.95 -7.42
CA ARG A 77 -1.00 -31.76 -6.78
C ARG A 77 0.03 -31.00 -5.95
N ILE A 78 1.30 -31.12 -6.32
CA ILE A 78 2.37 -30.44 -5.61
C ILE A 78 3.41 -29.96 -6.61
N VAL A 79 4.49 -29.33 -6.13
CA VAL A 79 5.62 -28.92 -7.00
C VAL A 79 6.57 -30.08 -7.40
N GLY A 80 6.98 -30.91 -6.44
CA GLY A 80 7.99 -31.94 -6.68
C GLY A 80 7.55 -33.17 -7.47
N PHE A 81 8.07 -33.29 -8.70
CA PHE A 81 7.76 -34.43 -9.54
C PHE A 81 8.77 -35.57 -9.39
N ASN A 82 9.58 -35.50 -8.35
CA ASN A 82 10.71 -36.40 -8.22
C ASN A 82 10.35 -37.74 -7.62
N THR A 83 9.09 -37.88 -7.20
CA THR A 83 8.59 -39.16 -6.69
C THR A 83 8.07 -40.05 -7.81
N ILE A 84 8.36 -39.63 -9.05
CA ILE A 84 8.01 -40.37 -10.26
C ILE A 84 9.28 -40.87 -10.98
N ASN A 85 9.22 -42.11 -11.47
CA ASN A 85 10.22 -42.64 -12.40
C ASN A 85 9.86 -42.22 -13.83
N PHE A 86 10.76 -41.48 -14.48
CA PHE A 86 10.49 -40.87 -15.80
C PHE A 86 10.93 -41.72 -16.99
N ASP A 87 11.69 -42.78 -16.69
CA ASP A 87 12.00 -43.81 -17.66
C ASP A 87 10.71 -44.50 -18.05
N TRP A 88 9.97 -44.90 -17.02
CA TRP A 88 8.76 -45.68 -17.18
C TRP A 88 7.58 -44.87 -17.68
N THR A 89 7.69 -43.55 -17.59
CA THR A 89 6.64 -42.66 -18.10
C THR A 89 6.65 -42.56 -19.63
N LYS A 90 7.53 -43.32 -20.27
CA LYS A 90 7.55 -43.46 -21.71
C LYS A 90 6.56 -44.56 -22.10
N LYS A 91 5.33 -44.41 -21.61
CA LYS A 91 4.27 -45.47 -21.72
C LYS A 91 2.85 -44.93 -21.94
N LEU A 94 3.00 -41.96 -20.88
CA LEU A 94 2.31 -41.28 -19.79
C LEU A 94 2.81 -39.86 -19.60
N LEU A 95 1.92 -38.88 -19.74
CA LEU A 95 2.22 -37.47 -19.44
C LEU A 95 2.21 -37.24 -17.95
N VAL A 96 2.89 -36.18 -17.50
CA VAL A 96 2.98 -35.83 -16.08
C VAL A 96 2.80 -34.32 -15.84
N THR A 97 1.81 -33.93 -15.02
CA THR A 97 1.61 -32.52 -14.65
C THR A 97 1.75 -32.30 -13.17
N ASN A 98 2.12 -31.07 -12.83
CA ASN A 98 2.27 -30.64 -11.46
C ASN A 98 1.56 -29.30 -11.23
N VAL A 99 1.72 -28.77 -10.02
CA VAL A 99 1.11 -27.52 -9.64
C VAL A 99 2.27 -26.71 -9.07
N PRO A 100 2.87 -25.83 -9.89
CA PRO A 100 4.09 -25.12 -9.51
C PRO A 100 3.80 -24.01 -8.51
N VAL A 101 2.79 -23.19 -8.80
CA VAL A 101 2.35 -22.13 -7.90
C VAL A 101 0.85 -22.31 -7.62
N TYR A 102 0.49 -22.36 -6.35
CA TYR A 102 -0.89 -22.47 -5.90
C TYR A 102 -1.35 -21.38 -4.98
N SER A 103 -0.45 -20.86 -4.17
CA SER A 103 -0.67 -19.63 -3.44
C SER A 103 0.57 -19.08 -2.83
N PRO A 104 1.31 -18.17 -3.59
CA PRO A 104 2.52 -17.67 -2.95
C PRO A 104 2.31 -16.93 -1.67
N ARG A 105 1.24 -16.17 -1.56
CA ARG A 105 0.98 -15.41 -0.37
C ARG A 105 0.83 -16.22 0.89
N ALA A 106 0.24 -17.38 0.80
CA ALA A 106 0.28 -18.33 1.92
C ALA A 106 1.67 -18.42 2.57
N ILE A 107 2.71 -18.61 1.76
CA ILE A 107 4.07 -18.74 2.32
C ILE A 107 4.61 -17.36 2.73
N ALA A 108 4.24 -16.33 1.95
CA ALA A 108 4.62 -14.91 2.20
C ALA A 108 4.03 -14.43 3.50
N GLU A 109 2.79 -14.80 3.77
CA GLU A 109 2.22 -14.33 5.00
C GLU A 109 2.78 -15.05 6.24
N MET A 110 3.30 -16.27 6.08
CA MET A 110 3.88 -16.94 7.23
C MET A 110 5.22 -16.31 7.55
N THR A 111 6.02 -16.08 6.50
CA THR A 111 7.33 -15.41 6.60
C THR A 111 7.19 -14.09 7.36
N VAL A 112 6.27 -13.25 6.91
CA VAL A 112 6.05 -11.95 7.51
C VAL A 112 5.63 -12.10 8.98
N THR A 113 4.65 -12.96 9.25
CA THR A 113 4.17 -13.22 10.62
C THR A 113 5.29 -13.61 11.58
N GLN A 114 6.15 -14.55 11.17
CA GLN A 114 7.24 -15.01 12.03
C GLN A 114 8.24 -13.91 12.29
N ALA A 115 8.50 -13.10 11.27
CA ALA A 115 9.41 -11.99 11.42
C ALA A 115 8.86 -10.97 12.44
N MET A 116 7.59 -10.59 12.31
CA MET A 116 7.04 -9.55 13.17
C MET A 116 7.05 -9.98 14.63
N TYR A 117 6.80 -11.28 14.82
CA TYR A 117 6.75 -11.87 16.13
C TYR A 117 8.14 -11.75 16.81
N LEU A 118 9.18 -12.21 16.14
CA LEU A 118 10.49 -12.07 16.71
C LEU A 118 10.84 -10.60 16.87
N LEU A 119 10.54 -9.78 15.87
CA LEU A 119 10.84 -8.36 15.95
C LEU A 119 10.16 -7.73 17.17
N ARG A 120 8.98 -8.23 17.50
CA ARG A 120 8.31 -7.74 18.69
C ARG A 120 8.72 -8.41 19.99
N LYS A 121 9.45 -9.53 19.91
CA LYS A 121 10.10 -10.18 21.08
C LYS A 121 9.12 -10.82 22.06
N ILE A 122 8.00 -11.26 21.51
CA ILE A 122 6.92 -11.78 22.31
C ILE A 122 7.26 -13.07 23.05
N GLY A 123 7.91 -14.01 22.37
CA GLY A 123 8.38 -15.26 23.00
C GLY A 123 9.33 -15.02 24.15
N GLU A 124 10.19 -14.00 23.97
CA GLU A 124 11.11 -13.54 24.98
C GLU A 124 10.39 -12.89 26.16
N PHE A 125 9.32 -12.14 25.88
CA PHE A 125 8.54 -11.52 26.96
C PHE A 125 7.85 -12.62 27.74
N ARG A 126 7.16 -13.49 27.00
CA ARG A 126 6.41 -14.52 27.63
C ARG A 126 7.33 -15.40 28.50
N TYR A 127 8.60 -15.49 28.11
CA TYR A 127 9.51 -16.30 28.89
C TYR A 127 9.78 -15.70 30.27
N ARG A 128 9.90 -14.38 30.34
CA ARG A 128 10.22 -13.77 31.63
C ARG A 128 8.98 -13.69 32.48
N MET A 129 7.84 -13.52 31.81
CA MET A 129 6.53 -13.55 32.49
C MET A 129 6.25 -14.92 33.12
N ASP A 130 6.37 -15.97 32.32
CA ASP A 130 5.93 -17.29 32.77
C ASP A 130 6.94 -18.01 33.66
N HIS A 131 8.23 -17.74 33.47
CA HIS A 131 9.28 -18.46 34.20
C HIS A 131 9.93 -17.70 35.31
N ASP A 132 10.10 -16.40 35.12
CA ASP A 132 10.69 -15.53 36.17
C ASP A 132 9.70 -14.69 37.00
N HIS A 133 8.40 -14.86 36.74
CA HIS A 133 7.40 -13.91 37.19
C HIS A 133 7.83 -12.44 37.00
N ASP A 134 8.28 -12.07 35.81
CA ASP A 134 8.78 -10.71 35.54
C ASP A 134 8.02 -10.05 34.37
N PHE A 135 7.33 -8.94 34.67
CA PHE A 135 6.51 -8.20 33.70
C PHE A 135 7.08 -6.79 33.43
N THR A 136 8.31 -6.54 33.86
CA THR A 136 8.98 -5.30 33.54
C THR A 136 9.45 -5.25 32.06
N TRP A 137 10.03 -4.11 31.69
CA TRP A 137 10.48 -3.94 30.32
C TRP A 137 11.95 -3.63 30.30
N PRO A 138 12.80 -4.62 30.03
CA PRO A 138 14.23 -4.32 30.12
C PRO A 138 14.73 -3.62 28.86
N SER A 139 15.90 -2.99 28.94
CA SER A 139 16.52 -2.36 27.79
C SER A 139 16.63 -3.26 26.54
N ASN A 140 17.13 -4.48 26.72
CA ASN A 140 17.45 -5.34 25.57
C ASN A 140 16.23 -5.97 24.89
N LEU A 141 15.02 -5.62 25.34
CA LEU A 141 13.76 -6.04 24.68
C LEU A 141 13.02 -4.91 23.94
N ILE A 142 13.69 -3.76 23.83
CA ILE A 142 13.12 -2.66 23.06
C ILE A 142 12.93 -3.11 21.61
N SER A 143 11.92 -2.56 20.93
CA SER A 143 11.62 -3.01 19.61
C SER A 143 11.79 -1.84 18.66
N ASN A 144 11.42 -2.02 17.38
CA ASN A 144 11.39 -0.92 16.43
C ASN A 144 10.23 -1.02 15.45
N GLU A 145 9.94 0.05 14.74
CA GLU A 145 8.91 -0.04 13.70
C GLU A 145 9.42 -0.66 12.41
N ILE A 146 8.57 -1.47 11.80
CA ILE A 146 8.97 -2.15 10.59
C ILE A 146 9.48 -1.17 9.51
N TYR A 147 8.83 0.00 9.39
CA TYR A 147 9.24 0.95 8.36
C TYR A 147 10.67 1.53 8.53
N ASN A 148 11.29 1.30 9.70
CA ASN A 148 12.67 1.75 9.91
C ASN A 148 13.67 0.68 9.70
N LEU A 149 13.23 -0.50 9.29
CA LEU A 149 14.09 -1.67 9.15
C LEU A 149 14.30 -1.98 7.69
N THR A 150 15.38 -2.66 7.36
CA THR A 150 15.46 -3.07 5.98
C THR A 150 15.49 -4.58 5.95
N VAL A 151 14.72 -5.16 5.05
CA VAL A 151 14.46 -6.58 5.00
C VAL A 151 15.19 -7.08 3.77
N GLY A 152 15.94 -8.20 3.89
CA GLY A 152 16.76 -8.74 2.82
C GLY A 152 16.37 -10.13 2.38
N LEU A 153 16.29 -10.35 1.08
CA LEU A 153 15.83 -11.63 0.55
C LEU A 153 16.94 -12.30 -0.24
N ILE A 154 17.31 -13.53 0.15
CA ILE A 154 18.16 -14.37 -0.66
C ILE A 154 17.22 -15.20 -1.51
N GLY A 155 17.07 -14.82 -2.78
CA GLY A 155 16.13 -15.47 -3.70
C GLY A 155 14.80 -14.76 -3.72
N VAL A 156 14.30 -14.46 -4.91
CA VAL A 156 13.03 -13.79 -5.10
C VAL A 156 12.32 -14.45 -6.28
N GLY A 157 11.44 -15.40 -6.02
CA GLY A 157 10.63 -15.91 -7.11
C GLY A 157 9.22 -15.46 -6.90
N HIS A 158 8.28 -16.38 -6.99
CA HIS A 158 6.88 -16.11 -6.69
C HIS A 158 6.69 -15.77 -5.22
N ILE A 159 7.45 -16.39 -4.33
CA ILE A 159 7.23 -16.19 -2.89
C ILE A 159 7.97 -14.95 -2.45
N GLY A 160 9.25 -14.85 -2.81
CA GLY A 160 10.11 -13.72 -2.44
C GLY A 160 9.46 -12.41 -2.83
N SER A 161 9.02 -12.33 -4.09
CA SER A 161 8.35 -11.12 -4.54
C SER A 161 7.10 -10.75 -3.73
N ALA A 162 6.24 -11.73 -3.45
CA ALA A 162 5.10 -11.52 -2.54
C ALA A 162 5.60 -10.99 -1.19
N VAL A 163 6.68 -11.55 -0.67
CA VAL A 163 7.19 -11.11 0.61
C VAL A 163 7.65 -9.68 0.46
N ALA A 164 8.42 -9.41 -0.59
CA ALA A 164 8.80 -8.03 -0.89
C ALA A 164 7.59 -7.10 -1.05
N GLU A 165 6.57 -7.48 -1.83
CA GLU A 165 5.35 -6.62 -1.94
C GLU A 165 4.77 -6.24 -0.58
N ILE A 166 4.71 -7.20 0.36
CA ILE A 166 4.09 -6.91 1.66
C ILE A 166 4.88 -5.92 2.53
N PHE A 167 6.17 -6.17 2.73
CA PHE A 167 7.02 -5.35 3.55
C PHE A 167 7.12 -3.96 2.98
N SER A 168 7.32 -3.88 1.68
CA SER A 168 7.31 -2.59 1.03
C SER A 168 5.96 -1.88 1.33
N ALA A 169 4.85 -2.57 1.14
CA ALA A 169 3.55 -1.99 1.40
C ALA A 169 3.42 -1.40 2.83
N MET A 170 4.06 -2.08 3.82
CA MET A 170 4.14 -1.66 5.22
C MET A 170 5.20 -0.59 5.45
N GLY A 171 5.95 -0.24 4.42
CA GLY A 171 6.86 0.91 4.55
C GLY A 171 8.34 0.59 4.81
N ALA A 172 8.66 -0.70 4.95
CA ALA A 172 10.05 -1.16 5.02
C ALA A 172 10.78 -1.01 3.69
N LYS A 173 12.11 -0.87 3.76
CA LYS A 173 12.99 -0.95 2.58
C LYS A 173 13.29 -2.42 2.32
N VAL A 174 13.20 -2.87 1.08
CA VAL A 174 13.59 -4.24 0.76
C VAL A 174 14.76 -4.28 -0.22
N ILE A 175 15.81 -5.01 0.15
CA ILE A 175 16.94 -5.37 -0.77
C ILE A 175 16.92 -6.88 -1.11
N ALA A 176 17.62 -7.32 -2.16
CA ALA A 176 17.55 -8.74 -2.59
C ALA A 176 18.72 -9.25 -3.46
N TYR A 177 19.06 -10.53 -3.26
CA TYR A 177 19.98 -11.22 -4.18
C TYR A 177 19.28 -12.32 -4.98
N ASP A 178 19.39 -12.24 -6.30
CA ASP A 178 18.88 -13.28 -7.17
C ASP A 178 19.87 -13.47 -8.31
N VAL A 179 19.99 -14.70 -8.78
CA VAL A 179 20.81 -15.03 -9.95
C VAL A 179 20.21 -14.39 -11.21
N ALA A 180 18.91 -14.11 -11.13
CA ALA A 180 18.10 -13.69 -12.26
C ALA A 180 17.37 -12.37 -12.00
N TYR A 181 17.28 -11.56 -13.04
CA TYR A 181 16.75 -10.24 -12.94
C TYR A 181 15.25 -10.26 -13.33
N ASN A 182 14.41 -9.69 -12.48
CA ASN A 182 12.98 -9.63 -12.80
C ASN A 182 12.49 -8.17 -12.77
N PRO A 183 12.48 -7.51 -13.94
CA PRO A 183 12.22 -6.05 -13.94
C PRO A 183 10.90 -5.72 -13.22
N GLU A 184 9.91 -6.58 -13.36
CA GLU A 184 8.62 -6.43 -12.69
C GLU A 184 8.72 -6.34 -11.16
N PHE A 185 9.85 -6.69 -10.55
CA PHE A 185 9.93 -6.57 -9.08
C PHE A 185 10.54 -5.24 -8.55
N GLU A 186 10.98 -4.34 -9.43
CA GLU A 186 11.63 -3.10 -8.98
C GLU A 186 10.75 -2.16 -8.19
N PRO A 187 9.43 -2.23 -8.38
CA PRO A 187 8.69 -1.29 -7.55
C PRO A 187 8.78 -1.66 -6.08
N PHE A 188 9.09 -2.92 -5.76
CA PHE A 188 9.10 -3.36 -4.36
C PHE A 188 10.50 -3.56 -3.70
N LEU A 189 11.57 -3.57 -4.50
CA LEU A 189 12.89 -3.87 -3.96
C LEU A 189 14.03 -3.36 -4.82
N THR A 190 15.22 -3.42 -4.23
CA THR A 190 16.46 -3.08 -4.87
C THR A 190 17.30 -4.33 -4.94
N TYR A 191 17.78 -4.67 -6.14
CA TYR A 191 18.71 -5.77 -6.25
C TYR A 191 20.10 -5.35 -5.79
N THR A 192 20.86 -6.31 -5.30
CA THR A 192 22.23 -6.09 -4.83
C THR A 192 22.89 -7.47 -4.66
N ASP A 193 24.15 -7.49 -4.24
CA ASP A 193 24.88 -8.76 -4.13
C ASP A 193 24.58 -9.49 -2.81
N PHE A 194 24.82 -10.80 -2.83
CA PHE A 194 24.65 -11.67 -1.69
C PHE A 194 25.24 -11.09 -0.39
N ASP A 195 26.53 -10.68 -0.43
CA ASP A 195 27.22 -10.14 0.75
C ASP A 195 26.48 -8.94 1.35
N THR A 196 26.13 -7.96 0.51
CA THR A 196 25.53 -6.73 0.98
C THR A 196 24.20 -7.02 1.62
N VAL A 197 23.43 -7.97 1.09
CA VAL A 197 22.14 -8.31 1.67
C VAL A 197 22.35 -8.68 3.13
N LEU A 198 23.34 -9.53 3.38
CA LEU A 198 23.58 -10.02 4.73
C LEU A 198 24.11 -8.95 5.64
N LYS A 199 24.98 -8.11 5.10
CA LYS A 199 25.63 -7.09 5.89
C LYS A 199 24.63 -6.03 6.28
N GLU A 200 23.70 -5.73 5.39
CA GLU A 200 22.84 -4.56 5.61
C GLU A 200 21.50 -4.87 6.30
N ALA A 201 21.02 -6.12 6.17
CA ALA A 201 19.64 -6.46 6.57
C ALA A 201 19.39 -6.46 8.07
N ASP A 202 18.13 -6.29 8.46
CA ASP A 202 17.73 -6.36 9.85
C ASP A 202 16.90 -7.59 10.01
N ILE A 203 16.26 -8.01 8.92
CA ILE A 203 15.58 -9.30 8.80
C ILE A 203 16.05 -10.00 7.54
N VAL A 204 16.69 -11.16 7.70
CA VAL A 204 17.12 -11.96 6.54
C VAL A 204 16.18 -13.15 6.35
N SER A 205 15.54 -13.20 5.18
CA SER A 205 14.60 -14.27 4.83
C SER A 205 15.03 -14.94 3.54
N LEU A 206 14.81 -16.23 3.44
CA LEU A 206 15.39 -17.06 2.42
C LEU A 206 14.39 -17.67 1.51
N HIS A 207 14.51 -17.43 0.22
CA HIS A 207 13.56 -17.94 -0.75
C HIS A 207 14.09 -18.61 -1.99
N THR A 208 15.29 -19.16 -1.96
CA THR A 208 15.83 -19.85 -3.11
C THR A 208 15.37 -21.28 -3.12
N PRO A 209 15.56 -21.98 -4.21
CA PRO A 209 15.23 -23.41 -4.20
C PRO A 209 16.40 -24.30 -3.78
N LEU A 210 16.08 -25.49 -3.28
CA LEU A 210 17.12 -26.50 -2.94
C LEU A 210 17.80 -27.05 -4.17
N PHE A 211 19.09 -26.79 -4.26
CA PHE A 211 19.99 -27.39 -5.25
C PHE A 211 21.26 -27.81 -4.52
N PRO A 212 22.07 -28.73 -5.11
CA PRO A 212 23.37 -29.00 -4.50
C PRO A 212 24.18 -27.71 -4.26
N SER A 213 24.22 -26.80 -5.23
CA SER A 213 24.97 -25.56 -5.09
C SER A 213 24.34 -24.56 -4.09
N THR A 214 23.20 -24.93 -3.53
CA THR A 214 22.47 -24.02 -2.65
C THR A 214 22.38 -24.58 -1.23
N GLU A 215 22.47 -25.91 -1.14
CA GLU A 215 22.57 -26.67 0.11
C GLU A 215 23.61 -26.10 1.09
N ASN A 216 23.15 -25.76 2.29
CA ASN A 216 23.99 -25.16 3.33
C ASN A 216 24.51 -23.79 2.96
N MET A 217 23.68 -23.09 2.21
CA MET A 217 23.91 -21.72 1.83
C MET A 217 24.26 -20.83 3.03
N ILE A 218 23.60 -21.05 4.15
CA ILE A 218 23.86 -20.30 5.36
C ILE A 218 24.57 -21.18 6.39
N GLY A 219 25.82 -20.85 6.66
CA GLY A 219 26.57 -21.49 7.70
C GLY A 219 27.27 -20.46 8.57
N GLU A 220 28.25 -20.93 9.36
CA GLU A 220 29.00 -20.07 10.29
C GLU A 220 29.43 -18.71 9.69
N LYS A 221 30.29 -18.72 8.67
CA LYS A 221 30.77 -17.49 8.03
C LYS A 221 29.66 -16.47 7.79
N GLN A 222 28.49 -16.94 7.34
CA GLN A 222 27.43 -16.05 6.93
C GLN A 222 26.68 -15.49 8.13
N LEU A 223 26.46 -16.31 9.15
CA LEU A 223 25.76 -15.85 10.35
C LEU A 223 26.59 -14.77 11.09
N LYS A 224 27.91 -14.94 11.11
CA LYS A 224 28.82 -13.92 11.64
C LYS A 224 28.75 -12.57 10.91
N GLU A 225 28.48 -12.61 9.60
CA GLU A 225 28.38 -11.43 8.76
C GLU A 225 27.05 -10.65 8.93
N MET A 226 26.04 -11.38 9.38
CA MET A 226 24.76 -10.79 9.70
C MET A 226 24.95 -9.87 10.89
N LYS A 227 23.98 -9.00 11.13
CA LYS A 227 24.02 -8.12 12.30
C LYS A 227 23.67 -8.91 13.54
N LYS A 228 24.30 -8.59 14.67
CA LYS A 228 23.89 -9.16 15.96
C LYS A 228 22.37 -9.09 16.16
N SER A 229 21.78 -7.96 15.78
CA SER A 229 20.37 -7.65 16.02
C SER A 229 19.46 -8.22 14.94
N ALA A 230 20.03 -8.89 13.96
CA ALA A 230 19.26 -9.39 12.83
C ALA A 230 18.53 -10.68 13.13
N TYR A 231 17.54 -10.99 12.29
CA TYR A 231 16.71 -12.19 12.48
C TYR A 231 16.73 -12.93 11.20
N LEU A 232 16.90 -14.24 11.31
CA LEU A 232 16.94 -15.09 10.14
C LEU A 232 15.60 -15.83 9.95
N ILE A 233 15.03 -15.74 8.77
CA ILE A 233 13.79 -16.43 8.51
C ILE A 233 14.03 -17.50 7.47
N ASN A 234 13.65 -18.72 7.78
CA ASN A 234 13.58 -19.77 6.80
C ASN A 234 12.23 -20.41 6.71
N CYS A 235 11.51 -20.07 5.67
CA CYS A 235 10.24 -20.66 5.36
C CYS A 235 10.34 -21.32 4.04
N ALA A 236 11.55 -21.71 3.65
CA ALA A 236 11.74 -22.29 2.35
C ALA A 236 12.02 -23.78 2.36
N ARG A 237 13.27 -24.13 2.49
CA ARG A 237 13.75 -25.49 2.58
C ARG A 237 14.79 -25.53 3.65
N GLY A 238 14.78 -26.54 4.48
CA GLY A 238 15.68 -26.60 5.59
C GLY A 238 17.11 -26.88 5.29
N GLU A 239 17.38 -27.52 4.18
CA GLU A 239 18.78 -27.89 3.86
C GLU A 239 19.61 -26.69 3.36
N LEU A 240 18.97 -25.55 3.33
CA LEU A 240 19.62 -24.31 3.04
C LEU A 240 20.31 -23.79 4.25
N VAL A 241 19.90 -24.24 5.41
CA VAL A 241 20.49 -23.82 6.67
C VAL A 241 21.08 -24.97 7.49
N ASP A 242 22.36 -24.81 7.85
CA ASP A 242 23.13 -25.69 8.71
C ASP A 242 22.70 -25.57 10.20
N THR A 243 21.81 -26.46 10.64
CA THR A 243 21.24 -26.38 11.99
C THR A 243 22.31 -26.31 13.11
N GLY A 244 23.45 -26.93 12.88
CA GLY A 244 24.49 -26.95 13.89
C GLY A 244 24.96 -25.53 14.07
N ALA A 245 25.18 -24.86 12.93
CA ALA A 245 25.75 -23.53 12.91
C ALA A 245 24.76 -22.56 13.48
N LEU A 246 23.49 -22.73 13.10
CA LEU A 246 22.44 -21.84 13.55
C LEU A 246 22.39 -21.79 15.07
N ILE A 247 22.42 -22.97 15.70
CA ILE A 247 22.32 -23.12 17.15
C ILE A 247 23.49 -22.39 17.80
N LYS A 248 24.67 -22.61 17.25
CA LYS A 248 25.89 -21.98 17.72
C LYS A 248 25.75 -20.44 17.58
N ALA A 249 25.16 -20.00 16.48
CA ALA A 249 25.01 -18.55 16.31
C ALA A 249 24.01 -17.96 17.32
N LEU A 250 22.91 -18.68 17.54
CA LEU A 250 21.86 -18.21 18.44
C LEU A 250 22.35 -18.14 19.88
N GLN A 251 23.09 -19.17 20.30
CA GLN A 251 23.62 -19.26 21.68
C GLN A 251 24.61 -18.14 21.97
N ASP A 252 25.44 -17.79 21.00
CA ASP A 252 26.45 -16.75 21.20
C ASP A 252 25.99 -15.29 21.01
N GLY A 253 24.78 -15.04 20.50
CA GLY A 253 24.36 -13.67 20.23
C GLY A 253 24.93 -13.08 18.92
N GLU A 254 25.12 -13.92 17.92
CA GLU A 254 25.63 -13.49 16.62
C GLU A 254 24.48 -13.06 15.71
N ILE A 255 23.32 -13.70 15.91
CA ILE A 255 22.02 -13.23 15.46
C ILE A 255 21.08 -13.25 16.67
N ALA A 256 19.93 -12.58 16.55
CA ALA A 256 19.06 -12.22 17.67
C ALA A 256 17.85 -13.14 17.85
N GLY A 257 17.69 -14.08 16.91
CA GLY A 257 16.49 -14.88 16.77
C GLY A 257 16.38 -15.46 15.36
N ALA A 258 15.42 -16.36 15.16
CA ALA A 258 15.18 -17.06 13.91
C ALA A 258 13.75 -17.61 13.91
N GLY A 259 13.10 -17.52 12.77
CA GLY A 259 11.79 -18.13 12.54
C GLY A 259 11.95 -19.17 11.46
N LEU A 260 11.48 -20.39 11.73
CA LEU A 260 11.65 -21.50 10.81
C LEU A 260 10.36 -22.27 10.56
N ASP A 261 10.12 -22.62 9.29
CA ASP A 261 9.01 -23.47 8.95
C ASP A 261 9.57 -24.81 8.52
N THR A 262 10.88 -24.93 8.54
CA THR A 262 11.54 -26.09 7.99
C THR A 262 12.98 -26.28 8.45
N LEU A 263 13.40 -27.53 8.46
CA LEU A 263 14.61 -28.01 9.14
C LEU A 263 15.21 -29.21 8.45
N ALA A 264 16.54 -29.24 8.34
CA ALA A 264 17.23 -30.35 7.73
C ALA A 264 16.94 -31.62 8.54
N GLY A 265 16.62 -32.73 7.87
CA GLY A 265 16.28 -33.97 8.55
C GLY A 265 14.81 -34.14 8.91
N GLU A 266 14.01 -33.09 8.72
CA GLU A 266 12.64 -33.05 9.20
C GLU A 266 11.71 -34.23 8.85
N SER A 267 12.00 -34.96 7.77
CA SER A 267 11.08 -36.02 7.35
C SER A 267 10.82 -37.10 8.39
N SER A 268 11.76 -37.35 9.32
CA SER A 268 11.57 -38.24 10.48
C SER A 268 10.31 -37.94 11.29
N TYR A 269 10.10 -36.67 11.63
CA TYR A 269 9.07 -36.28 12.61
C TYR A 269 8.00 -35.33 12.12
N PHE A 270 8.35 -34.39 11.24
CA PHE A 270 7.31 -33.62 10.55
C PHE A 270 6.43 -34.61 9.81
N GLY A 271 5.12 -34.60 10.08
CA GLY A 271 4.16 -35.49 9.43
C GLY A 271 3.80 -36.71 10.28
N HIS A 272 4.37 -36.82 11.48
CA HIS A 272 4.23 -37.99 12.30
C HIS A 272 3.51 -37.68 13.65
N THR A 273 2.82 -38.67 14.25
CA THR A 273 2.26 -38.56 15.64
C THR A 273 2.76 -39.61 16.64
N GLY A 274 2.37 -39.40 17.89
CA GLY A 274 2.64 -40.33 18.96
C GLY A 274 4.11 -40.60 19.18
N LEU A 275 4.96 -39.69 18.69
CA LEU A 275 6.39 -39.91 18.70
C LEU A 275 7.03 -40.03 20.11
N THR A 276 7.97 -40.97 20.25
CA THR A 276 8.79 -41.10 21.46
C THR A 276 9.82 -39.99 21.46
N ASP A 277 10.32 -39.62 22.64
CA ASP A 277 11.39 -38.63 22.72
C ASP A 277 12.67 -39.01 21.99
N SER A 278 12.96 -40.31 21.87
CA SER A 278 14.01 -40.77 20.97
C SER A 278 13.71 -40.32 19.54
N GLU A 279 12.52 -40.66 19.03
CA GLU A 279 12.14 -40.35 17.64
C GLU A 279 12.30 -38.86 17.23
N ILE A 280 12.34 -37.97 18.22
CA ILE A 280 12.45 -36.51 18.01
C ILE A 280 13.92 -36.07 18.28
N PRO A 281 14.61 -35.48 17.29
CA PRO A 281 16.06 -35.16 17.43
C PRO A 281 16.43 -34.02 18.41
N GLU A 282 17.71 -33.94 18.80
CA GLU A 282 18.17 -32.98 19.83
C GLU A 282 18.24 -31.55 19.32
N ASP A 283 18.60 -31.36 18.05
CA ASP A 283 18.57 -30.01 17.47
C ASP A 283 17.17 -29.36 17.40
N TYR A 284 16.13 -30.12 17.07
CA TYR A 284 14.81 -29.55 17.16
C TYR A 284 14.52 -29.10 18.59
N LYS A 285 14.84 -29.96 19.56
CA LYS A 285 14.51 -29.70 20.98
C LYS A 285 15.26 -28.50 21.57
N THR A 286 16.46 -28.22 21.02
CA THR A 286 17.29 -27.09 21.44
C THR A 286 16.74 -25.77 20.90
N LEU A 287 16.35 -25.75 19.63
CA LEU A 287 15.76 -24.56 19.01
C LEU A 287 14.38 -24.26 19.62
N ALA A 288 13.58 -25.31 19.75
CA ALA A 288 12.24 -25.15 20.30
C ALA A 288 12.20 -24.69 21.74
N LYS A 289 13.36 -24.62 22.41
CA LYS A 289 13.41 -24.23 23.81
C LYS A 289 13.74 -22.76 23.96
N MET A 290 14.35 -22.19 22.91
CA MET A 290 14.74 -20.77 22.83
C MET A 290 13.56 -19.84 22.56
N PRO A 291 13.36 -18.85 23.44
CA PRO A 291 12.26 -17.87 23.31
C PRO A 291 12.38 -16.94 22.09
N ASN A 292 13.59 -16.78 21.56
CA ASN A 292 13.81 -16.01 20.35
C ASN A 292 13.76 -16.87 19.11
N VAL A 293 13.22 -18.07 19.21
CA VAL A 293 12.98 -18.90 18.04
C VAL A 293 11.49 -19.15 17.96
N VAL A 294 10.98 -19.28 16.75
CA VAL A 294 9.62 -19.75 16.54
C VAL A 294 9.76 -20.78 15.43
N ILE A 295 8.98 -21.85 15.51
CA ILE A 295 9.03 -22.93 14.53
C ILE A 295 7.60 -23.33 14.22
N THR A 296 7.33 -23.68 12.97
CA THR A 296 6.04 -24.25 12.59
C THR A 296 6.33 -25.48 11.75
N PRO A 297 5.41 -26.47 11.74
CA PRO A 297 5.82 -27.76 11.16
C PRO A 297 5.59 -27.82 9.65
N HIS A 298 6.33 -27.06 8.87
CA HIS A 298 6.12 -26.96 7.43
C HIS A 298 4.71 -26.69 6.98
N SER A 299 4.04 -25.81 7.68
CA SER A 299 2.70 -25.36 7.25
C SER A 299 2.63 -23.90 6.78
N ALA A 300 3.69 -23.36 6.23
CA ALA A 300 3.57 -22.05 5.63
C ALA A 300 2.50 -22.09 4.50
N PHE A 301 2.51 -23.19 3.73
CA PHE A 301 1.62 -23.43 2.61
C PHE A 301 0.17 -23.60 3.02
N TYR A 302 -0.11 -23.82 4.31
CA TYR A 302 -1.40 -24.47 4.73
C TYR A 302 -2.63 -23.56 4.90
N THR A 303 -3.24 -23.18 3.78
CA THR A 303 -4.40 -22.31 3.77
C THR A 303 -5.49 -22.93 2.92
N GLU A 304 -6.68 -22.32 2.91
CA GLU A 304 -7.75 -22.79 2.05
C GLU A 304 -7.41 -22.56 0.60
N THR A 305 -6.74 -21.45 0.29
CA THR A 305 -6.43 -21.19 -1.10
C THR A 305 -5.50 -22.23 -1.68
N SER A 306 -4.45 -22.60 -0.96
CA SER A 306 -3.50 -23.59 -1.43
C SER A 306 -4.14 -24.98 -1.59
N ILE A 307 -4.90 -25.39 -0.59
CA ILE A 307 -5.63 -26.63 -0.73
C ILE A 307 -6.58 -26.58 -1.94
N ARG A 308 -7.36 -25.50 -2.08
CA ARG A 308 -8.24 -25.38 -3.21
C ARG A 308 -7.43 -25.49 -4.51
N ASN A 309 -6.37 -24.68 -4.65
CA ASN A 309 -5.68 -24.58 -5.95
C ASN A 309 -4.91 -25.83 -6.32
N MET A 310 -4.32 -26.50 -5.34
CA MET A 310 -3.65 -27.79 -5.53
C MET A 310 -4.59 -28.85 -6.10
N VAL A 311 -5.86 -28.82 -5.70
CA VAL A 311 -6.84 -29.73 -6.22
C VAL A 311 -7.33 -29.25 -7.59
N GLN A 312 -7.79 -28.00 -7.66
CA GLN A 312 -8.50 -27.45 -8.84
C GLN A 312 -7.61 -27.16 -10.04
N ILE A 313 -6.45 -26.54 -9.84
CA ILE A 313 -5.59 -26.37 -10.98
C ILE A 313 -5.28 -27.74 -11.59
N CYS A 314 -4.97 -28.73 -10.75
CA CYS A 314 -4.59 -30.04 -11.23
C CYS A 314 -5.71 -30.73 -11.99
N LEU A 315 -6.92 -30.69 -11.43
CA LEU A 315 -8.05 -31.32 -12.12
C LEU A 315 -8.30 -30.68 -13.47
N THR A 316 -8.32 -29.35 -13.49
CA THR A 316 -8.64 -28.60 -14.69
C THR A 316 -7.67 -28.98 -15.81
N ASP A 317 -6.40 -29.16 -15.43
CA ASP A 317 -5.36 -29.59 -16.34
C ASP A 317 -5.73 -30.96 -16.88
N GLN A 318 -6.05 -31.91 -16.00
CA GLN A 318 -6.44 -33.26 -16.44
C GLN A 318 -7.57 -33.23 -17.47
N LEU A 319 -8.54 -32.34 -17.25
CA LEU A 319 -9.68 -32.21 -18.14
C LEU A 319 -9.26 -31.69 -19.49
N THR A 320 -8.43 -30.65 -19.49
CA THR A 320 -7.81 -30.12 -20.72
C THR A 320 -7.18 -31.27 -21.52
N ILE A 321 -6.41 -32.12 -20.83
CA ILE A 321 -5.74 -33.29 -21.42
C ILE A 321 -6.70 -34.42 -21.79
N ALA A 322 -7.86 -34.49 -21.14
CA ALA A 322 -8.91 -35.46 -21.56
C ALA A 322 -9.47 -35.10 -22.93
N LYS A 323 -9.14 -33.90 -23.38
CA LYS A 323 -9.57 -33.38 -24.67
C LYS A 323 -8.35 -33.04 -25.51
N GLY A 324 -7.33 -33.86 -25.41
CA GLY A 324 -6.09 -33.61 -26.09
C GLY A 324 -5.48 -32.27 -25.75
N GLY A 325 -5.57 -31.84 -24.51
CA GLY A 325 -5.10 -30.52 -24.17
C GLY A 325 -3.67 -30.00 -24.18
N ARG A 326 -2.70 -30.69 -23.59
CA ARG A 326 -1.39 -30.07 -23.40
C ARG A 326 -1.28 -28.69 -22.68
N PRO A 327 -1.68 -28.60 -21.32
CA PRO A 327 -1.41 -27.29 -20.68
C PRO A 327 0.03 -27.04 -20.21
N ARG A 328 0.40 -25.79 -19.92
CA ARG A 328 1.79 -25.49 -19.65
C ARG A 328 2.44 -26.28 -18.49
N SER A 329 1.64 -26.82 -17.58
CA SER A 329 2.16 -27.56 -16.41
C SER A 329 2.60 -29.01 -16.68
N ILE A 330 2.78 -29.36 -17.95
CA ILE A 330 3.48 -30.59 -18.34
C ILE A 330 4.95 -30.37 -17.97
N VAL A 331 5.59 -31.41 -17.44
CA VAL A 331 6.85 -31.23 -16.74
C VAL A 331 8.08 -31.86 -17.40
N THR B 2 17.77 28.61 31.06
CA THR B 2 16.93 27.42 30.69
C THR B 2 17.59 26.08 31.10
N LYS B 3 17.15 25.55 32.24
CA LYS B 3 17.66 24.29 32.79
C LYS B 3 16.47 23.40 33.19
N ILE B 4 16.61 22.08 33.01
CA ILE B 4 15.49 21.11 33.20
C ILE B 4 15.79 20.01 34.22
N ALA B 5 14.82 19.75 35.10
CA ALA B 5 14.83 18.58 35.98
C ALA B 5 13.99 17.47 35.39
N MET B 6 14.52 16.25 35.47
CA MET B 6 13.86 15.05 34.97
C MET B 6 13.83 13.98 36.02
N TYR B 7 12.71 13.28 36.11
CA TYR B 7 12.48 12.29 37.14
C TYR B 7 11.90 11.06 36.48
N ASN B 8 12.08 9.91 37.13
CA ASN B 8 11.65 8.62 36.58
C ASN B 8 12.46 8.13 35.38
N VAL B 9 13.67 8.67 35.13
CA VAL B 9 14.37 8.21 33.92
C VAL B 9 14.87 6.78 34.05
N SER B 10 14.91 6.07 32.93
CA SER B 10 15.36 4.70 32.96
C SER B 10 16.56 4.62 32.02
N PRO B 11 17.41 3.59 32.18
CA PRO B 11 18.59 3.59 31.32
C PRO B 11 18.27 3.84 29.83
N ILE B 12 17.18 3.28 29.33
CA ILE B 12 16.93 3.33 27.92
C ILE B 12 16.72 4.78 27.41
N GLU B 13 16.17 5.64 28.26
CA GLU B 13 15.89 7.05 27.93
C GLU B 13 17.15 7.90 27.89
N VAL B 14 18.13 7.56 28.72
CA VAL B 14 19.30 8.38 28.93
C VAL B 14 19.91 8.91 27.61
N PRO B 15 20.20 8.01 26.64
CA PRO B 15 20.81 8.48 25.38
C PRO B 15 20.07 9.59 24.67
N TYR B 16 18.75 9.47 24.52
CA TYR B 16 18.00 10.54 23.85
C TYR B 16 17.89 11.79 24.70
N ILE B 17 17.86 11.64 26.01
CA ILE B 17 17.94 12.80 26.89
C ILE B 17 19.19 13.58 26.56
N GLU B 18 20.34 12.91 26.66
CA GLU B 18 21.65 13.54 26.47
C GLU B 18 21.85 14.07 25.07
N ASP B 19 21.40 13.31 24.07
CA ASP B 19 21.48 13.69 22.66
C ASP B 19 20.65 14.95 22.36
N TRP B 20 19.55 15.09 23.07
CA TRP B 20 18.70 16.27 22.96
C TRP B 20 19.35 17.39 23.78
N ALA B 21 19.88 17.08 24.95
CA ALA B 21 20.56 18.10 25.75
C ALA B 21 21.67 18.78 24.95
N LYS B 22 22.40 17.98 24.17
CA LYS B 22 23.52 18.47 23.37
C LYS B 22 23.07 19.27 22.13
N LYS B 23 21.96 18.89 21.55
CA LYS B 23 21.39 19.53 20.38
C LYS B 23 20.91 20.93 20.65
N ASN B 24 20.37 21.14 21.83
CA ASN B 24 19.86 22.42 22.23
C ASN B 24 20.69 22.79 23.43
N ASP B 25 20.94 24.08 23.62
CA ASP B 25 21.89 24.49 24.62
C ASP B 25 21.16 24.48 25.93
N VAL B 26 20.89 23.28 26.42
CA VAL B 26 20.23 23.12 27.68
C VAL B 26 20.96 22.14 28.55
N GLU B 27 20.76 22.25 29.84
CA GLU B 27 21.43 21.41 30.80
C GLU B 27 20.30 20.64 31.36
N ILE B 28 20.50 19.35 31.55
CA ILE B 28 19.50 18.57 32.19
C ILE B 28 20.17 17.91 33.33
N LYS B 29 19.43 17.77 34.40
CA LYS B 29 19.79 16.90 35.49
C LYS B 29 18.74 15.81 35.56
N THR B 30 19.14 14.63 36.00
CA THR B 30 18.26 13.47 36.05
C THR B 30 18.42 12.69 37.36
N THR B 31 17.43 11.84 37.63
CA THR B 31 17.39 10.90 38.75
C THR B 31 16.29 9.89 38.44
N ASP B 32 16.49 8.64 38.82
CA ASP B 32 15.56 7.60 38.39
C ASP B 32 14.32 7.54 39.26
N GLN B 33 14.38 8.14 40.45
CA GLN B 33 13.21 8.11 41.34
C GLN B 33 12.13 9.15 41.05
N ALA B 34 10.98 8.95 41.69
CA ALA B 34 9.82 9.84 41.55
C ALA B 34 10.18 11.22 42.07
N LEU B 35 9.44 12.23 41.64
CA LEU B 35 9.47 13.55 42.27
C LEU B 35 8.65 13.49 43.56
N THR B 36 9.34 13.52 44.70
CA THR B 36 8.72 13.69 46.02
C THR B 36 9.46 14.81 46.75
N SER B 37 9.14 15.05 48.02
CA SER B 37 9.68 16.20 48.78
C SER B 37 11.16 16.12 49.23
N ALA B 38 11.84 15.00 48.97
CA ALA B 38 13.31 14.90 49.10
C ALA B 38 14.03 15.30 47.80
N THR B 39 13.54 14.76 46.68
CA THR B 39 14.18 14.91 45.37
C THR B 39 13.75 16.18 44.62
N VAL B 40 12.74 16.86 45.15
CA VAL B 40 12.27 18.16 44.64
C VAL B 40 13.44 19.17 44.52
N ASP B 41 14.33 19.15 45.52
CA ASP B 41 15.53 20.00 45.58
C ASP B 41 16.32 20.06 44.28
N LEU B 42 16.31 18.97 43.52
CA LEU B 42 17.01 18.90 42.26
C LEU B 42 16.55 20.00 41.27
N ALA B 43 15.25 20.30 41.27
CA ALA B 43 14.70 21.29 40.33
C ALA B 43 14.98 22.78 40.66
N GLU B 44 16.05 23.07 41.39
CA GLU B 44 16.39 24.47 41.66
C GLU B 44 17.13 25.11 40.49
N GLY B 45 16.68 26.32 40.11
CA GLY B 45 17.23 27.04 38.97
C GLY B 45 16.58 26.65 37.66
N CYS B 46 15.83 25.54 37.68
CA CYS B 46 15.21 24.96 36.49
C CYS B 46 13.95 25.67 36.00
N SER B 47 13.76 25.66 34.68
CA SER B 47 12.59 26.25 34.02
C SER B 47 11.37 25.31 33.97
N SER B 48 11.62 24.01 34.08
CA SER B 48 10.54 23.03 33.96
C SER B 48 10.93 21.67 34.57
N VAL B 49 9.92 20.86 34.89
CA VAL B 49 10.23 19.49 35.27
C VAL B 49 9.59 18.51 34.32
N SER B 50 10.12 17.30 34.32
CA SER B 50 9.67 16.21 33.44
C SER B 50 9.63 14.90 34.18
N LEU B 51 8.44 14.31 34.22
CA LEU B 51 8.21 13.08 34.94
C LEU B 51 7.66 12.05 33.98
N LYS B 52 7.77 10.78 34.36
CA LYS B 52 7.01 9.69 33.77
C LYS B 52 6.51 8.82 34.91
N PRO B 53 5.36 9.19 35.51
CA PRO B 53 4.79 8.62 36.77
C PRO B 53 4.33 7.16 36.77
N LEU B 54 4.48 6.54 37.94
CA LEU B 54 3.90 5.23 38.26
C LEU B 54 2.75 5.30 39.30
N GLY B 55 2.81 6.29 40.19
CA GLY B 55 1.73 6.64 41.15
C GLY B 55 1.65 8.14 41.44
N PRO B 56 0.61 8.60 42.19
CA PRO B 56 0.33 10.05 42.37
C PRO B 56 1.41 10.88 43.08
N VAL B 57 1.71 12.04 42.50
CA VAL B 57 2.38 13.12 43.20
C VAL B 57 1.28 13.81 44.04
N ASP B 58 1.23 13.48 45.33
CA ASP B 58 0.16 13.91 46.22
C ASP B 58 0.66 14.64 47.47
N GLU B 59 1.93 15.05 47.44
CA GLU B 59 2.49 15.94 48.48
C GLU B 59 2.41 17.37 47.96
N GLU B 60 1.69 18.21 48.71
CA GLU B 60 1.43 19.60 48.35
C GLU B 60 2.66 20.50 48.40
N VAL B 61 3.64 20.11 49.21
CA VAL B 61 4.87 20.86 49.36
C VAL B 61 5.52 21.00 47.98
N VAL B 62 5.71 19.87 47.29
CA VAL B 62 6.41 19.84 45.99
C VAL B 62 5.86 20.85 45.00
N TYR B 63 4.54 20.99 44.94
CA TYR B 63 3.89 21.95 44.06
C TYR B 63 4.31 23.37 44.38
N GLN B 64 4.14 23.77 45.64
CA GLN B 64 4.53 25.11 46.06
C GLN B 64 6.05 25.31 46.17
N LYS B 65 6.80 24.23 46.36
CA LYS B 65 8.27 24.28 46.29
C LYS B 65 8.76 24.48 44.87
N LEU B 66 7.96 24.04 43.90
CA LEU B 66 8.30 24.20 42.49
C LEU B 66 8.16 25.65 41.99
N SER B 67 7.05 26.29 42.35
CA SER B 67 6.76 27.66 41.92
C SER B 67 7.58 28.69 42.70
N GLU B 68 8.00 28.30 43.91
CA GLU B 68 8.93 29.09 44.69
C GLU B 68 10.30 29.09 44.01
N TYR B 69 10.80 27.91 43.61
CA TYR B 69 12.01 27.79 42.75
C TYR B 69 11.77 28.42 41.37
N GLY B 70 10.49 28.64 41.04
CA GLY B 70 10.10 29.35 39.83
C GLY B 70 9.98 28.51 38.59
N VAL B 71 9.72 27.21 38.75
CA VAL B 71 9.44 26.36 37.57
C VAL B 71 8.08 26.78 36.98
N LYS B 72 7.98 26.77 35.66
CA LYS B 72 6.80 27.28 34.94
C LYS B 72 5.79 26.16 34.54
N CYS B 73 6.26 24.92 34.40
CA CYS B 73 5.43 23.78 33.95
C CYS B 73 5.90 22.44 34.49
N ILE B 74 4.96 21.51 34.60
CA ILE B 74 5.28 20.12 34.84
C ILE B 74 4.97 19.36 33.56
N GLY B 75 6.00 18.86 32.91
CA GLY B 75 5.82 18.08 31.68
C GLY B 75 5.80 16.58 31.92
N LEU B 76 4.76 15.92 31.46
CA LEU B 76 4.71 14.46 31.51
C LEU B 76 5.19 13.90 30.19
N ARG B 77 5.68 12.66 30.25
CA ARG B 77 6.23 11.90 29.09
C ARG B 77 5.31 10.73 28.70
N ILE B 78 4.01 10.90 28.90
CA ILE B 78 3.00 9.88 28.65
C ILE B 78 1.71 10.57 28.25
N VAL B 79 0.64 9.82 28.01
CA VAL B 79 -0.70 10.43 27.89
C VAL B 79 -1.35 10.76 29.24
N GLY B 80 -1.16 9.91 30.25
CA GLY B 80 -1.90 10.01 31.52
C GLY B 80 -1.59 11.18 32.45
N PHE B 81 -2.59 11.99 32.80
CA PHE B 81 -2.33 13.09 33.75
C PHE B 81 -3.05 13.00 35.12
N ASN B 82 -3.73 11.87 35.33
CA ASN B 82 -4.50 11.61 36.56
C ASN B 82 -3.67 11.74 37.84
N THR B 83 -2.37 11.49 37.71
CA THR B 83 -1.43 11.50 38.80
C THR B 83 -1.11 12.91 39.35
N ILE B 84 -1.26 13.94 38.54
CA ILE B 84 -1.09 15.33 39.00
C ILE B 84 -2.39 15.84 39.59
N ASN B 85 -2.29 16.44 40.77
CA ASN B 85 -3.44 17.07 41.41
C ASN B 85 -3.57 18.50 40.88
N PHE B 86 -4.71 18.76 40.26
CA PHE B 86 -4.95 20.05 39.62
C PHE B 86 -5.34 21.17 40.60
N ASP B 87 -5.74 20.77 41.81
CA ASP B 87 -5.99 21.69 42.91
C ASP B 87 -4.70 22.42 43.26
N TRP B 88 -3.59 21.69 43.32
CA TRP B 88 -2.31 22.29 43.70
C TRP B 88 -1.60 23.06 42.55
N THR B 89 -1.85 22.70 41.29
CA THR B 89 -1.29 23.46 40.15
C THR B 89 -1.82 24.90 40.12
N LYS B 90 -2.79 25.18 41.00
CA LYS B 90 -3.42 26.49 41.17
C LYS B 90 -3.44 26.92 42.64
N LEU B 94 1.08 27.22 37.85
CA LEU B 94 1.76 26.08 37.25
C LEU B 94 1.02 25.42 36.06
N LEU B 95 1.78 25.11 35.01
CA LEU B 95 1.23 24.49 33.79
C LEU B 95 1.51 23.01 33.80
N VAL B 96 0.77 22.25 32.98
CA VAL B 96 0.99 20.81 32.82
C VAL B 96 0.86 20.40 31.34
N THR B 97 1.81 19.60 30.85
CA THR B 97 1.78 19.04 29.48
C THR B 97 1.92 17.53 29.47
N ASN B 98 1.28 16.88 28.51
CA ASN B 98 1.49 15.46 28.32
C ASN B 98 1.97 15.19 26.88
N VAL B 99 2.25 13.92 26.55
CA VAL B 99 2.60 13.54 25.19
C VAL B 99 1.54 12.62 24.60
N PRO B 100 0.55 13.17 23.89
CA PRO B 100 -0.53 12.25 23.50
C PRO B 100 -0.13 11.31 22.34
N VAL B 101 0.65 11.77 21.36
CA VAL B 101 0.99 10.88 20.24
C VAL B 101 2.47 10.83 19.91
N TYR B 102 3.09 9.70 20.31
CA TYR B 102 4.53 9.47 20.17
C TYR B 102 4.89 8.43 19.12
N SER B 103 4.07 7.40 18.97
CA SER B 103 4.22 6.50 17.85
C SER B 103 3.02 5.58 17.67
N PRO B 104 2.03 6.06 16.91
CA PRO B 104 0.86 5.23 16.75
C PRO B 104 1.18 3.87 16.12
N ARG B 105 2.16 3.83 15.21
CA ARG B 105 2.45 2.62 14.46
C ARG B 105 3.10 1.56 15.35
N ALA B 106 3.69 1.97 16.47
CA ALA B 106 4.22 1.02 17.41
C ALA B 106 3.08 0.17 17.95
N ILE B 107 1.98 0.78 18.29
CA ILE B 107 0.87 -0.04 18.74
C ILE B 107 0.15 -0.74 17.57
N ALA B 108 0.01 -0.07 16.42
CA ALA B 108 -0.75 -0.68 15.35
C ALA B 108 -0.01 -1.93 14.92
N GLU B 109 1.30 -1.91 15.06
CA GLU B 109 2.12 -3.02 14.56
C GLU B 109 2.02 -4.21 15.52
N MET B 110 1.88 -3.93 16.82
CA MET B 110 1.67 -5.02 17.74
C MET B 110 0.35 -5.68 17.42
N THR B 111 -0.66 -4.83 17.23
CA THR B 111 -2.02 -5.29 16.85
C THR B 111 -1.97 -6.26 15.65
N VAL B 112 -1.34 -5.83 14.56
CA VAL B 112 -1.16 -6.67 13.38
C VAL B 112 -0.37 -7.95 13.69
N THR B 113 0.81 -7.83 14.30
CA THR B 113 1.60 -9.01 14.70
C THR B 113 0.77 -10.06 15.46
N GLN B 114 0.08 -9.65 16.52
CA GLN B 114 -0.74 -10.60 17.29
C GLN B 114 -1.83 -11.28 16.46
N ALA B 115 -2.46 -10.53 15.57
CA ALA B 115 -3.55 -11.02 14.77
C ALA B 115 -3.06 -12.07 13.78
N MET B 116 -1.93 -11.83 13.11
CA MET B 116 -1.37 -12.78 12.11
C MET B 116 -0.92 -14.09 12.78
N TYR B 117 -0.26 -13.97 13.92
CA TYR B 117 0.16 -15.13 14.67
C TYR B 117 -1.04 -16.04 15.01
N LEU B 118 -2.10 -15.44 15.53
CA LEU B 118 -3.35 -16.14 15.77
C LEU B 118 -3.92 -16.70 14.46
N LEU B 119 -4.00 -15.86 13.44
CA LEU B 119 -4.55 -16.30 12.14
C LEU B 119 -3.81 -17.51 11.57
N ARG B 120 -2.53 -17.65 11.91
CA ARG B 120 -1.74 -18.70 11.34
C ARG B 120 -1.60 -19.89 12.26
N LYS B 121 -2.26 -19.79 13.44
CA LYS B 121 -2.40 -20.87 14.43
C LYS B 121 -1.11 -21.40 15.04
N ILE B 122 -0.07 -20.58 15.01
CA ILE B 122 1.24 -20.96 15.50
C ILE B 122 1.28 -21.48 16.96
N GLY B 123 0.45 -20.89 17.82
CA GLY B 123 0.39 -21.33 19.19
C GLY B 123 -0.20 -22.72 19.24
N GLU B 124 -1.25 -22.91 18.44
CA GLU B 124 -1.95 -24.17 18.39
C GLU B 124 -1.05 -25.24 17.79
N PHE B 125 -0.24 -24.90 16.80
CA PHE B 125 0.70 -25.86 16.25
C PHE B 125 1.78 -26.20 17.25
N ARG B 126 2.26 -25.21 17.99
CA ARG B 126 3.35 -25.47 18.94
C ARG B 126 2.89 -26.37 20.09
N TYR B 127 1.66 -26.14 20.55
CA TYR B 127 1.05 -27.00 21.55
C TYR B 127 1.01 -28.46 21.11
N ARG B 128 0.54 -28.74 19.89
CA ARG B 128 0.49 -30.12 19.39
C ARG B 128 1.90 -30.68 19.26
N MET B 129 2.84 -29.89 18.77
CA MET B 129 4.23 -30.36 18.67
C MET B 129 4.92 -30.72 19.99
N ASP B 130 4.82 -29.84 20.98
CA ASP B 130 5.59 -30.00 22.20
C ASP B 130 4.90 -30.81 23.31
N HIS B 131 3.57 -30.78 23.38
CA HIS B 131 2.84 -31.58 24.36
C HIS B 131 2.19 -32.85 23.83
N ASP B 132 1.74 -32.85 22.59
CA ASP B 132 1.15 -34.07 21.98
C ASP B 132 2.11 -34.85 21.07
N HIS B 133 3.31 -34.29 20.89
CA HIS B 133 4.34 -34.81 19.99
C HIS B 133 3.80 -35.08 18.60
N ASP B 134 2.95 -34.17 18.13
CA ASP B 134 2.17 -34.35 16.91
C ASP B 134 2.53 -33.25 15.92
N PHE B 135 3.04 -33.67 14.77
CA PHE B 135 3.60 -32.75 13.78
C PHE B 135 2.86 -32.81 12.45
N THR B 136 1.57 -33.15 12.50
CA THR B 136 0.77 -33.36 11.28
C THR B 136 -0.08 -32.13 11.05
N TRP B 137 -0.84 -32.09 9.95
CA TRP B 137 -1.74 -30.96 9.69
C TRP B 137 -3.25 -31.29 9.73
N PRO B 138 -3.95 -30.92 10.82
CA PRO B 138 -5.38 -31.24 10.98
C PRO B 138 -6.32 -30.25 10.26
N SER B 139 -7.52 -30.70 9.91
CA SER B 139 -8.52 -29.88 9.24
C SER B 139 -8.76 -28.57 9.95
N ASN B 140 -9.03 -28.58 11.25
CA ASN B 140 -9.35 -27.33 11.98
C ASN B 140 -8.24 -26.28 12.13
N LEU B 141 -7.02 -26.58 11.69
CA LEU B 141 -5.88 -25.62 11.75
C LEU B 141 -5.44 -25.14 10.37
N ILE B 142 -6.26 -25.48 9.35
CA ILE B 142 -6.22 -24.75 8.07
C ILE B 142 -6.37 -23.26 8.36
N SER B 143 -5.66 -22.45 7.57
CA SER B 143 -5.53 -21.02 7.77
C SER B 143 -6.02 -20.25 6.50
N ASN B 144 -5.89 -18.93 6.48
CA ASN B 144 -6.36 -18.20 5.34
C ASN B 144 -5.49 -16.99 5.06
N GLU B 145 -5.43 -16.55 3.80
CA GLU B 145 -4.65 -15.38 3.47
C GLU B 145 -5.41 -14.19 4.01
N ILE B 146 -4.70 -13.13 4.41
CA ILE B 146 -5.34 -11.99 5.08
C ILE B 146 -6.25 -11.18 4.14
N TYR B 147 -5.93 -11.17 2.87
CA TYR B 147 -6.66 -10.38 1.92
C TYR B 147 -8.04 -10.97 1.69
N ASN B 148 -8.23 -12.20 2.16
CA ASN B 148 -9.54 -12.85 2.07
C ASN B 148 -10.44 -12.59 3.28
N LEU B 149 -9.93 -11.82 4.23
CA LEU B 149 -10.57 -11.67 5.54
C LEU B 149 -11.06 -10.27 5.72
N THR B 150 -11.96 -10.07 6.66
CA THR B 150 -12.37 -8.69 6.90
C THR B 150 -12.04 -8.27 8.34
N VAL B 151 -11.53 -7.05 8.53
CA VAL B 151 -11.04 -6.61 9.84
C VAL B 151 -11.96 -5.56 10.40
N GLY B 152 -12.42 -5.73 11.64
CA GLY B 152 -13.29 -4.77 12.28
C GLY B 152 -12.59 -3.98 13.37
N LEU B 153 -12.71 -2.67 13.31
CA LEU B 153 -12.13 -1.81 14.30
C LEU B 153 -13.17 -1.08 15.15
N ILE B 154 -13.10 -1.23 16.49
CA ILE B 154 -13.90 -0.34 17.34
C ILE B 154 -13.03 0.83 17.75
N GLY B 155 -13.33 2.02 17.25
CA GLY B 155 -12.48 3.16 17.51
C GLY B 155 -11.45 3.33 16.39
N VAL B 156 -11.37 4.52 15.81
CA VAL B 156 -10.40 4.82 14.78
C VAL B 156 -9.80 6.22 14.95
N GLY B 157 -8.78 6.33 15.80
CA GLY B 157 -8.01 7.60 15.91
C GLY B 157 -6.59 7.46 15.37
N HIS B 158 -5.64 7.91 16.15
CA HIS B 158 -4.26 7.79 15.70
C HIS B 158 -3.85 6.33 15.48
N ILE B 159 -4.17 5.46 16.46
CA ILE B 159 -3.78 4.08 16.37
C ILE B 159 -4.64 3.28 15.43
N GLY B 160 -5.96 3.33 15.61
CA GLY B 160 -6.88 2.55 14.76
C GLY B 160 -6.73 2.90 13.30
N SER B 161 -6.59 4.19 12.98
CA SER B 161 -6.28 4.50 11.60
C SER B 161 -4.99 3.84 11.06
N ALA B 162 -3.91 3.79 11.84
CA ALA B 162 -2.70 3.11 11.36
C ALA B 162 -2.94 1.59 11.16
N VAL B 163 -3.74 0.96 12.04
CA VAL B 163 -4.08 -0.43 11.86
C VAL B 163 -4.83 -0.59 10.54
N ALA B 164 -5.77 0.32 10.27
CA ALA B 164 -6.53 0.29 9.00
C ALA B 164 -5.60 0.37 7.81
N GLU B 165 -4.68 1.35 7.78
CA GLU B 165 -3.76 1.50 6.64
C GLU B 165 -2.96 0.23 6.46
N ILE B 166 -2.53 -0.43 7.54
CA ILE B 166 -1.61 -1.52 7.33
C ILE B 166 -2.40 -2.64 6.70
N PHE B 167 -3.50 -3.07 7.35
CA PHE B 167 -4.34 -4.18 6.85
C PHE B 167 -4.92 -3.92 5.48
N SER B 168 -5.12 -2.63 5.19
CA SER B 168 -5.61 -2.25 3.88
C SER B 168 -4.55 -2.56 2.83
N ALA B 169 -3.34 -2.05 3.02
CA ALA B 169 -2.18 -2.42 2.19
C ALA B 169 -2.02 -3.95 1.98
N MET B 170 -2.32 -4.76 3.00
CA MET B 170 -2.25 -6.23 2.88
C MET B 170 -3.46 -6.81 2.11
N GLY B 171 -4.45 -5.96 1.84
CA GLY B 171 -5.57 -6.32 0.99
C GLY B 171 -6.78 -6.82 1.72
N ALA B 172 -6.88 -6.64 3.04
CA ALA B 172 -8.07 -7.06 3.77
C ALA B 172 -9.15 -6.01 3.64
N LYS B 173 -10.39 -6.39 3.89
CA LYS B 173 -11.46 -5.43 3.89
C LYS B 173 -11.47 -4.87 5.29
N VAL B 174 -11.39 -3.56 5.48
CA VAL B 174 -11.49 -3.01 6.83
C VAL B 174 -12.80 -2.29 7.06
N ILE B 175 -13.48 -2.61 8.16
CA ILE B 175 -14.74 -1.93 8.43
C ILE B 175 -14.58 -1.45 9.85
N ALA B 176 -15.24 -0.36 10.22
CA ALA B 176 -15.00 0.25 11.52
C ALA B 176 -16.23 0.96 12.12
N TYR B 177 -16.33 0.95 13.44
CA TYR B 177 -17.27 1.79 14.14
C TYR B 177 -16.53 2.86 14.94
N ASP B 178 -16.98 4.10 14.81
CA ASP B 178 -16.45 5.20 15.58
C ASP B 178 -17.61 6.18 15.83
N VAL B 179 -17.52 6.93 16.92
CA VAL B 179 -18.52 7.92 17.24
C VAL B 179 -18.25 9.22 16.47
N ALA B 180 -17.02 9.40 16.04
CA ALA B 180 -16.60 10.58 15.28
C ALA B 180 -16.32 10.11 13.86
N TYR B 181 -16.46 11.03 12.91
CA TYR B 181 -16.25 10.72 11.51
C TYR B 181 -14.94 11.33 11.05
N ASN B 182 -14.11 10.55 10.35
CA ASN B 182 -12.87 11.10 9.78
C ASN B 182 -12.70 10.91 8.27
N PRO B 183 -13.20 11.86 7.47
CA PRO B 183 -13.01 11.77 6.04
C PRO B 183 -11.63 11.26 5.67
N GLU B 184 -10.54 11.84 6.23
CA GLU B 184 -9.14 11.34 6.02
C GLU B 184 -8.98 9.81 5.92
N PHE B 185 -9.89 9.06 6.56
CA PHE B 185 -9.76 7.60 6.77
C PHE B 185 -10.47 6.69 5.79
N GLU B 186 -11.30 7.25 4.92
CA GLU B 186 -12.10 6.44 4.02
C GLU B 186 -11.33 5.63 2.96
N PRO B 187 -10.10 6.04 2.59
CA PRO B 187 -9.37 5.17 1.65
C PRO B 187 -9.02 3.80 2.25
N PHE B 188 -9.10 3.68 3.57
CA PHE B 188 -8.58 2.49 4.24
C PHE B 188 -9.64 1.58 4.82
N LEU B 189 -10.85 2.09 5.02
CA LEU B 189 -11.89 1.36 5.74
C LEU B 189 -13.28 1.86 5.33
N THR B 190 -14.33 1.12 5.71
CA THR B 190 -15.73 1.56 5.54
C THR B 190 -16.40 1.67 6.89
N TYR B 191 -16.92 2.85 7.24
CA TYR B 191 -17.58 3.03 8.53
C TYR B 191 -18.90 2.26 8.55
N THR B 192 -19.29 1.77 9.72
CA THR B 192 -20.59 1.13 9.86
C THR B 192 -20.94 1.17 11.35
N ASP B 193 -22.04 0.54 11.71
CA ASP B 193 -22.41 0.48 13.11
C ASP B 193 -21.69 -0.67 13.83
N PHE B 194 -21.78 -0.59 15.14
CA PHE B 194 -21.18 -1.48 16.10
C PHE B 194 -21.54 -2.98 15.95
N ASP B 195 -22.83 -3.28 16.05
CA ASP B 195 -23.34 -4.63 15.76
C ASP B 195 -22.73 -5.25 14.51
N THR B 196 -22.74 -4.49 13.41
CA THR B 196 -22.26 -5.00 12.12
C THR B 196 -20.78 -5.38 12.16
N VAL B 197 -19.98 -4.57 12.85
CA VAL B 197 -18.58 -4.88 12.94
C VAL B 197 -18.44 -6.23 13.65
N LEU B 198 -19.10 -6.38 14.78
CA LEU B 198 -19.05 -7.64 15.48
C LEU B 198 -19.57 -8.81 14.67
N LYS B 199 -20.63 -8.60 13.91
CA LYS B 199 -21.23 -9.69 13.17
C LYS B 199 -20.41 -10.15 11.96
N GLU B 200 -19.68 -9.23 11.33
CA GLU B 200 -19.06 -9.53 10.03
C GLU B 200 -17.56 -9.66 10.01
N ALA B 201 -16.87 -9.33 11.10
CA ALA B 201 -15.40 -9.31 11.14
C ALA B 201 -14.79 -10.69 11.45
N ASP B 202 -13.64 -10.95 10.83
CA ASP B 202 -12.88 -12.17 11.09
C ASP B 202 -11.83 -11.86 12.11
N ILE B 203 -11.58 -10.58 12.29
CA ILE B 203 -10.76 -10.11 13.38
C ILE B 203 -11.36 -8.82 13.94
N VAL B 204 -11.59 -8.78 15.25
CA VAL B 204 -12.07 -7.57 15.89
C VAL B 204 -10.98 -6.91 16.72
N SER B 205 -10.69 -5.66 16.39
CA SER B 205 -9.69 -4.94 17.14
C SER B 205 -10.21 -3.69 17.86
N LEU B 206 -9.84 -3.56 19.11
CA LEU B 206 -10.32 -2.51 19.95
C LEU B 206 -9.34 -1.42 20.06
N HIS B 207 -9.76 -0.21 19.72
CA HIS B 207 -8.95 0.98 19.80
C HIS B 207 -9.58 2.25 20.38
N THR B 208 -10.51 2.15 21.30
CA THR B 208 -11.18 3.32 21.84
C THR B 208 -10.52 3.75 23.10
N PRO B 209 -10.66 5.00 23.51
CA PRO B 209 -10.08 5.31 24.82
C PRO B 209 -10.98 4.67 25.91
N LEU B 210 -10.49 4.64 27.14
CA LEU B 210 -11.29 4.19 28.26
C LEU B 210 -12.02 5.37 28.91
N PHE B 211 -13.34 5.20 29.04
CA PHE B 211 -14.27 6.18 29.65
C PHE B 211 -15.31 5.38 30.42
N PRO B 212 -15.90 5.97 31.49
CA PRO B 212 -17.02 5.30 32.14
C PRO B 212 -18.04 4.62 31.19
N SER B 213 -18.24 5.16 29.99
CA SER B 213 -19.24 4.65 29.05
C SER B 213 -18.71 3.51 28.19
N THR B 214 -17.42 3.27 28.25
CA THR B 214 -16.75 2.37 27.32
C THR B 214 -16.19 1.10 28.03
N GLU B 215 -16.10 1.18 29.35
CA GLU B 215 -15.71 0.10 30.24
C GLU B 215 -16.65 -1.08 30.05
N ASN B 216 -16.09 -2.29 30.05
CA ASN B 216 -16.85 -3.52 29.73
C ASN B 216 -17.70 -3.43 28.47
N MET B 217 -17.19 -2.75 27.46
CA MET B 217 -17.76 -2.63 26.13
C MET B 217 -17.85 -4.01 25.43
N ILE B 218 -16.83 -4.87 25.53
CA ILE B 218 -16.90 -6.28 25.07
C ILE B 218 -17.12 -7.27 26.23
N GLY B 219 -18.34 -7.83 26.27
CA GLY B 219 -18.74 -8.70 27.33
C GLY B 219 -19.57 -9.80 26.72
N GLU B 220 -20.23 -10.57 27.59
CA GLU B 220 -20.94 -11.78 27.20
C GLU B 220 -21.74 -11.60 25.92
N LYS B 221 -22.62 -10.60 25.89
CA LYS B 221 -23.53 -10.41 24.76
C LYS B 221 -22.77 -10.21 23.41
N GLN B 222 -21.69 -9.40 23.42
CA GLN B 222 -20.86 -9.09 22.22
C GLN B 222 -20.07 -10.25 21.64
N LEU B 223 -19.47 -11.05 22.50
CA LEU B 223 -18.78 -12.26 22.07
C LEU B 223 -19.76 -13.30 21.52
N LYS B 224 -21.01 -13.29 21.97
CA LYS B 224 -22.02 -14.16 21.32
C LYS B 224 -22.32 -13.68 19.89
N GLU B 225 -22.20 -12.37 19.67
CA GLU B 225 -22.49 -11.83 18.35
C GLU B 225 -21.42 -12.10 17.30
N MET B 226 -20.18 -12.32 17.75
CA MET B 226 -19.02 -12.53 16.88
C MET B 226 -19.02 -13.92 16.27
N LYS B 227 -18.05 -14.21 15.39
CA LYS B 227 -18.07 -15.52 14.74
C LYS B 227 -17.24 -16.60 15.47
N LYS B 228 -17.73 -17.84 15.41
CA LYS B 228 -17.01 -19.01 15.93
C LYS B 228 -15.53 -18.90 15.62
N SER B 229 -15.21 -18.36 14.44
CA SER B 229 -13.88 -18.37 13.91
C SER B 229 -13.08 -17.05 14.08
N ALA B 230 -13.68 -16.04 14.70
CA ALA B 230 -13.07 -14.71 14.78
C ALA B 230 -12.09 -14.62 15.90
N TYR B 231 -11.10 -13.74 15.77
CA TYR B 231 -10.18 -13.44 16.88
C TYR B 231 -10.48 -12.05 17.42
N LEU B 232 -10.43 -11.89 18.74
CA LEU B 232 -10.49 -10.59 19.36
C LEU B 232 -9.07 -10.05 19.70
N ILE B 233 -8.78 -8.82 19.28
CA ILE B 233 -7.53 -8.20 19.65
C ILE B 233 -7.76 -7.00 20.55
N ASN B 234 -7.12 -6.93 21.70
CA ASN B 234 -7.13 -5.74 22.52
C ASN B 234 -5.77 -5.24 22.84
N CYS B 235 -5.30 -4.29 22.07
CA CYS B 235 -4.04 -3.65 22.36
C CYS B 235 -4.26 -2.26 22.87
N ALA B 236 -5.43 -2.01 23.43
CA ALA B 236 -5.83 -0.70 23.91
C ALA B 236 -5.81 -0.56 25.42
N ARG B 237 -6.94 -0.68 26.06
CA ARG B 237 -7.02 -0.66 27.48
C ARG B 237 -7.79 -1.85 27.94
N GLY B 238 -7.39 -2.43 29.05
CA GLY B 238 -7.94 -3.69 29.50
C GLY B 238 -9.33 -3.68 30.05
N GLU B 239 -9.67 -2.64 30.78
CA GLU B 239 -11.03 -2.44 31.24
C GLU B 239 -12.05 -2.40 30.10
N LEU B 240 -11.62 -2.57 28.88
CA LEU B 240 -12.54 -2.54 27.78
C LEU B 240 -13.15 -3.88 27.61
N VAL B 241 -12.49 -4.89 28.14
CA VAL B 241 -12.97 -6.26 28.02
C VAL B 241 -13.35 -6.87 29.35
N ASP B 242 -14.42 -7.64 29.37
CA ASP B 242 -14.82 -8.39 30.56
C ASP B 242 -14.06 -9.70 30.55
N THR B 243 -13.00 -9.78 31.35
CA THR B 243 -12.18 -10.97 31.32
C THR B 243 -12.90 -12.25 31.69
N GLY B 244 -13.82 -12.18 32.65
CA GLY B 244 -14.59 -13.36 33.02
C GLY B 244 -15.35 -13.88 31.81
N ALA B 245 -16.12 -12.97 31.18
CA ALA B 245 -16.87 -13.29 29.97
C ALA B 245 -15.97 -13.84 28.83
N LEU B 246 -14.81 -13.23 28.60
CA LEU B 246 -13.93 -13.61 27.53
C LEU B 246 -13.39 -14.99 27.75
N ILE B 247 -13.03 -15.26 29.01
CA ILE B 247 -12.50 -16.57 29.34
C ILE B 247 -13.58 -17.61 29.05
N LYS B 248 -14.81 -17.34 29.49
CA LYS B 248 -15.91 -18.31 29.33
C LYS B 248 -16.29 -18.45 27.88
N ALA B 249 -16.12 -17.38 27.11
CA ALA B 249 -16.42 -17.43 25.70
C ALA B 249 -15.34 -18.25 24.98
N LEU B 250 -14.07 -18.06 25.34
CA LEU B 250 -13.01 -18.88 24.72
C LEU B 250 -13.25 -20.35 25.06
N GLN B 251 -13.66 -20.60 26.31
CA GLN B 251 -13.89 -21.98 26.75
C GLN B 251 -15.04 -22.63 25.97
N ASP B 252 -16.13 -21.89 25.77
CA ASP B 252 -17.30 -22.38 25.04
C ASP B 252 -17.21 -22.40 23.47
N GLY B 253 -16.16 -21.81 22.90
CA GLY B 253 -16.01 -21.85 21.45
C GLY B 253 -16.78 -20.73 20.77
N GLU B 254 -17.20 -19.74 21.54
CA GLU B 254 -17.82 -18.54 20.99
C GLU B 254 -16.90 -17.75 20.05
N ILE B 255 -15.63 -17.54 20.43
CA ILE B 255 -14.63 -17.09 19.45
C ILE B 255 -13.50 -18.11 19.37
N ALA B 256 -12.54 -17.91 18.48
CA ALA B 256 -11.57 -18.91 18.12
C ALA B 256 -10.24 -18.61 18.80
N GLY B 257 -10.13 -17.39 19.35
CA GLY B 257 -8.92 -16.96 20.07
C GLY B 257 -8.83 -15.45 20.34
N ALA B 258 -7.80 -15.03 21.08
CA ALA B 258 -7.60 -13.63 21.44
C ALA B 258 -6.11 -13.24 21.59
N GLY B 259 -5.85 -11.95 21.37
CA GLY B 259 -4.54 -11.37 21.45
C GLY B 259 -4.72 -10.17 22.35
N LEU B 260 -4.03 -10.18 23.48
CA LEU B 260 -4.18 -9.13 24.46
C LEU B 260 -2.84 -8.54 24.82
N ASP B 261 -2.78 -7.20 24.89
CA ASP B 261 -1.62 -6.48 25.39
C ASP B 261 -1.87 -5.98 26.81
N THR B 262 -3.09 -6.08 27.26
CA THR B 262 -3.50 -5.46 28.49
C THR B 262 -4.66 -6.25 29.08
N LEU B 263 -4.84 -6.20 30.40
CA LEU B 263 -5.93 -6.92 31.08
C LEU B 263 -6.53 -6.07 32.14
N ALA B 264 -7.86 -6.09 32.24
CA ALA B 264 -8.51 -5.51 33.42
C ALA B 264 -7.80 -5.98 34.73
N GLY B 265 -7.30 -5.04 35.52
CA GLY B 265 -6.65 -5.37 36.81
C GLY B 265 -5.13 -5.56 36.80
N GLU B 266 -4.48 -5.27 35.67
CA GLU B 266 -3.02 -5.49 35.48
C GLU B 266 -2.04 -4.70 36.38
N SER B 267 -2.43 -3.53 36.86
CA SER B 267 -1.42 -2.72 37.51
C SER B 267 -0.90 -3.33 38.84
N SER B 268 -1.57 -4.37 39.30
CA SER B 268 -1.06 -5.25 40.34
C SER B 268 0.18 -6.00 39.98
N TYR B 269 0.31 -6.48 38.76
CA TYR B 269 1.44 -7.29 38.38
C TYR B 269 2.21 -6.89 37.13
N PHE B 270 1.72 -5.99 36.31
CA PHE B 270 2.43 -5.62 35.10
C PHE B 270 3.44 -4.61 35.50
N GLY B 271 4.69 -4.80 35.12
CA GLY B 271 5.74 -3.87 35.58
C GLY B 271 6.23 -4.22 36.97
N HIS B 272 6.03 -5.44 37.38
CA HIS B 272 6.64 -5.89 38.60
C HIS B 272 7.41 -7.14 38.37
N THR B 273 8.36 -7.37 39.24
CA THR B 273 9.13 -8.56 39.27
C THR B 273 9.20 -8.53 40.75
N GLY B 274 9.42 -9.62 41.46
CA GLY B 274 9.31 -10.97 41.04
C GLY B 274 8.28 -11.27 42.07
N LEU B 275 7.22 -11.91 41.65
CA LEU B 275 5.96 -11.88 42.33
C LEU B 275 5.65 -13.24 42.84
N THR B 276 4.71 -13.37 43.77
CA THR B 276 4.34 -14.70 44.24
C THR B 276 3.17 -15.24 43.40
N ASP B 277 2.81 -16.50 43.58
CA ASP B 277 1.63 -17.02 42.89
C ASP B 277 0.35 -16.29 43.28
N SER B 278 0.16 -16.01 44.57
CA SER B 278 -0.99 -15.25 45.06
C SER B 278 -1.14 -13.91 44.36
N GLU B 279 -0.03 -13.39 43.84
CA GLU B 279 0.03 -12.03 43.28
C GLU B 279 -0.24 -11.95 41.79
N ILE B 280 -0.20 -13.08 41.08
CA ILE B 280 -0.57 -13.17 39.63
C ILE B 280 -1.93 -13.85 39.55
N PRO B 281 -2.93 -13.21 38.92
CA PRO B 281 -4.31 -13.70 39.04
C PRO B 281 -4.62 -14.96 38.26
N GLU B 282 -5.62 -15.70 38.76
CA GLU B 282 -6.29 -16.86 38.11
C GLU B 282 -6.65 -16.58 36.64
N ASP B 283 -7.27 -15.43 36.39
CA ASP B 283 -7.68 -15.09 35.03
C ASP B 283 -6.47 -14.99 34.13
N TYR B 284 -5.46 -14.23 34.57
CA TYR B 284 -4.26 -14.18 33.77
C TYR B 284 -3.74 -15.60 33.55
N LYS B 285 -3.57 -16.40 34.61
CA LYS B 285 -2.99 -17.72 34.40
C LYS B 285 -3.85 -18.59 33.50
N THR B 286 -5.18 -18.47 33.59
CA THR B 286 -6.07 -19.28 32.75
C THR B 286 -5.76 -19.01 31.29
N LEU B 287 -5.64 -17.71 30.98
CA LEU B 287 -5.52 -17.21 29.62
C LEU B 287 -4.19 -17.64 29.00
N ALA B 288 -3.17 -17.61 29.86
CA ALA B 288 -1.79 -17.82 29.49
C ALA B 288 -1.56 -19.26 29.13
N LYS B 289 -2.47 -20.12 29.54
CA LYS B 289 -2.33 -21.52 29.28
C LYS B 289 -3.02 -21.93 27.97
N MET B 290 -3.72 -20.98 27.34
CA MET B 290 -4.50 -21.26 26.14
C MET B 290 -3.65 -21.06 24.86
N PRO B 291 -3.41 -22.15 24.08
CA PRO B 291 -2.54 -22.06 22.90
C PRO B 291 -3.10 -21.10 21.82
N ASN B 292 -4.40 -20.83 21.86
CA ASN B 292 -5.05 -19.82 21.00
C ASN B 292 -5.17 -18.39 21.61
N VAL B 293 -4.50 -18.12 22.72
CA VAL B 293 -4.36 -16.75 23.19
C VAL B 293 -2.89 -16.33 23.08
N VAL B 294 -2.64 -15.08 22.75
CA VAL B 294 -1.32 -14.51 22.94
C VAL B 294 -1.45 -13.27 23.83
N ILE B 295 -0.51 -13.11 24.76
CA ILE B 295 -0.48 -12.01 25.72
C ILE B 295 0.93 -11.44 25.78
N THR B 296 1.03 -10.13 25.67
CA THR B 296 2.26 -9.39 25.96
C THR B 296 1.97 -8.39 27.11
N PRO B 297 2.99 -8.02 27.89
CA PRO B 297 2.77 -7.21 29.10
C PRO B 297 2.70 -5.67 28.88
N HIS B 298 1.73 -5.23 28.13
CA HIS B 298 1.62 -3.84 27.82
C HIS B 298 2.90 -3.32 27.30
N SER B 299 3.38 -3.99 26.29
CA SER B 299 4.56 -3.58 25.58
C SER B 299 4.30 -3.02 24.17
N ALA B 300 3.02 -2.89 23.79
CA ALA B 300 2.70 -2.41 22.45
C ALA B 300 3.44 -1.14 22.11
N PHE B 301 3.51 -0.24 23.08
CA PHE B 301 4.20 1.03 22.94
C PHE B 301 5.72 0.92 22.77
N TYR B 302 6.33 -0.24 23.06
CA TYR B 302 7.76 -0.27 23.49
C TYR B 302 8.83 -0.34 22.36
N THR B 303 8.98 0.79 21.64
CA THR B 303 9.95 0.92 20.52
C THR B 303 10.95 2.06 20.68
N GLU B 304 12.06 1.94 19.98
CA GLU B 304 13.00 3.04 19.84
C GLU B 304 12.29 4.38 19.63
N THR B 305 11.36 4.42 18.69
CA THR B 305 10.69 5.66 18.30
C THR B 305 9.93 6.28 19.50
N SER B 306 9.08 5.46 20.11
CA SER B 306 8.35 5.81 21.31
C SER B 306 9.19 6.39 22.43
N ILE B 307 10.16 5.63 22.85
CA ILE B 307 11.05 6.11 23.88
C ILE B 307 11.57 7.52 23.49
N ARG B 308 12.18 7.62 22.31
CA ARG B 308 12.74 8.88 21.84
C ARG B 308 11.72 10.01 21.84
N ASN B 309 10.56 9.73 21.27
CA ASN B 309 9.55 10.79 21.12
C ASN B 309 8.95 11.24 22.43
N MET B 310 8.54 10.28 23.28
CA MET B 310 8.17 10.55 24.68
C MET B 310 9.14 11.55 25.36
N VAL B 311 10.45 11.33 25.22
CA VAL B 311 11.43 12.27 25.76
C VAL B 311 11.51 13.63 25.01
N GLN B 312 11.66 13.58 23.68
CA GLN B 312 11.96 14.79 22.87
C GLN B 312 10.78 15.69 22.60
N ILE B 313 9.60 15.13 22.49
CA ILE B 313 8.44 15.96 22.37
C ILE B 313 8.21 16.71 23.67
N CYS B 314 8.47 16.08 24.81
CA CYS B 314 8.19 16.74 26.10
C CYS B 314 9.21 17.85 26.33
N LEU B 315 10.48 17.52 26.20
CA LEU B 315 11.54 18.52 26.35
C LEU B 315 11.39 19.73 25.43
N THR B 316 11.17 19.54 24.12
CA THR B 316 11.08 20.73 23.28
C THR B 316 9.89 21.56 23.73
N ASP B 317 8.82 20.90 24.16
CA ASP B 317 7.68 21.60 24.73
C ASP B 317 8.10 22.47 25.90
N GLN B 318 8.98 21.95 26.73
CA GLN B 318 9.48 22.73 27.87
C GLN B 318 10.34 23.94 27.49
N LEU B 319 11.02 23.83 26.34
CA LEU B 319 11.85 24.90 25.80
C LEU B 319 10.99 26.00 25.16
N THR B 320 10.00 25.60 24.37
CA THR B 320 9.04 26.61 23.89
C THR B 320 8.42 27.36 25.09
N ILE B 321 8.21 26.67 26.21
CA ILE B 321 7.68 27.30 27.43
C ILE B 321 8.62 28.38 28.02
N ALA B 322 9.88 28.02 28.26
CA ALA B 322 10.88 28.95 28.79
C ALA B 322 11.06 30.19 27.91
N LYS B 323 10.81 30.05 26.61
CA LYS B 323 10.89 31.20 25.71
C LYS B 323 9.58 31.98 25.58
N GLY B 324 8.49 31.48 26.17
CA GLY B 324 7.21 32.20 26.21
C GLY B 324 6.10 31.60 25.35
N GLY B 325 6.22 30.33 25.00
CA GLY B 325 5.38 29.74 23.97
C GLY B 325 3.95 29.36 24.29
N ARG B 326 3.77 28.53 25.32
CA ARG B 326 2.46 27.91 25.61
C ARG B 326 1.91 27.02 24.46
N PRO B 327 2.50 25.82 24.25
CA PRO B 327 2.03 25.00 23.13
C PRO B 327 0.86 24.09 23.49
N ARG B 328 0.28 23.51 22.46
CA ARG B 328 -1.00 22.82 22.52
C ARG B 328 -1.05 21.59 23.44
N SER B 329 0.11 21.15 23.93
CA SER B 329 0.20 19.97 24.80
C SER B 329 -0.20 20.30 26.25
N ILE B 330 -0.35 21.60 26.50
CA ILE B 330 -0.76 22.09 27.80
C ILE B 330 -2.20 21.66 28.00
N VAL B 331 -2.43 20.96 29.12
CA VAL B 331 -3.74 20.34 29.42
C VAL B 331 -4.69 21.14 30.37
N ASN B 332 -4.35 22.42 30.58
CA ASN B 332 -5.19 23.40 31.33
C ASN B 332 -4.96 24.87 30.92
N THR C 2 -36.16 19.93 17.39
CA THR C 2 -34.92 20.71 17.07
C THR C 2 -34.82 21.15 15.57
N LYS C 3 -34.56 22.44 15.34
CA LYS C 3 -34.58 23.04 13.98
C LYS C 3 -33.29 23.74 13.55
N ILE C 4 -32.99 23.63 12.26
CA ILE C 4 -31.88 24.32 11.59
C ILE C 4 -32.27 25.02 10.27
N ALA C 5 -31.82 26.27 10.09
CA ALA C 5 -32.06 27.05 8.84
C ALA C 5 -30.85 26.99 7.94
N MET C 6 -31.05 26.64 6.67
CA MET C 6 -29.92 26.56 5.75
C MET C 6 -29.94 27.63 4.68
N TYR C 7 -28.84 28.37 4.53
CA TYR C 7 -28.73 29.40 3.48
C TYR C 7 -27.77 28.99 2.38
N ASN C 8 -27.91 29.61 1.21
CA ASN C 8 -27.01 29.33 0.09
C ASN C 8 -27.05 27.87 -0.33
N VAL C 9 -28.18 27.18 -0.25
CA VAL C 9 -28.15 25.79 -0.72
C VAL C 9 -28.31 25.73 -2.24
N SER C 10 -27.40 25.00 -2.87
CA SER C 10 -27.46 24.77 -4.31
C SER C 10 -28.09 23.42 -4.54
N PRO C 11 -28.64 23.21 -5.76
CA PRO C 11 -29.21 21.91 -6.06
C PRO C 11 -28.35 20.77 -5.55
N ILE C 12 -27.04 20.90 -5.81
CA ILE C 12 -26.15 19.78 -5.67
C ILE C 12 -26.09 19.31 -4.22
N GLU C 13 -26.31 20.24 -3.29
CA GLU C 13 -26.36 19.92 -1.87
C GLU C 13 -27.68 19.26 -1.44
N VAL C 14 -28.77 19.61 -2.10
CA VAL C 14 -30.11 19.23 -1.60
C VAL C 14 -30.20 17.74 -1.20
N PRO C 15 -29.73 16.79 -2.07
CA PRO C 15 -29.82 15.37 -1.64
C PRO C 15 -28.99 15.02 -0.40
N TYR C 16 -27.93 15.74 -0.10
CA TYR C 16 -27.17 15.41 1.11
C TYR C 16 -27.85 15.99 2.31
N ILE C 17 -28.65 17.01 2.05
CA ILE C 17 -29.33 17.67 3.13
C ILE C 17 -30.46 16.78 3.61
N GLU C 18 -31.35 16.35 2.73
CA GLU C 18 -32.49 15.55 3.16
C GLU C 18 -31.96 14.27 3.72
N ASP C 19 -30.99 13.69 3.02
CA ASP C 19 -30.32 12.48 3.48
C ASP C 19 -29.95 12.61 4.98
N TRP C 20 -29.33 13.74 5.36
CA TRP C 20 -28.91 13.98 6.76
C TRP C 20 -30.06 14.29 7.74
N ALA C 21 -31.04 15.09 7.32
CA ALA C 21 -32.25 15.37 8.13
C ALA C 21 -33.09 14.12 8.52
N LYS C 22 -33.01 13.06 7.72
CA LYS C 22 -33.67 11.82 8.09
C LYS C 22 -32.83 10.91 9.01
N LYS C 23 -31.48 10.85 8.83
CA LYS C 23 -30.65 9.96 9.67
C LYS C 23 -30.74 10.44 11.12
N ASN C 24 -30.84 11.76 11.28
CA ASN C 24 -30.95 12.39 12.59
C ASN C 24 -32.34 12.94 12.71
N ASP C 25 -32.78 13.26 13.92
CA ASP C 25 -34.20 13.61 14.05
C ASP C 25 -34.50 15.11 13.94
N VAL C 26 -34.11 15.70 12.79
CA VAL C 26 -33.99 17.15 12.71
C VAL C 26 -34.74 17.84 11.56
N GLU C 27 -35.41 18.93 11.89
CA GLU C 27 -36.13 19.65 10.86
C GLU C 27 -35.33 20.81 10.22
N ILE C 28 -35.29 20.79 8.90
CA ILE C 28 -34.48 21.73 8.15
C ILE C 28 -35.29 22.64 7.21
N LYS C 29 -35.14 23.94 7.41
CA LYS C 29 -35.61 24.94 6.46
C LYS C 29 -34.41 25.26 5.55
N THR C 30 -34.63 25.38 4.24
CA THR C 30 -33.58 25.68 3.27
C THR C 30 -33.93 26.86 2.38
N THR C 31 -32.91 27.62 1.96
CA THR C 31 -33.10 28.65 0.93
C THR C 31 -31.82 28.82 0.16
N ASP C 32 -31.94 29.02 -1.15
CA ASP C 32 -30.74 29.25 -1.98
C ASP C 32 -30.25 30.69 -1.86
N GLN C 33 -30.81 31.44 -0.91
CA GLN C 33 -30.51 32.86 -0.81
C GLN C 33 -29.51 33.16 0.30
N ALA C 34 -28.90 34.34 0.26
CA ALA C 34 -27.97 34.76 1.30
C ALA C 34 -28.75 35.10 2.56
N LEU C 35 -28.06 35.06 3.71
CA LEU C 35 -28.57 35.57 4.97
C LEU C 35 -28.33 37.05 4.95
N THR C 36 -29.39 37.85 4.95
CA THR C 36 -29.28 39.28 5.15
C THR C 36 -30.34 39.71 6.18
N SER C 37 -30.53 41.01 6.38
CA SER C 37 -31.63 41.48 7.23
C SER C 37 -33.02 41.06 6.67
N ALA C 38 -33.10 40.82 5.36
CA ALA C 38 -34.33 40.42 4.71
C ALA C 38 -34.67 38.97 5.07
N THR C 39 -33.69 38.09 4.94
CA THR C 39 -33.95 36.64 5.07
C THR C 39 -33.66 36.00 6.47
N VAL C 40 -33.20 36.81 7.42
CA VAL C 40 -32.92 36.35 8.77
C VAL C 40 -34.12 35.73 9.51
N ASP C 41 -35.33 36.14 9.12
CA ASP C 41 -36.61 35.59 9.61
C ASP C 41 -36.63 34.09 9.70
N LEU C 42 -36.24 33.47 8.61
CA LEU C 42 -36.23 32.03 8.47
C LEU C 42 -35.60 31.31 9.67
N ALA C 43 -34.64 31.95 10.31
CA ALA C 43 -33.99 31.48 11.52
C ALA C 43 -34.88 31.28 12.75
N GLU C 44 -36.12 31.72 12.69
CA GLU C 44 -37.08 31.50 13.77
C GLU C 44 -37.02 30.13 14.40
N GLY C 45 -36.96 30.11 15.73
CA GLY C 45 -36.89 28.86 16.49
C GLY C 45 -35.87 27.83 16.06
N CYS C 46 -34.79 28.24 15.41
CA CYS C 46 -33.69 27.32 15.09
C CYS C 46 -32.54 27.41 16.11
N SER C 47 -31.90 26.28 16.42
CA SER C 47 -30.70 26.30 17.24
C SER C 47 -29.44 26.81 16.48
N SER C 48 -29.44 26.68 15.16
CA SER C 48 -28.30 27.08 14.31
C SER C 48 -28.75 27.47 12.94
N VAL C 49 -28.01 28.40 12.32
CA VAL C 49 -28.11 28.63 10.88
C VAL C 49 -26.83 28.07 10.28
N SER C 50 -26.85 27.78 8.97
CA SER C 50 -25.71 27.23 8.25
C SER C 50 -25.57 27.95 6.92
N LEU C 51 -24.36 28.38 6.55
CA LEU C 51 -24.12 29.21 5.32
C LEU C 51 -23.06 28.69 4.37
N LYS C 52 -23.08 29.17 3.14
CA LYS C 52 -21.96 28.97 2.24
C LYS C 52 -21.76 30.27 1.44
N PRO C 53 -21.31 31.34 2.15
CA PRO C 53 -21.47 32.69 1.67
C PRO C 53 -20.66 32.99 0.43
N LEU C 54 -21.20 33.92 -0.36
CA LEU C 54 -20.56 34.46 -1.54
C LEU C 54 -20.05 35.84 -1.19
N GLY C 55 -20.25 36.26 0.05
CA GLY C 55 -19.90 37.61 0.44
C GLY C 55 -20.12 37.85 1.92
N PRO C 56 -19.65 39.02 2.45
CA PRO C 56 -19.74 39.28 3.90
C PRO C 56 -21.17 39.25 4.45
N VAL C 57 -21.28 38.82 5.71
CA VAL C 57 -22.49 39.10 6.48
C VAL C 57 -22.26 40.42 7.22
N ASP C 58 -22.64 41.47 6.49
CA ASP C 58 -22.38 42.90 6.74
C ASP C 58 -23.18 43.58 7.84
N GLU C 59 -24.38 43.05 8.14
CA GLU C 59 -25.37 43.83 8.88
C GLU C 59 -25.43 43.40 10.35
N GLU C 60 -25.11 44.36 11.23
CA GLU C 60 -25.28 44.17 12.65
C GLU C 60 -26.68 43.64 12.99
N VAL C 61 -27.72 44.25 12.42
CA VAL C 61 -29.09 43.74 12.59
C VAL C 61 -29.13 42.20 12.49
N VAL C 62 -28.46 41.61 11.51
CA VAL C 62 -28.50 40.14 11.33
C VAL C 62 -28.09 39.43 12.66
N TYR C 63 -26.99 39.88 13.26
CA TYR C 63 -26.45 39.24 14.46
C TYR C 63 -27.31 39.45 15.70
N GLN C 64 -27.92 40.63 15.80
CA GLN C 64 -28.72 40.97 16.96
C GLN C 64 -29.98 40.13 16.93
N LYS C 65 -30.58 40.05 15.76
CA LYS C 65 -31.82 39.34 15.59
C LYS C 65 -31.60 37.83 15.65
N LEU C 66 -30.39 37.38 15.34
CA LEU C 66 -30.08 35.96 15.50
C LEU C 66 -30.08 35.57 16.97
N SER C 67 -29.30 36.26 17.80
CA SER C 67 -29.32 35.89 19.21
C SER C 67 -30.67 36.15 19.89
N GLU C 68 -31.51 37.00 19.32
CA GLU C 68 -32.82 37.23 19.89
C GLU C 68 -33.81 36.11 19.61
N TYR C 69 -33.61 35.45 18.48
CA TYR C 69 -34.31 34.20 18.18
C TYR C 69 -33.85 33.02 19.03
N GLY C 70 -32.64 33.11 19.58
CA GLY C 70 -32.07 32.05 20.38
C GLY C 70 -31.25 31.08 19.55
N VAL C 71 -30.74 31.55 18.42
CA VAL C 71 -29.86 30.77 17.58
C VAL C 71 -28.48 30.69 18.24
N LYS C 72 -28.02 29.47 18.53
CA LYS C 72 -26.78 29.29 19.27
C LYS C 72 -25.55 29.50 18.41
N CYS C 73 -25.63 29.06 17.15
CA CYS C 73 -24.43 29.03 16.29
C CYS C 73 -24.65 29.32 14.78
N ILE C 74 -23.62 29.94 14.20
CA ILE C 74 -23.56 30.17 12.77
C ILE C 74 -22.54 29.21 12.23
N GLY C 75 -23.02 28.20 11.52
CA GLY C 75 -22.13 27.22 10.93
C GLY C 75 -21.81 27.52 9.47
N LEU C 76 -20.55 27.71 9.17
CA LEU C 76 -20.11 27.74 7.78
C LEU C 76 -19.90 26.32 7.23
N ARG C 77 -20.24 26.11 5.96
CA ARG C 77 -19.87 24.89 5.20
C ARG C 77 -18.53 25.01 4.42
N ILE C 78 -17.61 25.87 4.86
CA ILE C 78 -16.33 26.14 4.15
C ILE C 78 -15.24 26.48 5.18
N VAL C 79 -13.97 26.33 4.84
CA VAL C 79 -12.90 26.75 5.79
C VAL C 79 -12.95 28.25 6.17
N GLY C 80 -13.24 29.09 5.17
CA GLY C 80 -13.10 30.55 5.27
C GLY C 80 -14.12 31.19 6.18
N PHE C 81 -13.64 32.01 7.11
CA PHE C 81 -14.54 32.71 8.02
C PHE C 81 -14.38 34.23 7.96
N ASN C 82 -13.64 34.67 6.96
CA ASN C 82 -13.47 36.10 6.68
C ASN C 82 -14.82 36.86 6.54
N THR C 83 -15.87 36.17 6.12
CA THR C 83 -17.18 36.80 5.84
C THR C 83 -18.00 37.06 7.11
N ILE C 84 -17.49 36.63 8.27
CA ILE C 84 -18.20 36.80 9.54
C ILE C 84 -17.52 37.85 10.39
N ASN C 85 -18.33 38.71 11.00
CA ASN C 85 -17.85 39.78 11.85
C ASN C 85 -17.79 39.26 13.27
N PHE C 86 -16.58 39.18 13.81
CA PHE C 86 -16.40 38.56 15.13
C PHE C 86 -16.67 39.49 16.30
N ASP C 87 -16.46 40.78 16.08
CA ASP C 87 -16.84 41.81 17.01
C ASP C 87 -18.27 41.51 17.38
N TRP C 88 -19.12 41.42 16.37
CA TRP C 88 -20.55 41.20 16.56
C TRP C 88 -20.97 39.79 17.04
N THR C 89 -20.24 38.74 16.70
CA THR C 89 -20.51 37.42 17.32
C THR C 89 -20.23 37.36 18.85
N LYS C 90 -19.30 38.15 19.36
CA LYS C 90 -19.10 38.19 20.80
C LYS C 90 -20.07 39.13 21.48
N LYS C 91 -20.29 40.27 20.84
CA LYS C 91 -21.28 41.24 21.26
C LYS C 91 -22.66 40.53 21.35
N TYR C 92 -22.92 39.59 20.44
CA TYR C 92 -24.21 38.87 20.44
C TYR C 92 -24.21 37.38 20.92
N ASN C 93 -23.12 36.98 21.57
CA ASN C 93 -22.96 35.67 22.19
C ASN C 93 -23.28 34.52 21.20
N LEU C 94 -22.67 34.58 20.02
CA LEU C 94 -23.00 33.66 18.95
C LEU C 94 -21.81 32.80 18.64
N LEU C 95 -22.01 31.49 18.61
CA LEU C 95 -20.91 30.61 18.26
C LEU C 95 -20.73 30.58 16.76
N VAL C 96 -19.54 30.22 16.29
CA VAL C 96 -19.28 30.07 14.85
C VAL C 96 -18.46 28.82 14.67
N THR C 97 -18.78 28.02 13.65
CA THR C 97 -17.97 26.80 13.33
C THR C 97 -17.67 26.79 11.85
N ASN C 98 -16.66 26.07 11.43
CA ASN C 98 -16.42 25.91 10.01
C ASN C 98 -16.10 24.49 9.68
N VAL C 99 -15.90 24.20 8.41
CA VAL C 99 -15.49 22.85 8.04
C VAL C 99 -14.10 22.89 7.40
N PRO C 100 -13.04 22.63 8.19
CA PRO C 100 -11.68 22.70 7.61
C PRO C 100 -11.28 21.48 6.81
N VAL C 101 -11.60 20.28 7.31
CA VAL C 101 -11.29 19.04 6.58
C VAL C 101 -12.57 18.34 6.10
N TYR C 102 -12.79 18.28 4.80
CA TYR C 102 -13.98 17.60 4.24
C TYR C 102 -13.63 16.41 3.36
N SER C 103 -12.60 16.57 2.52
CA SER C 103 -12.05 15.43 1.81
C SER C 103 -10.62 15.67 1.31
N PRO C 104 -9.65 15.46 2.19
CA PRO C 104 -8.25 15.67 1.89
C PRO C 104 -7.83 14.92 0.64
N ARG C 105 -8.35 13.72 0.41
CA ARG C 105 -7.97 12.94 -0.76
C ARG C 105 -8.44 13.57 -2.07
N ALA C 106 -9.60 14.23 -2.04
CA ALA C 106 -9.99 15.00 -3.18
C ALA C 106 -8.77 15.77 -3.70
N ILE C 107 -8.17 16.59 -2.84
CA ILE C 107 -7.09 17.44 -3.28
C ILE C 107 -5.85 16.64 -3.57
N ALA C 108 -5.58 15.64 -2.75
CA ALA C 108 -4.31 14.86 -2.86
C ALA C 108 -4.27 14.15 -4.19
N GLU C 109 -5.44 13.68 -4.61
CA GLU C 109 -5.61 12.95 -5.85
C GLU C 109 -5.47 13.88 -7.07
N MET C 110 -6.00 15.10 -6.99
CA MET C 110 -5.68 16.06 -8.05
C MET C 110 -4.14 16.29 -8.17
N THR C 111 -3.51 16.52 -7.02
CA THR C 111 -2.07 16.69 -6.91
C THR C 111 -1.35 15.55 -7.67
N VAL C 112 -1.47 14.31 -7.18
CA VAL C 112 -0.91 13.16 -7.93
C VAL C 112 -1.29 13.24 -9.41
N THR C 113 -2.55 13.43 -9.71
CA THR C 113 -3.00 13.43 -11.11
C THR C 113 -2.19 14.45 -11.95
N GLN C 114 -1.99 15.64 -11.42
CA GLN C 114 -1.21 16.64 -12.14
C GLN C 114 0.24 16.24 -12.32
N ALA C 115 0.82 15.66 -11.27
CA ALA C 115 2.20 15.24 -11.29
C ALA C 115 2.43 14.22 -12.40
N MET C 116 1.58 13.21 -12.48
CA MET C 116 1.77 12.09 -13.38
C MET C 116 1.63 12.55 -14.84
N TYR C 117 0.62 13.38 -15.11
CA TYR C 117 0.42 13.92 -16.43
C TYR C 117 1.66 14.66 -16.95
N LEU C 118 2.10 15.65 -16.20
CA LEU C 118 3.37 16.26 -16.46
C LEU C 118 4.55 15.26 -16.61
N LEU C 119 4.70 14.34 -15.65
CA LEU C 119 5.79 13.38 -15.67
C LEU C 119 5.84 12.58 -16.97
N ARG C 120 4.66 12.27 -17.50
CA ARG C 120 4.56 11.53 -18.71
C ARG C 120 4.52 12.42 -19.96
N LYS C 121 4.77 13.73 -19.81
CA LYS C 121 4.96 14.68 -20.92
C LYS C 121 3.76 14.72 -21.88
N ILE C 122 2.60 14.45 -21.35
CA ILE C 122 1.47 14.16 -22.21
C ILE C 122 1.07 15.37 -23.04
N GLY C 123 1.00 16.53 -22.37
CA GLY C 123 0.69 17.78 -23.00
C GLY C 123 1.79 18.21 -23.96
N GLU C 124 3.02 17.80 -23.70
CA GLU C 124 4.10 18.12 -24.59
C GLU C 124 4.07 17.27 -25.87
N PHE C 125 3.59 16.04 -25.76
CA PHE C 125 3.41 15.19 -26.94
C PHE C 125 2.25 15.70 -27.76
N ARG C 126 1.15 15.97 -27.07
CA ARG C 126 -0.04 16.48 -27.75
C ARG C 126 0.31 17.71 -28.58
N TYR C 127 1.22 18.53 -28.07
CA TYR C 127 1.58 19.74 -28.75
C TYR C 127 2.20 19.37 -30.06
N ARG C 128 3.28 18.57 -29.99
CA ARG C 128 4.00 18.13 -31.19
C ARG C 128 3.03 17.48 -32.18
N MET C 129 2.08 16.73 -31.65
CA MET C 129 1.08 16.07 -32.46
C MET C 129 0.16 17.02 -33.25
N ASP C 130 -0.52 17.91 -32.53
CA ASP C 130 -1.52 18.79 -33.11
C ASP C 130 -0.95 19.95 -33.93
N HIS C 131 0.17 20.51 -33.47
CA HIS C 131 0.80 21.69 -34.09
C HIS C 131 2.11 21.52 -34.84
N ASP C 132 2.91 20.50 -34.58
CA ASP C 132 4.06 20.28 -35.46
C ASP C 132 3.82 19.10 -36.40
N HIS C 133 2.60 18.54 -36.38
CA HIS C 133 2.26 17.33 -37.16
C HIS C 133 3.37 16.28 -37.02
N ASP C 134 3.81 16.08 -35.78
CA ASP C 134 4.99 15.27 -35.40
C ASP C 134 4.61 14.21 -34.36
N PHE C 135 4.69 12.96 -34.77
CA PHE C 135 4.26 11.85 -33.93
C PHE C 135 5.42 10.96 -33.50
N THR C 136 6.63 11.50 -33.45
CA THR C 136 7.76 10.67 -33.14
C THR C 136 8.10 10.90 -31.70
N TRP C 137 8.97 10.04 -31.19
CA TRP C 137 9.48 10.07 -29.80
C TRP C 137 10.83 10.80 -29.69
N PRO C 138 10.80 12.09 -29.32
CA PRO C 138 12.15 12.63 -29.19
C PRO C 138 12.83 12.19 -27.90
N SER C 139 14.14 12.23 -27.94
CA SER C 139 14.97 12.07 -26.75
C SER C 139 14.58 12.79 -25.47
N ASN C 140 14.11 14.03 -25.56
CA ASN C 140 14.04 14.85 -24.35
C ASN C 140 12.67 14.74 -23.70
N LEU C 141 11.92 13.75 -24.16
CA LEU C 141 10.54 13.56 -23.78
C LEU C 141 10.35 12.16 -23.26
N ILE C 142 11.45 11.42 -23.17
CA ILE C 142 11.50 10.14 -22.44
C ILE C 142 11.13 10.35 -20.99
N SER C 143 10.43 9.38 -20.40
CA SER C 143 9.83 9.53 -19.09
C SER C 143 10.58 8.66 -18.08
N ASN C 144 10.14 8.65 -16.84
CA ASN C 144 10.66 7.73 -15.84
C ASN C 144 9.48 7.15 -15.03
N GLU C 145 9.68 6.01 -14.38
CA GLU C 145 8.63 5.50 -13.49
C GLU C 145 8.71 6.15 -12.13
N ILE C 146 7.54 6.28 -11.50
CA ILE C 146 7.42 7.11 -10.32
C ILE C 146 8.20 6.52 -9.11
N TYR C 147 8.37 5.18 -9.09
CA TYR C 147 9.16 4.54 -8.06
C TYR C 147 10.63 4.86 -8.19
N ASN C 148 11.01 5.60 -9.22
CA ASN C 148 12.40 5.99 -9.34
C ASN C 148 12.63 7.41 -8.88
N LEU C 149 11.57 8.13 -8.54
CA LEU C 149 11.67 9.55 -8.25
C LEU C 149 11.55 9.87 -6.77
N THR C 150 12.12 11.00 -6.37
CA THR C 150 11.76 11.50 -5.05
C THR C 150 10.77 12.70 -5.16
N VAL C 151 9.70 12.64 -4.37
CA VAL C 151 8.68 13.67 -4.31
C VAL C 151 8.93 14.47 -3.03
N GLY C 152 8.79 15.80 -3.10
CA GLY C 152 9.15 16.67 -1.99
C GLY C 152 7.95 17.47 -1.60
N LEU C 153 7.51 17.36 -0.35
CA LEU C 153 6.30 18.12 0.01
C LEU C 153 6.72 19.29 0.88
N ILE C 154 6.19 20.48 0.62
CA ILE C 154 6.32 21.57 1.57
C ILE C 154 5.00 21.67 2.38
N GLY C 155 5.08 21.29 3.64
CA GLY C 155 3.92 21.30 4.48
C GLY C 155 3.26 19.96 4.35
N VAL C 156 3.10 19.29 5.48
CA VAL C 156 2.51 17.96 5.51
C VAL C 156 1.39 17.98 6.56
N GLY C 157 0.19 18.43 6.17
CA GLY C 157 -0.97 18.41 7.05
C GLY C 157 -1.94 17.35 6.61
N HIS C 158 -3.22 17.68 6.56
CA HIS C 158 -4.19 16.69 6.10
C HIS C 158 -3.95 16.34 4.61
N ILE C 159 -3.85 17.35 3.77
CA ILE C 159 -3.65 17.10 2.34
C ILE C 159 -2.29 16.49 2.06
N GLY C 160 -1.21 17.11 2.55
CA GLY C 160 0.18 16.58 2.37
C GLY C 160 0.37 15.11 2.78
N SER C 161 0.01 14.79 4.00
CA SER C 161 0.09 13.42 4.40
C SER C 161 -0.67 12.47 3.46
N ALA C 162 -1.85 12.86 3.00
CA ALA C 162 -2.53 12.05 2.01
C ALA C 162 -1.75 11.93 0.68
N VAL C 163 -1.14 13.02 0.21
CA VAL C 163 -0.23 12.94 -0.94
C VAL C 163 0.92 11.98 -0.62
N ALA C 164 1.44 12.09 0.60
CA ALA C 164 2.56 11.24 1.01
C ALA C 164 2.18 9.75 0.94
N GLU C 165 1.04 9.38 1.54
CA GLU C 165 0.60 7.97 1.56
C GLU C 165 0.44 7.45 0.14
N ILE C 166 -0.03 8.28 -0.81
CA ILE C 166 -0.30 7.71 -2.11
C ILE C 166 1.01 7.43 -2.87
N PHE C 167 1.88 8.46 -2.92
CA PHE C 167 3.10 8.39 -3.69
C PHE C 167 4.04 7.38 -3.04
N SER C 168 3.87 7.22 -1.74
CA SER C 168 4.62 6.20 -1.04
C SER C 168 4.07 4.82 -1.44
N ALA C 169 2.74 4.64 -1.45
CA ALA C 169 2.12 3.40 -1.96
C ALA C 169 2.59 3.01 -3.37
N MET C 170 2.99 3.99 -4.18
CA MET C 170 3.38 3.74 -5.59
C MET C 170 4.88 3.57 -5.70
N GLY C 171 5.58 3.76 -4.58
CA GLY C 171 7.02 3.48 -4.44
C GLY C 171 7.97 4.67 -4.55
N ALA C 172 7.46 5.89 -4.59
CA ALA C 172 8.38 7.00 -4.63
C ALA C 172 9.06 7.24 -3.25
N LYS C 173 10.20 7.90 -3.24
CA LYS C 173 10.76 8.31 -1.96
C LYS C 173 10.07 9.65 -1.71
N VAL C 174 9.52 9.85 -0.50
CA VAL C 174 8.90 11.13 -0.22
C VAL C 174 9.69 11.78 0.89
N ILE C 175 10.12 13.03 0.68
CA ILE C 175 10.78 13.86 1.69
C ILE C 175 9.93 15.12 1.88
N ALA C 176 9.93 15.71 3.05
CA ALA C 176 9.05 16.85 3.29
C ALA C 176 9.60 17.78 4.35
N TYR C 177 9.23 19.06 4.23
CA TYR C 177 9.49 20.04 5.25
C TYR C 177 8.21 20.44 5.94
N ASP C 178 8.18 20.40 7.27
CA ASP C 178 7.07 20.99 8.01
C ASP C 178 7.62 21.65 9.28
N VAL C 179 6.95 22.71 9.70
CA VAL C 179 7.31 23.39 10.97
C VAL C 179 6.90 22.55 12.17
N ALA C 180 5.95 21.65 11.95
CA ALA C 180 5.41 20.79 12.99
C ALA C 180 5.83 19.35 12.73
N TYR C 181 6.21 18.63 13.79
CA TYR C 181 6.57 17.23 13.71
C TYR C 181 5.36 16.36 14.03
N ASN C 182 4.96 15.49 13.09
CA ASN C 182 3.89 14.49 13.27
C ASN C 182 4.39 13.06 13.04
N PRO C 183 4.70 12.33 14.13
CA PRO C 183 5.15 10.94 14.07
C PRO C 183 4.25 10.06 13.22
N GLU C 184 2.94 10.30 13.30
CA GLU C 184 1.95 9.59 12.49
C GLU C 184 2.43 9.32 11.08
N PHE C 185 3.14 10.29 10.49
CA PHE C 185 3.45 10.33 9.04
C PHE C 185 4.79 9.68 8.66
N GLU C 186 5.57 9.26 9.64
CA GLU C 186 6.86 8.67 9.34
C GLU C 186 6.88 7.37 8.48
N PRO C 187 5.82 6.57 8.49
CA PRO C 187 5.84 5.45 7.54
C PRO C 187 5.81 5.88 6.07
N PHE C 188 5.39 7.11 5.78
CA PHE C 188 5.16 7.45 4.40
C PHE C 188 6.17 8.45 3.83
N LEU C 189 6.87 9.18 4.70
CA LEU C 189 7.85 10.24 4.27
C LEU C 189 9.03 10.30 5.21
N THR C 190 10.05 11.11 4.88
CA THR C 190 11.18 11.45 5.76
C THR C 190 11.24 12.97 5.87
N TYR C 191 11.16 13.48 7.09
CA TYR C 191 11.38 14.92 7.27
C TYR C 191 12.77 15.39 6.89
N THR C 192 12.84 16.52 6.21
CA THR C 192 14.10 17.16 6.02
C THR C 192 13.91 18.66 6.09
N ASP C 193 14.97 19.41 5.83
CA ASP C 193 14.85 20.84 5.84
C ASP C 193 14.43 21.32 4.46
N PHE C 194 13.90 22.53 4.45
CA PHE C 194 13.40 23.20 3.27
C PHE C 194 14.37 23.21 2.11
N ASP C 195 15.62 23.62 2.37
CA ASP C 195 16.60 23.74 1.28
C ASP C 195 16.73 22.40 0.61
N THR C 196 16.81 21.34 1.42
CA THR C 196 17.03 20.02 0.90
C THR C 196 15.88 19.58 -0.01
N VAL C 197 14.66 19.82 0.43
CA VAL C 197 13.50 19.40 -0.35
C VAL C 197 13.63 19.90 -1.79
N LEU C 198 13.83 21.21 -1.94
CA LEU C 198 13.96 21.89 -3.24
C LEU C 198 15.05 21.28 -4.08
N LYS C 199 16.22 21.11 -3.47
CA LYS C 199 17.43 20.66 -4.15
C LYS C 199 17.32 19.21 -4.63
N GLU C 200 16.77 18.35 -3.78
CA GLU C 200 16.73 16.92 -4.05
C GLU C 200 15.48 16.39 -4.72
N ALA C 201 14.40 17.15 -4.77
CA ALA C 201 13.13 16.61 -5.28
C ALA C 201 12.85 16.71 -6.82
N ASP C 202 12.31 15.59 -7.36
CA ASP C 202 11.88 15.53 -8.76
C ASP C 202 10.53 16.14 -9.00
N ILE C 203 9.80 16.29 -7.89
CA ILE C 203 8.49 16.90 -7.82
C ILE C 203 8.38 17.68 -6.51
N VAL C 204 8.06 18.94 -6.61
CA VAL C 204 7.82 19.69 -5.40
C VAL C 204 6.36 20.09 -5.44
N SER C 205 5.65 19.73 -4.39
CA SER C 205 4.26 20.03 -4.26
C SER C 205 4.03 20.79 -2.96
N LEU C 206 3.35 21.93 -3.10
CA LEU C 206 3.03 22.81 -1.98
C LEU C 206 1.72 22.42 -1.25
N HIS C 207 1.78 22.42 0.08
CA HIS C 207 0.61 22.12 0.90
C HIS C 207 0.56 22.86 2.25
N THR C 208 1.19 24.05 2.31
CA THR C 208 1.18 24.94 3.50
C THR C 208 -0.05 25.86 3.46
N PRO C 209 -0.53 26.31 4.64
CA PRO C 209 -1.57 27.36 4.63
C PRO C 209 -0.96 28.68 4.16
N LEU C 210 -1.82 29.64 3.78
CA LEU C 210 -1.41 31.02 3.41
C LEU C 210 -1.31 31.99 4.61
N PHE C 211 -0.09 32.34 4.97
CA PHE C 211 0.14 33.39 5.96
C PHE C 211 1.01 34.51 5.35
N PRO C 212 0.96 35.74 5.94
CA PRO C 212 1.99 36.74 5.60
C PRO C 212 3.42 36.16 5.47
N SER C 213 3.78 35.22 6.36
CA SER C 213 5.11 34.62 6.34
C SER C 213 5.21 33.48 5.32
N THR C 214 4.22 33.32 4.47
CA THR C 214 4.24 32.19 3.57
C THR C 214 3.90 32.65 2.15
N GLU C 215 3.40 33.87 2.07
CA GLU C 215 3.17 34.60 0.83
C GLU C 215 4.47 34.64 0.05
N ASN C 216 4.42 34.21 -1.20
CA ASN C 216 5.58 34.21 -2.11
C ASN C 216 6.73 33.31 -1.67
N MET C 217 6.37 32.22 -0.99
CA MET C 217 7.30 31.25 -0.49
C MET C 217 8.16 30.69 -1.63
N ILE C 218 7.58 30.52 -2.80
CA ILE C 218 8.29 30.07 -3.97
C ILE C 218 8.50 31.24 -4.91
N GLY C 219 9.77 31.66 -5.03
CA GLY C 219 10.15 32.81 -5.78
C GLY C 219 11.36 32.47 -6.61
N GLU C 220 12.12 33.49 -7.02
CA GLU C 220 13.17 33.30 -7.98
C GLU C 220 14.24 32.41 -7.41
N LYS C 221 14.80 32.84 -6.29
CA LYS C 221 15.84 32.08 -5.61
C LYS C 221 15.45 30.59 -5.47
N GLN C 222 14.17 30.33 -5.19
CA GLN C 222 13.72 28.95 -5.03
C GLN C 222 13.61 28.15 -6.30
N LEU C 223 13.27 28.78 -7.41
CA LEU C 223 13.25 28.04 -8.67
C LEU C 223 14.66 27.73 -9.19
N LYS C 224 15.65 28.55 -8.82
CA LYS C 224 17.05 28.31 -9.19
C LYS C 224 17.54 27.03 -8.50
N GLU C 225 17.17 26.86 -7.24
CA GLU C 225 17.58 25.69 -6.44
C GLU C 225 16.98 24.35 -6.87
N MET C 226 15.88 24.38 -7.62
CA MET C 226 15.24 23.19 -8.15
C MET C 226 16.00 22.59 -9.33
N LYS C 227 15.70 21.35 -9.67
CA LYS C 227 16.33 20.67 -10.78
C LYS C 227 15.77 21.14 -12.13
N LYS C 228 16.57 21.08 -13.17
CA LYS C 228 16.04 21.36 -14.48
C LYS C 228 14.89 20.43 -14.75
N SER C 229 15.04 19.15 -14.42
CA SER C 229 14.01 18.15 -14.72
C SER C 229 12.76 18.22 -13.86
N ALA C 230 12.77 19.06 -12.84
CA ALA C 230 11.75 18.91 -11.81
C ALA C 230 10.43 19.64 -12.08
N TYR C 231 9.34 19.22 -11.46
CA TYR C 231 8.04 19.84 -11.68
C TYR C 231 7.52 20.45 -10.40
N LEU C 232 7.02 21.68 -10.50
CA LEU C 232 6.35 22.40 -9.39
C LEU C 232 4.84 22.20 -9.39
N ILE C 233 4.31 21.69 -8.29
CA ILE C 233 2.87 21.52 -8.20
C ILE C 233 2.32 22.48 -7.15
N ASN C 234 1.34 23.29 -7.53
CA ASN C 234 0.59 24.08 -6.54
C ASN C 234 -0.94 23.90 -6.55
N CYS C 235 -1.38 22.88 -5.80
CA CYS C 235 -2.78 22.70 -5.51
C CYS C 235 -3.15 23.18 -4.11
N ALA C 236 -2.47 24.23 -3.64
CA ALA C 236 -2.82 24.83 -2.35
C ALA C 236 -3.49 26.24 -2.48
N ARG C 237 -2.66 27.30 -2.54
CA ARG C 237 -3.10 28.68 -2.65
C ARG C 237 -2.14 29.44 -3.58
N GLY C 238 -2.69 30.23 -4.49
CA GLY C 238 -1.90 30.92 -5.51
C GLY C 238 -0.78 31.80 -4.95
N GLU C 239 -1.10 32.49 -3.86
CA GLU C 239 -0.21 33.50 -3.32
C GLU C 239 1.09 32.91 -2.80
N LEU C 240 1.22 31.58 -2.80
CA LEU C 240 2.41 30.96 -2.25
C LEU C 240 3.47 31.11 -3.27
N VAL C 241 3.05 31.30 -4.52
CA VAL C 241 3.93 31.25 -5.67
C VAL C 241 3.94 32.62 -6.33
N ASP C 242 5.12 33.10 -6.70
CA ASP C 242 5.27 34.38 -7.34
C ASP C 242 5.28 34.06 -8.82
N THR C 243 4.24 34.50 -9.49
CA THR C 243 3.91 34.03 -10.83
C THR C 243 4.87 34.57 -11.84
N GLY C 244 5.14 35.86 -11.74
CA GLY C 244 6.08 36.51 -12.61
C GLY C 244 7.29 35.61 -12.63
N ALA C 245 7.77 35.23 -11.44
CA ALA C 245 8.97 34.44 -11.30
C ALA C 245 8.84 33.04 -11.90
N LEU C 246 7.68 32.42 -11.69
CA LEU C 246 7.42 31.12 -12.23
C LEU C 246 7.44 31.15 -13.75
N ILE C 247 6.80 32.18 -14.32
CA ILE C 247 6.75 32.31 -15.78
C ILE C 247 8.19 32.34 -16.29
N LYS C 248 9.00 33.22 -15.72
CA LYS C 248 10.38 33.37 -16.13
C LYS C 248 11.18 32.05 -15.97
N ALA C 249 10.97 31.35 -14.88
CA ALA C 249 11.69 30.13 -14.62
C ALA C 249 11.32 29.09 -15.67
N LEU C 250 10.04 29.01 -16.04
CA LEU C 250 9.68 28.03 -17.04
C LEU C 250 10.32 28.43 -18.39
N GLN C 251 10.25 29.72 -18.74
CA GLN C 251 10.80 30.23 -19.99
C GLN C 251 12.30 30.01 -20.08
N ASP C 252 13.00 30.16 -18.95
CA ASP C 252 14.42 30.00 -18.92
C ASP C 252 14.88 28.52 -18.71
N GLY C 253 13.90 27.63 -18.51
CA GLY C 253 14.12 26.20 -18.33
C GLY C 253 14.82 25.93 -17.02
N GLU C 254 14.44 26.67 -15.98
CA GLU C 254 14.97 26.48 -14.62
C GLU C 254 14.37 25.21 -14.04
N ILE C 255 13.07 25.03 -14.25
CA ILE C 255 12.40 23.78 -13.92
C ILE C 255 11.69 23.31 -15.20
N ALA C 256 11.02 22.19 -15.16
CA ALA C 256 10.62 21.55 -16.39
C ALA C 256 9.12 21.75 -16.73
N GLY C 257 8.36 22.32 -15.80
CA GLY C 257 6.91 22.18 -15.85
C GLY C 257 6.19 22.50 -14.55
N ALA C 258 4.89 22.71 -14.64
CA ALA C 258 4.16 23.10 -13.44
C ALA C 258 2.70 22.74 -13.58
N GLY C 259 2.14 22.28 -12.45
CA GLY C 259 0.75 21.88 -12.34
C GLY C 259 0.14 22.84 -11.34
N LEU C 260 -0.90 23.56 -11.76
CA LEU C 260 -1.50 24.62 -10.93
C LEU C 260 -3.02 24.53 -10.81
N ASP C 261 -3.49 24.48 -9.57
CA ASP C 261 -4.91 24.51 -9.31
C ASP C 261 -5.33 25.92 -8.90
N THR C 262 -4.35 26.77 -8.72
CA THR C 262 -4.61 28.05 -8.13
C THR C 262 -3.54 29.06 -8.55
N LEU C 263 -3.97 30.29 -8.82
CA LEU C 263 -3.10 31.45 -9.18
C LEU C 263 -3.31 32.66 -8.27
N ALA C 264 -2.27 33.46 -8.11
CA ALA C 264 -2.42 34.75 -7.45
C ALA C 264 -3.31 35.65 -8.32
N GLY C 265 -4.25 36.34 -7.69
CA GLY C 265 -5.16 37.18 -8.43
C GLY C 265 -6.29 36.43 -9.10
N GLU C 266 -6.38 35.13 -8.88
CA GLU C 266 -7.48 34.34 -9.44
C GLU C 266 -8.92 34.82 -9.16
N SER C 267 -9.19 35.43 -8.02
CA SER C 267 -10.57 35.58 -7.60
C SER C 267 -11.41 36.46 -8.54
N SER C 268 -10.72 37.27 -9.35
CA SER C 268 -11.46 38.11 -10.27
C SER C 268 -11.84 37.42 -11.58
N TYR C 269 -11.31 36.21 -11.83
CA TYR C 269 -11.78 35.39 -12.96
C TYR C 269 -12.30 33.97 -12.65
N PHE C 270 -11.67 33.26 -11.71
CA PHE C 270 -12.14 31.94 -11.28
C PHE C 270 -13.57 32.04 -10.75
N GLY C 271 -14.39 31.11 -11.20
CA GLY C 271 -15.79 31.07 -10.83
C GLY C 271 -16.61 32.21 -11.36
N HIS C 272 -16.14 32.86 -12.44
CA HIS C 272 -16.92 33.81 -13.23
C HIS C 272 -17.15 33.22 -14.65
N THR C 273 -18.27 33.58 -15.31
CA THR C 273 -18.50 33.32 -16.76
C THR C 273 -18.73 34.62 -17.54
N GLY C 274 -18.81 34.48 -18.87
CA GLY C 274 -19.07 35.60 -19.74
C GLY C 274 -17.88 36.55 -19.72
N LEU C 275 -16.68 36.00 -19.53
CA LEU C 275 -15.49 36.81 -19.51
C LEU C 275 -15.01 37.15 -20.90
N THR C 276 -14.46 38.33 -21.00
CA THR C 276 -13.92 38.85 -22.22
C THR C 276 -12.44 38.92 -22.02
N ASP C 277 -11.70 38.98 -23.11
CA ASP C 277 -10.28 38.81 -23.05
C ASP C 277 -9.66 39.77 -22.12
N SER C 278 -10.25 40.92 -21.95
CA SER C 278 -9.68 41.94 -21.11
C SER C 278 -9.60 41.43 -19.73
N GLU C 279 -10.57 40.64 -19.32
CA GLU C 279 -10.74 40.35 -17.90
C GLU C 279 -10.07 39.08 -17.39
N ILE C 280 -9.48 38.36 -18.33
CA ILE C 280 -8.61 37.26 -18.11
C ILE C 280 -7.22 37.80 -18.31
N PRO C 281 -6.32 37.61 -17.25
CA PRO C 281 -4.99 38.23 -17.43
C PRO C 281 -3.96 37.58 -18.32
N GLU C 282 -2.92 38.29 -18.66
CA GLU C 282 -1.89 37.76 -19.50
C GLU C 282 -1.09 36.74 -18.73
N ASP C 283 -1.16 36.84 -17.42
CA ASP C 283 -0.53 35.91 -16.51
C ASP C 283 -1.02 34.55 -16.81
N TYR C 284 -2.34 34.39 -16.84
CA TYR C 284 -2.96 33.15 -17.09
C TYR C 284 -2.76 32.76 -18.49
N LYS C 285 -2.91 33.68 -19.41
CA LYS C 285 -2.75 33.31 -20.81
C LYS C 285 -1.36 32.76 -21.17
N THR C 286 -0.28 33.40 -20.68
CA THR C 286 1.08 32.94 -20.94
C THR C 286 1.29 31.51 -20.46
N LEU C 287 0.87 31.23 -19.23
CA LEU C 287 0.91 29.91 -18.68
C LEU C 287 0.06 28.93 -19.46
N ALA C 288 -1.15 29.33 -19.84
CA ALA C 288 -2.08 28.40 -20.52
C ALA C 288 -1.65 27.90 -21.91
N LYS C 289 -0.86 28.66 -22.66
CA LYS C 289 -0.29 28.12 -23.93
C LYS C 289 0.90 27.18 -23.72
N MET C 290 1.48 27.13 -22.53
CA MET C 290 2.61 26.22 -22.30
C MET C 290 2.21 24.71 -22.19
N PRO C 291 2.69 23.86 -23.14
CA PRO C 291 2.40 22.42 -23.19
C PRO C 291 2.89 21.63 -21.94
N ASN C 292 3.87 22.21 -21.23
CA ASN C 292 4.42 21.61 -20.03
C ASN C 292 3.84 22.25 -18.78
N VAL C 293 2.69 22.92 -18.96
CA VAL C 293 1.90 23.44 -17.81
C VAL C 293 0.46 22.87 -17.79
N VAL C 294 -0.03 22.51 -16.61
CA VAL C 294 -1.46 22.14 -16.52
C VAL C 294 -2.15 22.96 -15.45
N ILE C 295 -3.38 23.41 -15.80
CA ILE C 295 -4.14 24.33 -14.96
C ILE C 295 -5.57 23.88 -14.80
N THR C 296 -6.04 23.79 -13.55
CA THR C 296 -7.46 23.59 -13.31
C THR C 296 -7.99 24.74 -12.50
N PRO C 297 -9.32 25.03 -12.61
CA PRO C 297 -9.87 26.25 -12.06
C PRO C 297 -10.24 26.09 -10.59
N HIS C 298 -9.27 25.72 -9.77
CA HIS C 298 -9.44 25.56 -8.33
C HIS C 298 -10.53 24.55 -8.02
N SER C 299 -10.52 23.50 -8.82
CA SER C 299 -11.43 22.39 -8.68
C SER C 299 -10.89 21.16 -7.91
N ALA C 300 -9.71 21.25 -7.28
CA ALA C 300 -9.11 20.05 -6.66
C ALA C 300 -10.05 19.43 -5.65
N PHE C 301 -10.72 20.27 -4.87
CA PHE C 301 -11.74 19.87 -3.89
C PHE C 301 -13.03 19.29 -4.48
N TYR C 302 -13.25 19.44 -5.81
CA TYR C 302 -14.61 19.28 -6.37
C TYR C 302 -15.08 17.85 -6.64
N THR C 303 -15.34 17.12 -5.55
CA THR C 303 -15.80 15.74 -5.63
C THR C 303 -17.09 15.63 -4.83
N GLU C 304 -17.89 14.60 -5.11
CA GLU C 304 -19.13 14.33 -4.34
C GLU C 304 -18.93 14.20 -2.81
N THR C 305 -17.88 13.50 -2.37
CA THR C 305 -17.59 13.45 -0.96
C THR C 305 -17.50 14.86 -0.34
N SER C 306 -16.70 15.72 -0.98
CA SER C 306 -16.48 17.07 -0.49
C SER C 306 -17.79 17.80 -0.27
N ILE C 307 -18.65 17.78 -1.28
CA ILE C 307 -19.91 18.49 -1.22
C ILE C 307 -20.79 17.90 -0.14
N ARG C 308 -20.84 16.56 -0.09
CA ARG C 308 -21.61 15.89 0.94
C ARG C 308 -21.06 16.25 2.32
N ASN C 309 -19.73 16.26 2.47
CA ASN C 309 -19.20 16.35 3.80
C ASN C 309 -19.33 17.75 4.30
N MET C 310 -19.33 18.70 3.35
CA MET C 310 -19.50 20.13 3.72
C MET C 310 -20.92 20.38 4.25
N VAL C 311 -21.88 19.59 3.79
CA VAL C 311 -23.20 19.64 4.39
C VAL C 311 -23.20 18.94 5.75
N GLN C 312 -22.70 17.70 5.80
CA GLN C 312 -22.97 16.83 6.96
C GLN C 312 -22.05 17.08 8.16
N ILE C 313 -20.78 17.36 7.89
CA ILE C 313 -19.92 17.71 8.99
C ILE C 313 -20.47 19.01 9.55
N CYS C 314 -20.95 19.90 8.71
CA CYS C 314 -21.52 21.10 9.28
C CYS C 314 -22.79 20.82 10.10
N LEU C 315 -23.76 20.12 9.52
CA LEU C 315 -25.01 19.88 10.23
C LEU C 315 -24.86 19.07 11.51
N THR C 316 -24.05 17.99 11.54
CA THR C 316 -23.88 17.31 12.82
C THR C 316 -23.16 18.15 13.89
N ASP C 317 -22.23 19.02 13.49
CA ASP C 317 -21.65 19.93 14.47
C ASP C 317 -22.73 20.71 15.21
N GLN C 318 -23.76 21.13 14.47
CA GLN C 318 -24.80 21.98 15.04
C GLN C 318 -25.71 21.16 15.89
N LEU C 319 -25.95 19.92 15.46
CA LEU C 319 -26.68 18.99 16.29
C LEU C 319 -25.98 18.77 17.66
N THR C 320 -24.65 18.63 17.67
CA THR C 320 -23.99 18.60 18.96
C THR C 320 -24.03 19.92 19.78
N ILE C 321 -23.96 21.10 19.13
CA ILE C 321 -24.25 22.36 19.85
C ILE C 321 -25.71 22.43 20.40
N ALA C 322 -26.71 21.98 19.64
CA ALA C 322 -28.08 21.97 20.17
C ALA C 322 -28.13 21.13 21.45
N LYS C 323 -27.50 19.97 21.42
CA LYS C 323 -27.38 19.10 22.58
C LYS C 323 -26.47 19.63 23.73
N GLY C 324 -25.82 20.76 23.56
CA GLY C 324 -24.86 21.22 24.54
C GLY C 324 -23.41 20.88 24.29
N GLY C 325 -23.12 20.40 23.10
CA GLY C 325 -21.82 19.87 22.74
C GLY C 325 -20.45 20.53 22.65
N ARG C 326 -20.30 21.75 22.16
CA ARG C 326 -18.94 22.30 21.96
C ARG C 326 -17.90 21.53 21.13
N PRO C 327 -18.14 21.43 19.74
CA PRO C 327 -17.16 20.66 18.97
C PRO C 327 -15.83 21.32 18.59
N ARG C 328 -14.85 20.57 18.13
CA ARG C 328 -13.55 21.21 17.92
C ARG C 328 -13.50 22.08 16.66
N SER C 329 -14.57 22.06 15.87
CA SER C 329 -14.65 22.88 14.67
C SER C 329 -15.02 24.35 14.99
N ILE C 330 -15.27 24.64 16.27
CA ILE C 330 -15.55 25.99 16.68
C ILE C 330 -14.40 26.94 16.37
N VAL C 331 -14.74 28.09 15.79
CA VAL C 331 -13.77 29.11 15.46
C VAL C 331 -13.74 30.14 16.61
N ASN C 332 -12.54 30.34 17.18
CA ASN C 332 -12.37 31.19 18.35
C ASN C 332 -11.51 32.43 18.08
N THR D 2 34.89 -11.28 -28.06
CA THR D 2 33.56 -11.48 -28.74
C THR D 2 32.90 -10.15 -29.15
N LYS D 3 32.40 -10.11 -30.39
CA LYS D 3 31.89 -8.90 -31.04
C LYS D 3 30.38 -8.99 -31.31
N ILE D 4 29.68 -7.86 -31.17
CA ILE D 4 28.24 -7.82 -31.49
C ILE D 4 27.84 -6.74 -32.54
N ALA D 5 26.93 -7.09 -33.44
CA ALA D 5 26.44 -6.19 -34.47
C ALA D 5 24.96 -5.83 -34.28
N MET D 6 24.64 -4.54 -34.05
CA MET D 6 23.24 -4.09 -33.87
C MET D 6 22.67 -3.26 -35.01
N TYR D 7 21.34 -3.29 -35.07
CA TYR D 7 20.58 -2.79 -36.18
C TYR D 7 19.39 -2.07 -35.62
N ASN D 8 18.86 -1.10 -36.35
CA ASN D 8 17.69 -0.29 -35.94
C ASN D 8 17.87 0.70 -34.77
N VAL D 9 19.11 1.02 -34.41
CA VAL D 9 19.36 1.80 -33.19
C VAL D 9 18.96 3.31 -33.27
N SER D 10 18.28 3.79 -32.22
CA SER D 10 17.87 5.19 -32.07
C SER D 10 18.92 5.87 -31.20
N PRO D 11 19.11 7.20 -31.34
CA PRO D 11 20.16 7.85 -30.56
C PRO D 11 19.98 7.64 -29.05
N ILE D 12 18.74 7.47 -28.62
CA ILE D 12 18.47 7.27 -27.22
C ILE D 12 19.00 5.95 -26.70
N GLU D 13 19.18 4.99 -27.61
CA GLU D 13 19.64 3.63 -27.27
C GLU D 13 21.16 3.57 -27.16
N VAL D 14 21.86 4.50 -27.80
CA VAL D 14 23.31 4.49 -27.92
C VAL D 14 24.04 4.54 -26.55
N PRO D 15 23.68 5.51 -25.65
CA PRO D 15 24.38 5.52 -24.35
C PRO D 15 24.41 4.14 -23.63
N TYR D 16 23.28 3.44 -23.59
CA TYR D 16 23.17 2.18 -22.84
C TYR D 16 23.95 1.03 -23.50
N ILE D 17 24.04 1.04 -24.82
CA ILE D 17 24.95 0.15 -25.52
C ILE D 17 26.40 0.38 -25.04
N GLU D 18 26.87 1.62 -25.16
CA GLU D 18 28.24 1.95 -24.82
C GLU D 18 28.49 1.79 -23.33
N ASP D 19 27.47 2.02 -22.52
CA ASP D 19 27.58 1.81 -21.09
C ASP D 19 27.72 0.31 -20.76
N TRP D 20 27.09 -0.53 -21.57
CA TRP D 20 27.20 -1.99 -21.47
C TRP D 20 28.51 -2.50 -22.13
N ALA D 21 28.81 -2.03 -23.34
CA ALA D 21 30.03 -2.43 -24.07
C ALA D 21 31.24 -2.43 -23.13
N LYS D 22 31.44 -1.32 -22.40
CA LYS D 22 32.58 -1.16 -21.50
C LYS D 22 32.43 -1.94 -20.20
N LYS D 23 31.20 -2.05 -19.69
CA LYS D 23 30.92 -2.80 -18.46
C LYS D 23 31.14 -4.31 -18.65
N ASN D 24 30.53 -4.90 -19.69
CA ASN D 24 30.72 -6.33 -20.03
C ASN D 24 31.91 -6.63 -20.97
N ASP D 25 32.76 -5.62 -21.18
CA ASP D 25 33.99 -5.72 -21.99
C ASP D 25 33.78 -6.45 -23.33
N VAL D 26 32.87 -5.93 -24.15
CA VAL D 26 32.61 -6.49 -25.48
C VAL D 26 32.59 -5.41 -26.57
N GLU D 27 33.20 -5.71 -27.71
CA GLU D 27 33.25 -4.81 -28.87
C GLU D 27 31.92 -4.80 -29.62
N ILE D 28 31.43 -3.58 -29.89
CA ILE D 28 30.12 -3.42 -30.46
C ILE D 28 30.11 -2.55 -31.71
N LYS D 29 29.47 -3.06 -32.77
CA LYS D 29 29.21 -2.29 -33.98
C LYS D 29 27.73 -2.13 -34.22
N THR D 30 27.32 -0.92 -34.60
CA THR D 30 25.92 -0.48 -34.58
C THR D 30 25.52 0.32 -35.84
N THR D 31 24.23 0.58 -36.01
CA THR D 31 23.73 1.33 -37.17
C THR D 31 22.23 1.53 -37.15
N ASP D 32 21.76 2.67 -37.66
CA ASP D 32 20.32 2.99 -37.55
C ASP D 32 19.48 2.23 -38.54
N GLN D 33 20.13 1.68 -39.58
CA GLN D 33 19.41 0.96 -40.66
C GLN D 33 19.08 -0.51 -40.31
N ALA D 34 18.01 -1.01 -40.94
CA ALA D 34 17.50 -2.36 -40.68
C ALA D 34 18.46 -3.40 -41.25
N LEU D 35 18.47 -4.60 -40.68
CA LEU D 35 19.19 -5.72 -41.30
C LEU D 35 18.56 -6.27 -42.62
N THR D 36 19.32 -6.12 -43.71
CA THR D 36 18.96 -6.56 -45.07
C THR D 36 20.21 -7.18 -45.68
N SER D 37 20.12 -7.68 -46.92
CA SER D 37 21.29 -8.22 -47.64
C SER D 37 22.33 -7.17 -47.94
N ALA D 38 21.92 -5.91 -47.88
CA ALA D 38 22.81 -4.79 -48.11
C ALA D 38 23.46 -4.32 -46.80
N THR D 39 23.22 -5.03 -45.69
CA THR D 39 23.85 -4.67 -44.40
C THR D 39 24.22 -5.84 -43.48
N VAL D 40 24.38 -7.03 -44.06
CA VAL D 40 24.72 -8.21 -43.26
C VAL D 40 26.21 -8.29 -42.98
N ASP D 41 26.98 -7.73 -43.93
CA ASP D 41 28.45 -7.71 -43.88
C ASP D 41 28.99 -7.16 -42.57
N LEU D 42 28.17 -6.37 -41.87
CA LEU D 42 28.59 -5.78 -40.61
C LEU D 42 28.80 -6.85 -39.54
N ALA D 43 28.13 -7.99 -39.72
CA ALA D 43 28.18 -9.09 -38.74
C ALA D 43 29.40 -10.07 -38.89
N GLU D 44 30.46 -9.59 -39.52
CA GLU D 44 31.68 -10.36 -39.61
C GLU D 44 32.18 -10.43 -38.19
N GLY D 45 32.68 -11.58 -37.78
CA GLY D 45 33.12 -11.73 -36.41
C GLY D 45 32.04 -11.92 -35.37
N CYS D 46 31.09 -11.03 -35.29
CA CYS D 46 30.26 -10.94 -34.09
C CYS D 46 29.54 -12.21 -33.76
N SER D 47 29.50 -12.48 -32.46
CA SER D 47 28.79 -13.62 -31.93
C SER D 47 27.30 -13.53 -32.17
N SER D 48 26.75 -12.33 -32.08
CA SER D 48 25.33 -12.16 -32.26
C SER D 48 24.97 -10.89 -33.01
N VAL D 49 23.86 -10.93 -33.72
CA VAL D 49 23.23 -9.70 -34.24
C VAL D 49 22.10 -9.33 -33.32
N SER D 50 21.92 -8.02 -33.09
CA SER D 50 20.77 -7.48 -32.36
C SER D 50 19.91 -6.55 -33.23
N LEU D 51 18.59 -6.78 -33.21
CA LEU D 51 17.69 -6.01 -34.07
C LEU D 51 16.56 -5.49 -33.22
N LYS D 52 15.91 -4.41 -33.66
CA LYS D 52 14.58 -3.97 -33.17
C LYS D 52 13.71 -3.62 -34.38
N PRO D 53 13.11 -4.65 -34.97
CA PRO D 53 12.50 -4.49 -36.30
C PRO D 53 11.27 -3.57 -36.46
N LEU D 54 11.33 -2.71 -37.49
CA LEU D 54 10.14 -2.08 -38.05
C LEU D 54 9.41 -2.97 -39.09
N GLY D 55 10.13 -3.94 -39.67
CA GLY D 55 9.52 -4.84 -40.65
C GLY D 55 10.10 -6.24 -40.85
N PRO D 56 9.42 -7.07 -41.69
CA PRO D 56 9.94 -8.42 -41.92
C PRO D 56 11.37 -8.41 -42.50
N VAL D 57 12.23 -9.27 -41.96
CA VAL D 57 13.56 -9.60 -42.51
C VAL D 57 13.39 -10.80 -43.45
N ASP D 58 12.59 -10.61 -44.51
CA ASP D 58 12.09 -11.72 -45.34
C ASP D 58 13.19 -12.45 -46.11
N GLU D 59 13.92 -11.70 -46.93
CA GLU D 59 14.99 -12.28 -47.74
C GLU D 59 15.91 -13.13 -46.87
N GLU D 60 16.38 -14.23 -47.44
CA GLU D 60 16.85 -15.36 -46.66
C GLU D 60 18.28 -15.79 -46.94
N VAL D 61 18.99 -14.99 -47.73
CA VAL D 61 20.43 -15.12 -47.86
C VAL D 61 21.06 -14.49 -46.60
N VAL D 62 20.27 -13.64 -45.95
CA VAL D 62 20.63 -12.98 -44.70
C VAL D 62 21.04 -14.01 -43.67
N TYR D 63 20.19 -15.01 -43.50
CA TYR D 63 20.40 -16.09 -42.56
C TYR D 63 21.61 -16.94 -42.91
N GLN D 64 21.71 -17.33 -44.18
CA GLN D 64 22.91 -17.97 -44.73
C GLN D 64 24.18 -17.27 -44.29
N LYS D 65 24.20 -15.96 -44.50
CA LYS D 65 25.36 -15.13 -44.21
C LYS D 65 25.60 -14.99 -42.72
N LEU D 66 24.55 -15.11 -41.93
CA LEU D 66 24.69 -15.02 -40.48
C LEU D 66 25.58 -16.14 -39.96
N SER D 67 25.14 -17.38 -40.19
CA SER D 67 25.83 -18.57 -39.70
C SER D 67 27.16 -18.88 -40.39
N GLU D 68 27.38 -18.30 -41.57
CA GLU D 68 28.68 -18.42 -42.23
C GLU D 68 29.72 -17.53 -41.54
N TYR D 69 29.28 -16.34 -41.09
CA TYR D 69 30.13 -15.39 -40.36
C TYR D 69 30.43 -15.79 -38.90
N GLY D 70 29.75 -16.83 -38.41
CA GLY D 70 29.92 -17.33 -37.05
C GLY D 70 28.93 -16.77 -36.03
N VAL D 71 27.84 -16.18 -36.53
CA VAL D 71 26.79 -15.65 -35.66
C VAL D 71 26.07 -16.87 -35.06
N LYS D 72 25.95 -16.86 -33.73
CA LYS D 72 25.30 -17.94 -32.98
C LYS D 72 23.82 -17.65 -32.75
N CYS D 73 23.43 -16.37 -32.83
CA CYS D 73 22.08 -15.92 -32.39
C CYS D 73 21.52 -14.57 -32.98
N ILE D 74 20.22 -14.56 -33.29
CA ILE D 74 19.46 -13.33 -33.60
C ILE D 74 18.63 -12.93 -32.36
N GLY D 75 19.02 -11.84 -31.69
CA GLY D 75 18.28 -11.35 -30.53
C GLY D 75 17.49 -10.07 -30.73
N LEU D 76 16.16 -10.18 -30.74
CA LEU D 76 15.28 -9.00 -30.89
C LEU D 76 15.20 -8.16 -29.58
N ARG D 77 14.93 -6.85 -29.73
CA ARG D 77 14.81 -5.88 -28.61
C ARG D 77 13.36 -5.48 -28.29
N ILE D 78 12.42 -6.42 -28.42
CA ILE D 78 10.99 -6.09 -28.31
C ILE D 78 10.09 -7.22 -27.79
N ASN D 82 7.62 -12.80 -34.48
CA ASN D 82 6.66 -12.72 -35.59
C ASN D 82 7.19 -11.94 -36.80
N THR D 83 8.26 -11.19 -36.59
CA THR D 83 8.92 -10.57 -37.72
C THR D 83 10.14 -11.41 -38.14
N ILE D 84 10.22 -12.66 -37.68
CA ILE D 84 11.34 -13.59 -38.01
C ILE D 84 10.87 -14.92 -38.64
N ASN D 85 11.32 -15.20 -39.86
CA ASN D 85 10.96 -16.46 -40.53
C ASN D 85 11.65 -17.68 -39.91
N PHE D 86 10.84 -18.45 -39.18
CA PHE D 86 11.32 -19.44 -38.22
C PHE D 86 11.85 -20.69 -38.88
N ASP D 87 11.57 -20.84 -40.16
CA ASP D 87 12.02 -22.02 -40.87
C ASP D 87 13.46 -21.84 -41.31
N TRP D 88 13.82 -20.61 -41.68
CA TRP D 88 15.18 -20.31 -42.12
C TRP D 88 16.15 -20.30 -40.96
N THR D 89 15.62 -20.00 -39.78
CA THR D 89 16.39 -19.98 -38.54
C THR D 89 17.01 -21.34 -38.14
N LYS D 90 16.43 -22.44 -38.64
CA LYS D 90 16.90 -23.81 -38.38
C LYS D 90 17.81 -24.38 -39.47
N LEU D 94 20.69 -21.02 -36.22
CA LEU D 94 20.80 -19.89 -35.29
C LEU D 94 19.68 -19.90 -34.22
N LEU D 95 19.99 -19.48 -33.01
CA LEU D 95 18.99 -19.28 -31.95
C LEU D 95 18.36 -17.86 -32.03
N VAL D 96 17.08 -17.72 -31.69
CA VAL D 96 16.38 -16.42 -31.67
C VAL D 96 16.10 -16.10 -30.21
N THR D 97 16.06 -14.81 -29.86
CA THR D 97 15.69 -14.36 -28.50
C THR D 97 14.76 -13.18 -28.60
N ASN D 98 14.01 -12.92 -27.55
CA ASN D 98 13.25 -11.69 -27.48
C ASN D 98 13.30 -11.08 -26.06
N VAL D 99 12.64 -9.94 -25.89
CA VAL D 99 12.63 -9.27 -24.60
C VAL D 99 11.18 -9.24 -24.13
N PRO D 100 10.80 -10.26 -23.37
CA PRO D 100 9.39 -10.45 -23.03
C PRO D 100 8.90 -9.37 -22.09
N VAL D 101 9.80 -8.88 -21.23
CA VAL D 101 9.45 -7.97 -20.11
C VAL D 101 10.55 -6.96 -19.85
N TYR D 102 10.24 -5.72 -20.12
CA TYR D 102 11.22 -4.70 -19.92
C TYR D 102 10.77 -3.72 -18.85
N SER D 103 9.51 -3.32 -18.92
CA SER D 103 8.95 -2.50 -17.88
C SER D 103 7.43 -2.47 -17.91
N PRO D 104 6.81 -3.50 -17.31
CA PRO D 104 5.38 -3.47 -17.05
C PRO D 104 4.91 -2.14 -16.40
N ARG D 105 5.67 -1.60 -15.44
CA ARG D 105 5.24 -0.39 -14.76
C ARG D 105 5.20 0.84 -15.63
N ALA D 106 5.98 0.87 -16.71
CA ALA D 106 5.88 2.04 -17.59
C ALA D 106 4.47 2.17 -18.17
N ILE D 107 3.96 1.06 -18.70
CA ILE D 107 2.70 1.04 -19.42
C ILE D 107 1.57 1.11 -18.37
N ALA D 108 1.78 0.42 -17.25
CA ALA D 108 0.84 0.52 -16.13
C ALA D 108 0.68 1.96 -15.72
N GLU D 109 1.79 2.70 -15.66
CA GLU D 109 1.76 4.07 -15.13
C GLU D 109 1.06 5.01 -16.10
N MET D 110 1.24 4.79 -17.41
CA MET D 110 0.51 5.59 -18.35
C MET D 110 -0.95 5.28 -18.17
N THR D 111 -1.31 4.01 -17.99
CA THR D 111 -2.71 3.67 -17.87
C THR D 111 -3.34 4.43 -16.70
N VAL D 112 -2.71 4.38 -15.53
CA VAL D 112 -3.25 5.07 -14.35
C VAL D 112 -3.35 6.59 -14.56
N THR D 113 -2.29 7.17 -15.12
CA THR D 113 -2.24 8.60 -15.44
C THR D 113 -3.42 9.09 -16.30
N GLN D 114 -3.69 8.40 -17.40
CA GLN D 114 -4.73 8.79 -18.35
C GLN D 114 -6.12 8.66 -17.71
N ALA D 115 -6.29 7.68 -16.83
CA ALA D 115 -7.55 7.42 -16.16
C ALA D 115 -7.91 8.47 -15.12
N MET D 116 -6.94 8.85 -14.28
CA MET D 116 -7.08 9.97 -13.33
C MET D 116 -7.32 11.35 -14.02
N TYR D 117 -6.66 11.63 -15.13
CA TYR D 117 -6.85 12.90 -15.85
C TYR D 117 -8.31 13.08 -16.28
N LEU D 118 -8.81 12.02 -16.91
CA LEU D 118 -10.16 11.96 -17.36
C LEU D 118 -11.12 12.04 -16.19
N LEU D 119 -10.80 11.30 -15.13
CA LEU D 119 -11.65 11.24 -13.97
C LEU D 119 -11.83 12.60 -13.32
N ARG D 120 -10.76 13.37 -13.25
CA ARG D 120 -10.77 14.73 -12.70
C ARG D 120 -11.22 15.72 -13.74
N LYS D 121 -11.55 15.19 -14.92
CA LYS D 121 -12.24 15.94 -15.94
C LYS D 121 -11.49 17.20 -16.32
N ILE D 122 -10.16 17.09 -16.28
CA ILE D 122 -9.29 18.18 -16.62
C ILE D 122 -9.46 18.65 -18.09
N GLY D 123 -9.69 17.72 -19.03
CA GLY D 123 -9.76 18.13 -20.43
C GLY D 123 -10.95 19.05 -20.66
N GLU D 124 -11.99 18.79 -19.89
CA GLU D 124 -13.28 19.44 -20.07
C GLU D 124 -13.33 20.80 -19.44
N PHE D 125 -12.58 20.97 -18.36
CA PHE D 125 -12.46 22.23 -17.67
C PHE D 125 -11.69 23.24 -18.50
N ARG D 126 -10.57 22.79 -19.09
CA ARG D 126 -9.74 23.59 -19.98
C ARG D 126 -10.48 24.01 -21.26
N TYR D 127 -11.32 23.12 -21.78
CA TYR D 127 -12.17 23.54 -22.90
C TYR D 127 -13.05 24.70 -22.45
N ARG D 128 -13.80 24.50 -21.35
CA ARG D 128 -14.66 25.54 -20.84
C ARG D 128 -13.85 26.81 -20.63
N MET D 129 -12.65 26.69 -20.06
CA MET D 129 -11.89 27.88 -19.72
C MET D 129 -11.45 28.63 -20.98
N ASP D 130 -10.81 27.90 -21.90
CA ASP D 130 -10.21 28.47 -23.10
C ASP D 130 -11.18 28.79 -24.29
N HIS D 131 -12.23 28.03 -24.49
CA HIS D 131 -13.14 28.28 -25.60
C HIS D 131 -14.38 29.04 -25.18
N ASP D 132 -14.84 28.83 -23.95
CA ASP D 132 -16.06 29.49 -23.45
C ASP D 132 -15.74 30.63 -22.48
N HIS D 133 -14.47 30.77 -22.10
CA HIS D 133 -14.03 31.72 -21.05
C HIS D 133 -14.85 31.54 -19.75
N ASP D 134 -15.05 30.27 -19.35
CA ASP D 134 -16.01 29.85 -18.31
C ASP D 134 -15.27 29.12 -17.17
N PHE D 135 -15.07 29.82 -16.05
CA PHE D 135 -14.23 29.30 -14.95
C PHE D 135 -15.00 28.77 -13.76
N THR D 136 -16.27 28.46 -13.99
CA THR D 136 -17.18 28.03 -12.93
C THR D 136 -17.22 26.51 -12.80
N TRP D 137 -17.89 26.04 -11.75
CA TRP D 137 -18.01 24.62 -11.47
C TRP D 137 -19.42 24.08 -11.70
N PRO D 138 -19.65 23.50 -12.88
CA PRO D 138 -21.02 22.97 -13.17
C PRO D 138 -21.29 21.61 -12.49
N SER D 139 -22.53 21.36 -12.10
CA SER D 139 -22.97 20.06 -11.57
C SER D 139 -22.42 18.85 -12.32
N ASN D 140 -22.51 18.86 -13.65
CA ASN D 140 -22.05 17.72 -14.46
C ASN D 140 -20.54 17.50 -14.51
N LEU D 141 -19.76 18.42 -13.95
CA LEU D 141 -18.32 18.20 -13.89
C LEU D 141 -17.77 17.78 -12.51
N ILE D 142 -18.65 17.54 -11.56
CA ILE D 142 -18.25 16.96 -10.28
C ILE D 142 -17.48 15.63 -10.43
N SER D 143 -16.58 15.39 -9.49
CA SER D 143 -15.69 14.26 -9.58
C SER D 143 -15.92 13.33 -8.40
N ASN D 144 -14.98 12.44 -8.20
CA ASN D 144 -15.11 11.46 -7.15
C ASN D 144 -13.74 10.92 -6.84
N GLU D 145 -13.53 10.36 -5.63
CA GLU D 145 -12.21 9.80 -5.27
C GLU D 145 -12.04 8.40 -5.79
N ILE D 146 -10.83 8.10 -6.24
CA ILE D 146 -10.52 6.78 -6.77
C ILE D 146 -10.90 5.60 -5.84
N TYR D 147 -10.80 5.81 -4.55
CA TYR D 147 -11.09 4.71 -3.64
C TYR D 147 -12.61 4.40 -3.66
N ASN D 148 -13.45 5.37 -4.07
CA ASN D 148 -14.89 5.09 -4.27
C ASN D 148 -15.23 4.39 -5.61
N LEU D 149 -14.26 4.07 -6.43
CA LEU D 149 -14.58 3.61 -7.74
C LEU D 149 -14.15 2.19 -7.86
N THR D 150 -14.59 1.55 -8.94
CA THR D 150 -14.15 0.19 -9.18
C THR D 150 -13.64 0.09 -10.59
N VAL D 151 -12.51 -0.59 -10.74
CA VAL D 151 -11.77 -0.61 -11.99
C VAL D 151 -11.88 -2.02 -12.53
N GLY D 152 -12.23 -2.16 -13.80
CA GLY D 152 -12.29 -3.48 -14.46
C GLY D 152 -11.24 -3.64 -15.53
N LEU D 153 -10.50 -4.75 -15.48
CA LEU D 153 -9.40 -4.98 -16.41
C LEU D 153 -9.74 -6.11 -17.34
N ILE D 154 -9.66 -5.87 -18.65
CA ILE D 154 -9.90 -6.94 -19.61
C ILE D 154 -8.51 -7.44 -19.95
N GLY D 155 -8.23 -8.69 -19.57
CA GLY D 155 -6.87 -9.28 -19.57
C GLY D 155 -5.94 -8.78 -18.46
N VAL D 156 -5.36 -9.70 -17.70
CA VAL D 156 -4.29 -9.31 -16.78
C VAL D 156 -2.98 -10.15 -16.89
N GLY D 157 -1.96 -9.55 -17.47
CA GLY D 157 -0.69 -10.27 -17.53
C GLY D 157 0.33 -9.48 -16.75
N HIS D 158 1.49 -9.31 -17.36
CA HIS D 158 2.50 -8.46 -16.73
C HIS D 158 2.01 -7.07 -16.53
N ILE D 159 1.34 -6.51 -17.54
CA ILE D 159 0.92 -5.12 -17.48
C ILE D 159 -0.36 -4.96 -16.68
N GLY D 160 -1.33 -5.79 -17.01
CA GLY D 160 -2.59 -5.76 -16.32
C GLY D 160 -2.44 -5.79 -14.81
N SER D 161 -1.70 -6.76 -14.28
CA SER D 161 -1.51 -6.90 -12.83
C SER D 161 -0.82 -5.71 -12.17
N ALA D 162 0.20 -5.15 -12.80
CA ALA D 162 0.76 -3.91 -12.27
C ALA D 162 -0.28 -2.77 -12.14
N VAL D 163 -1.12 -2.60 -13.17
CA VAL D 163 -2.26 -1.69 -13.07
C VAL D 163 -3.12 -2.07 -11.84
N ALA D 164 -3.33 -3.35 -11.62
CA ALA D 164 -4.11 -3.79 -10.48
C ALA D 164 -3.42 -3.39 -9.19
N GLU D 165 -2.13 -3.74 -9.06
CA GLU D 165 -1.40 -3.41 -7.85
C GLU D 165 -1.43 -1.89 -7.58
N ILE D 166 -1.30 -1.05 -8.59
CA ILE D 166 -1.35 0.39 -8.32
C ILE D 166 -2.71 0.87 -7.83
N PHE D 167 -3.78 0.49 -8.52
CA PHE D 167 -5.10 1.02 -8.16
C PHE D 167 -5.49 0.51 -6.81
N SER D 168 -5.26 -0.80 -6.60
CA SER D 168 -5.55 -1.38 -5.30
C SER D 168 -4.81 -0.63 -4.18
N ALA D 169 -3.56 -0.23 -4.45
CA ALA D 169 -2.78 0.56 -3.53
C ALA D 169 -3.48 1.90 -3.25
N MET D 170 -4.10 2.48 -4.26
CA MET D 170 -4.85 3.72 -4.04
C MET D 170 -6.26 3.56 -3.41
N GLY D 171 -6.67 2.31 -3.14
CA GLY D 171 -7.89 2.06 -2.38
C GLY D 171 -9.08 1.62 -3.23
N ALA D 172 -8.89 1.63 -4.55
CA ALA D 172 -9.92 1.20 -5.50
C ALA D 172 -10.09 -0.30 -5.45
N LYS D 173 -11.33 -0.74 -5.68
CA LYS D 173 -11.66 -2.13 -5.90
C LYS D 173 -11.33 -2.44 -7.36
N VAL D 174 -10.54 -3.48 -7.60
CA VAL D 174 -10.22 -3.89 -8.98
C VAL D 174 -10.87 -5.25 -9.25
N ILE D 175 -11.50 -5.38 -10.40
CA ILE D 175 -12.09 -6.62 -10.87
C ILE D 175 -11.56 -6.92 -12.28
N ALA D 176 -11.46 -8.19 -12.67
CA ALA D 176 -10.69 -8.59 -13.86
C ALA D 176 -11.18 -9.89 -14.52
N TYR D 177 -11.25 -9.87 -15.85
CA TYR D 177 -11.53 -11.05 -16.64
C TYR D 177 -10.31 -11.47 -17.44
N ASP D 178 -9.90 -12.73 -17.31
CA ASP D 178 -8.74 -13.27 -18.04
C ASP D 178 -9.09 -14.75 -18.35
N VAL D 179 -8.53 -15.27 -19.43
CA VAL D 179 -8.70 -16.70 -19.74
C VAL D 179 -7.78 -17.56 -18.87
N ALA D 180 -6.96 -16.96 -18.02
CA ALA D 180 -5.96 -17.72 -17.29
C ALA D 180 -5.94 -17.27 -15.85
N TYR D 181 -6.08 -18.21 -14.93
CA TYR D 181 -6.07 -17.93 -13.50
C TYR D 181 -4.65 -17.83 -12.94
N ASN D 182 -4.25 -16.66 -12.46
CA ASN D 182 -3.02 -16.57 -11.66
C ASN D 182 -3.36 -16.22 -10.23
N PRO D 183 -3.02 -17.13 -9.29
CA PRO D 183 -3.28 -16.98 -7.86
C PRO D 183 -2.47 -15.85 -7.23
N GLU D 184 -1.23 -15.69 -7.70
CA GLU D 184 -0.41 -14.59 -7.20
C GLU D 184 -1.08 -13.21 -7.43
N PHE D 185 -2.01 -13.10 -8.38
CA PHE D 185 -2.72 -11.82 -8.55
C PHE D 185 -3.91 -11.57 -7.59
N GLU D 186 -4.35 -12.60 -6.87
CA GLU D 186 -5.55 -12.44 -6.04
C GLU D 186 -5.54 -11.35 -4.95
N PRO D 187 -4.36 -10.97 -4.44
CA PRO D 187 -4.33 -9.86 -3.50
C PRO D 187 -4.77 -8.50 -4.08
N PHE D 188 -4.82 -8.36 -5.40
CA PHE D 188 -5.05 -7.01 -5.96
C PHE D 188 -6.38 -6.88 -6.69
N LEU D 189 -6.97 -8.01 -7.11
CA LEU D 189 -8.15 -8.01 -7.96
C LEU D 189 -9.08 -9.20 -7.68
N THR D 190 -10.33 -9.10 -8.09
CA THR D 190 -11.26 -10.23 -8.08
C THR D 190 -11.49 -10.71 -9.53
N TYR D 191 -11.23 -11.97 -9.82
CA TYR D 191 -11.50 -12.48 -11.14
C TYR D 191 -13.00 -12.65 -11.31
N THR D 192 -13.49 -12.39 -12.52
CA THR D 192 -14.90 -12.54 -12.81
C THR D 192 -15.09 -12.62 -14.31
N ASP D 193 -16.33 -12.70 -14.79
CA ASP D 193 -16.53 -12.82 -16.21
C ASP D 193 -16.50 -11.45 -16.92
N PHE D 194 -16.32 -11.52 -18.23
CA PHE D 194 -16.32 -10.40 -19.15
C PHE D 194 -17.45 -9.42 -18.91
N ASP D 195 -18.68 -9.93 -18.94
CA ASP D 195 -19.86 -9.09 -18.87
C ASP D 195 -19.95 -8.31 -17.56
N THR D 196 -19.86 -9.03 -16.43
CA THR D 196 -19.73 -8.40 -15.12
C THR D 196 -18.67 -7.29 -15.12
N VAL D 197 -17.51 -7.51 -15.76
CA VAL D 197 -16.50 -6.44 -15.86
C VAL D 197 -17.05 -5.16 -16.53
N LEU D 198 -17.80 -5.30 -17.61
CA LEU D 198 -18.31 -4.11 -18.33
C LEU D 198 -19.41 -3.36 -17.61
N LYS D 199 -20.28 -4.15 -16.96
CA LYS D 199 -21.44 -3.61 -16.26
C LYS D 199 -21.07 -2.81 -15.01
N GLU D 200 -20.10 -3.28 -14.23
CA GLU D 200 -19.98 -2.80 -12.87
C GLU D 200 -18.93 -1.75 -12.69
N ALA D 201 -18.14 -1.59 -13.75
CA ALA D 201 -16.86 -0.97 -13.70
C ALA D 201 -16.92 0.51 -14.08
N ASP D 202 -16.20 1.33 -13.33
CA ASP D 202 -16.19 2.78 -13.52
C ASP D 202 -15.05 3.22 -14.42
N ILE D 203 -14.05 2.37 -14.52
CA ILE D 203 -12.98 2.53 -15.50
C ILE D 203 -12.75 1.16 -16.13
N VAL D 204 -12.58 1.13 -17.45
CA VAL D 204 -12.33 -0.14 -18.09
C VAL D 204 -11.08 -0.03 -18.92
N SER D 205 -10.16 -0.95 -18.70
CA SER D 205 -8.81 -0.84 -19.21
C SER D 205 -8.40 -2.14 -19.91
N LEU D 206 -7.84 -2.02 -21.11
CA LEU D 206 -7.54 -3.19 -21.93
C LEU D 206 -6.06 -3.58 -21.83
N HIS D 207 -5.81 -4.88 -21.66
CA HIS D 207 -4.46 -5.43 -21.37
C HIS D 207 -4.34 -6.86 -21.85
N THR D 208 -5.15 -7.21 -22.85
CA THR D 208 -5.05 -8.50 -23.51
C THR D 208 -4.08 -8.37 -24.68
N PRO D 209 -3.58 -9.52 -25.23
CA PRO D 209 -2.78 -9.47 -26.46
C PRO D 209 -3.64 -9.18 -27.72
N LEU D 210 -3.00 -9.01 -28.89
CA LEU D 210 -3.73 -8.97 -30.19
C LEU D 210 -3.76 -10.29 -30.97
N PHE D 211 -4.95 -10.89 -31.07
CA PHE D 211 -5.21 -12.10 -31.90
C PHE D 211 -6.53 -11.95 -32.66
N PRO D 212 -6.73 -12.74 -33.72
CA PRO D 212 -7.97 -12.69 -34.48
C PRO D 212 -9.22 -12.74 -33.59
N SER D 213 -9.17 -13.58 -32.57
CA SER D 213 -10.31 -13.74 -31.67
C SER D 213 -10.41 -12.53 -30.77
N THR D 214 -9.41 -11.67 -30.78
CA THR D 214 -9.40 -10.52 -29.90
C THR D 214 -9.56 -9.17 -30.63
N GLU D 215 -9.63 -9.21 -31.95
CA GLU D 215 -9.77 -8.01 -32.78
C GLU D 215 -11.17 -7.45 -32.65
N ASN D 216 -11.27 -6.14 -32.41
CA ASN D 216 -12.55 -5.48 -32.24
C ASN D 216 -13.36 -6.10 -31.13
N MET D 217 -12.62 -6.52 -30.11
CA MET D 217 -13.15 -6.99 -28.86
C MET D 217 -14.13 -5.97 -28.30
N ILE D 218 -13.79 -4.70 -28.36
CA ILE D 218 -14.68 -3.65 -27.88
C ILE D 218 -15.28 -2.87 -29.06
N GLY D 219 -16.57 -3.12 -29.33
CA GLY D 219 -17.36 -2.35 -30.29
C GLY D 219 -18.75 -2.00 -29.80
N GLU D 220 -19.65 -1.67 -30.72
CA GLU D 220 -20.96 -1.13 -30.32
C GLU D 220 -21.64 -1.81 -29.09
N LYS D 221 -21.90 -3.12 -29.16
CA LYS D 221 -22.57 -3.83 -28.06
C LYS D 221 -21.93 -3.45 -26.72
N GLN D 222 -20.64 -3.80 -26.60
CA GLN D 222 -19.79 -3.54 -25.44
C GLN D 222 -19.91 -2.12 -24.87
N LEU D 223 -19.88 -1.11 -25.73
CA LEU D 223 -19.99 0.30 -25.27
C LEU D 223 -21.36 0.70 -24.62
N LYS D 224 -22.46 0.20 -25.18
CA LYS D 224 -23.80 0.35 -24.58
C LYS D 224 -23.92 -0.46 -23.29
N GLU D 225 -23.09 -1.50 -23.17
CA GLU D 225 -23.12 -2.33 -21.98
C GLU D 225 -22.39 -1.70 -20.79
N MET D 226 -21.44 -0.80 -21.08
CA MET D 226 -20.74 -0.05 -20.05
C MET D 226 -21.63 0.95 -19.34
N LYS D 227 -21.17 1.46 -18.20
CA LYS D 227 -21.89 2.50 -17.47
C LYS D 227 -21.73 3.75 -18.29
N LYS D 228 -22.77 4.59 -18.29
CA LYS D 228 -22.73 5.82 -19.07
C LYS D 228 -21.68 6.76 -18.52
N SER D 229 -21.39 6.66 -17.22
CA SER D 229 -20.35 7.53 -16.61
C SER D 229 -18.95 6.97 -16.67
N ALA D 230 -18.76 5.82 -17.31
CA ALA D 230 -17.45 5.18 -17.34
C ALA D 230 -16.45 5.67 -18.36
N TYR D 231 -15.18 5.49 -18.04
CA TYR D 231 -14.12 5.81 -18.96
C TYR D 231 -13.50 4.55 -19.51
N LEU D 232 -13.18 4.52 -20.80
CA LEU D 232 -12.43 3.41 -21.39
C LEU D 232 -10.95 3.77 -21.63
N ILE D 233 -10.04 2.85 -21.28
CA ILE D 233 -8.62 3.11 -21.43
C ILE D 233 -8.00 2.00 -22.27
N ASN D 234 -7.37 2.34 -23.36
CA ASN D 234 -6.63 1.33 -24.05
C ASN D 234 -5.22 1.78 -24.19
N CYS D 235 -4.31 1.07 -23.54
CA CYS D 235 -2.90 1.32 -23.68
C CYS D 235 -2.23 0.11 -24.24
N ALA D 236 -3.01 -0.75 -24.89
CA ALA D 236 -2.54 -1.97 -25.46
C ALA D 236 -2.36 -2.00 -26.98
N ARG D 237 -3.44 -2.21 -27.70
CA ARG D 237 -3.40 -2.22 -29.13
C ARG D 237 -4.64 -1.62 -29.70
N GLY D 238 -4.52 -0.76 -30.71
CA GLY D 238 -5.68 -0.11 -31.34
C GLY D 238 -6.73 -0.98 -32.01
N GLU D 239 -6.24 -2.06 -32.65
CA GLU D 239 -7.09 -3.08 -33.24
C GLU D 239 -8.02 -3.79 -32.23
N LEU D 240 -7.80 -3.62 -30.93
CA LEU D 240 -8.76 -4.15 -29.95
C LEU D 240 -10.05 -3.35 -29.95
N VAL D 241 -9.95 -2.06 -30.22
CA VAL D 241 -11.15 -1.24 -30.23
C VAL D 241 -11.59 -0.94 -31.64
N ASP D 242 -12.88 -1.19 -31.92
CA ASP D 242 -13.60 -0.70 -33.12
C ASP D 242 -13.79 0.81 -32.98
N THR D 243 -12.95 1.56 -33.69
CA THR D 243 -12.88 3.02 -33.53
C THR D 243 -14.18 3.76 -33.84
N GLY D 244 -14.76 3.56 -35.04
CA GLY D 244 -16.02 4.19 -35.42
C GLY D 244 -17.09 4.02 -34.34
N ALA D 245 -17.10 2.82 -33.77
CA ALA D 245 -18.02 2.54 -32.69
C ALA D 245 -17.64 3.42 -31.49
N LEU D 246 -16.35 3.49 -31.15
CA LEU D 246 -15.90 4.33 -30.05
C LEU D 246 -16.43 5.74 -30.18
N ILE D 247 -16.20 6.31 -31.37
CA ILE D 247 -16.55 7.68 -31.73
C ILE D 247 -18.05 7.94 -31.64
N LYS D 248 -18.86 6.98 -32.10
CA LYS D 248 -20.31 7.12 -31.96
C LYS D 248 -20.71 7.06 -30.47
N ALA D 249 -20.17 6.08 -29.76
CA ALA D 249 -20.42 5.92 -28.34
C ALA D 249 -20.14 7.21 -27.59
N LEU D 250 -19.02 7.84 -27.90
CA LEU D 250 -18.64 9.07 -27.25
C LEU D 250 -19.59 10.23 -27.63
N GLN D 251 -19.92 10.40 -28.90
CA GLN D 251 -20.84 11.47 -29.27
C GLN D 251 -22.19 11.34 -28.54
N ASP D 252 -22.78 10.14 -28.59
CA ASP D 252 -24.13 9.93 -28.07
C ASP D 252 -24.13 9.76 -26.56
N GLY D 253 -22.95 10.00 -25.98
CA GLY D 253 -22.66 9.80 -24.56
C GLY D 253 -22.94 8.44 -23.94
N GLU D 254 -22.55 7.36 -24.58
CA GLU D 254 -22.75 6.01 -23.99
C GLU D 254 -21.60 5.64 -23.03
N ILE D 255 -20.53 6.43 -23.10
CA ILE D 255 -19.48 6.44 -22.10
C ILE D 255 -19.10 7.93 -21.85
N ALA D 256 -18.28 8.20 -20.84
CA ALA D 256 -18.00 9.59 -20.45
C ALA D 256 -16.72 10.07 -21.09
N GLY D 257 -15.94 9.13 -21.60
CA GLY D 257 -14.61 9.47 -22.08
C GLY D 257 -13.74 8.26 -22.38
N ALA D 258 -12.56 8.53 -22.90
CA ALA D 258 -11.65 7.51 -23.37
C ALA D 258 -10.20 7.99 -23.32
N GLY D 259 -9.30 7.16 -22.80
CA GLY D 259 -7.85 7.43 -22.90
C GLY D 259 -7.12 6.41 -23.73
N LEU D 260 -6.47 6.88 -24.80
CA LEU D 260 -5.89 5.98 -25.79
C LEU D 260 -4.39 6.19 -25.91
N ASP D 261 -3.62 5.11 -26.01
CA ASP D 261 -2.20 5.26 -26.31
C ASP D 261 -1.90 4.66 -27.67
N THR D 262 -2.97 4.30 -28.38
CA THR D 262 -2.88 3.52 -29.62
C THR D 262 -4.22 3.44 -30.34
N LEU D 263 -4.20 3.35 -31.68
CA LEU D 263 -5.42 3.30 -32.52
C LEU D 263 -5.26 2.32 -33.67
N ALA D 264 -6.36 1.66 -34.07
CA ALA D 264 -6.33 0.81 -35.28
C ALA D 264 -5.90 1.66 -36.44
N GLY D 265 -5.03 1.10 -37.29
CA GLY D 265 -4.50 1.77 -38.48
C GLY D 265 -3.54 2.92 -38.19
N GLU D 266 -2.88 2.88 -37.04
CA GLU D 266 -2.03 3.99 -36.55
C GLU D 266 -0.66 4.12 -37.20
N SER D 267 -0.19 3.04 -37.82
CA SER D 267 1.14 3.04 -38.42
C SER D 267 1.29 4.03 -39.60
N SER D 268 0.15 4.53 -40.10
CA SER D 268 0.17 5.51 -41.19
C SER D 268 0.86 6.77 -40.75
N TYR D 269 0.73 7.11 -39.46
CA TYR D 269 1.13 8.45 -39.03
C TYR D 269 1.87 8.47 -37.72
N PHE D 270 1.57 7.52 -36.83
CA PHE D 270 2.36 7.31 -35.61
C PHE D 270 3.76 6.96 -36.05
N GLY D 271 4.74 7.67 -35.51
CA GLY D 271 6.15 7.41 -35.85
C GLY D 271 6.74 8.22 -36.97
N HIS D 272 5.89 8.89 -37.76
CA HIS D 272 6.32 9.83 -38.84
C HIS D 272 6.19 11.28 -38.37
N THR D 273 6.83 12.19 -39.11
CA THR D 273 6.77 13.65 -38.86
C THR D 273 6.54 14.45 -40.13
N GLY D 274 6.01 15.66 -39.95
CA GLY D 274 5.81 16.61 -41.04
C GLY D 274 4.69 16.22 -41.98
N LEU D 275 3.61 15.65 -41.45
CA LEU D 275 2.51 15.11 -42.27
C LEU D 275 1.55 16.19 -42.80
N THR D 276 0.92 15.98 -43.95
CA THR D 276 -0.14 16.94 -44.38
C THR D 276 -1.41 16.68 -43.58
N ASP D 277 -2.35 17.62 -43.60
CA ASP D 277 -3.68 17.35 -43.09
C ASP D 277 -4.24 16.09 -43.73
N SER D 278 -3.98 15.93 -45.03
CA SER D 278 -4.53 14.83 -45.80
C SER D 278 -3.98 13.45 -45.42
N GLU D 279 -2.78 13.40 -44.82
CA GLU D 279 -2.14 12.11 -44.42
C GLU D 279 -2.42 11.59 -42.98
N ILE D 280 -3.00 12.44 -42.14
CA ILE D 280 -3.58 12.06 -40.83
C ILE D 280 -5.09 11.76 -41.02
N PRO D 281 -5.57 10.60 -40.53
CA PRO D 281 -6.97 10.24 -40.77
C PRO D 281 -7.99 11.08 -39.99
N GLU D 282 -9.19 11.16 -40.56
CA GLU D 282 -10.27 11.94 -39.94
C GLU D 282 -10.70 11.42 -38.58
N ASP D 283 -10.78 10.10 -38.38
CA ASP D 283 -11.06 9.54 -37.02
C ASP D 283 -10.11 10.03 -35.92
N TYR D 284 -8.80 10.04 -36.18
CA TYR D 284 -7.88 10.67 -35.24
C TYR D 284 -8.31 12.13 -34.98
N LYS D 285 -8.39 12.93 -36.04
CA LYS D 285 -8.74 14.34 -35.87
C LYS D 285 -10.02 14.53 -35.04
N THR D 286 -10.93 13.57 -35.06
CA THR D 286 -12.19 13.72 -34.35
C THR D 286 -12.00 13.53 -32.84
N LEU D 287 -11.30 12.46 -32.48
CA LEU D 287 -11.01 12.12 -31.07
C LEU D 287 -10.12 13.17 -30.45
N ALA D 288 -9.04 13.49 -31.17
CA ALA D 288 -8.10 14.54 -30.77
C ALA D 288 -8.78 15.83 -30.40
N LYS D 289 -10.00 16.04 -30.85
CA LYS D 289 -10.66 17.29 -30.58
C LYS D 289 -11.60 17.21 -29.38
N MET D 290 -11.89 16.02 -28.88
CA MET D 290 -12.86 15.88 -27.78
C MET D 290 -12.20 16.14 -26.43
N PRO D 291 -12.72 17.10 -25.64
CA PRO D 291 -12.13 17.44 -24.34
C PRO D 291 -12.15 16.27 -23.36
N ASN D 292 -13.01 15.29 -23.62
CA ASN D 292 -13.07 14.14 -22.73
C ASN D 292 -12.30 12.96 -23.31
N VAL D 293 -11.35 13.23 -24.18
CA VAL D 293 -10.43 12.21 -24.62
C VAL D 293 -9.03 12.73 -24.50
N VAL D 294 -8.12 11.80 -24.24
CA VAL D 294 -6.67 12.04 -24.25
C VAL D 294 -6.04 10.93 -25.10
N ILE D 295 -5.12 11.29 -25.99
CA ILE D 295 -4.39 10.37 -26.84
C ILE D 295 -2.88 10.68 -26.70
N THR D 296 -2.07 9.64 -26.78
CA THR D 296 -0.61 9.77 -26.74
C THR D 296 -0.05 8.92 -27.88
N PRO D 297 1.08 9.33 -28.47
CA PRO D 297 1.57 8.57 -29.66
C PRO D 297 2.27 7.23 -29.35
N HIS D 298 1.50 6.25 -28.85
CA HIS D 298 2.01 4.93 -28.49
C HIS D 298 3.27 5.04 -27.67
N SER D 299 3.22 5.81 -26.58
CA SER D 299 4.42 6.17 -25.84
C SER D 299 4.49 5.56 -24.44
N ALA D 300 3.45 4.79 -24.09
CA ALA D 300 3.38 4.23 -22.75
C ALA D 300 4.67 3.52 -22.35
N PHE D 301 5.33 2.86 -23.29
CA PHE D 301 6.57 2.13 -23.04
C PHE D 301 7.79 3.03 -22.77
N TYR D 302 7.62 4.34 -22.93
CA TYR D 302 8.78 5.22 -23.17
C TYR D 302 9.40 5.86 -21.91
N THR D 303 10.03 5.04 -21.07
CA THR D 303 10.78 5.48 -19.89
C THR D 303 12.18 5.00 -20.05
N GLU D 304 13.12 5.58 -19.30
CA GLU D 304 14.53 5.15 -19.31
C GLU D 304 14.65 3.65 -19.07
N THR D 305 13.86 3.14 -18.15
CA THR D 305 13.93 1.75 -17.75
C THR D 305 13.66 0.80 -18.95
N SER D 306 12.59 1.08 -19.69
CA SER D 306 12.32 0.43 -20.95
C SER D 306 13.47 0.47 -21.97
N ILE D 307 13.98 1.66 -22.25
CA ILE D 307 15.12 1.74 -23.16
C ILE D 307 16.32 0.95 -22.62
N ARG D 308 16.60 1.09 -21.33
CA ARG D 308 17.75 0.42 -20.72
C ARG D 308 17.64 -1.10 -20.85
N ASN D 309 16.51 -1.65 -20.40
CA ASN D 309 16.26 -3.10 -20.41
C ASN D 309 16.06 -3.74 -21.79
N MET D 310 15.63 -2.95 -22.77
CA MET D 310 15.44 -3.45 -24.14
C MET D 310 16.81 -3.74 -24.72
N VAL D 311 17.76 -2.91 -24.38
CA VAL D 311 19.09 -3.03 -24.93
C VAL D 311 19.83 -4.03 -24.09
N GLN D 312 19.88 -3.77 -22.78
CA GLN D 312 20.73 -4.52 -21.87
C GLN D 312 20.35 -5.99 -21.67
N ILE D 313 19.06 -6.28 -21.56
CA ILE D 313 18.61 -7.63 -21.30
C ILE D 313 19.13 -8.48 -22.46
N CYS D 314 18.89 -7.97 -23.66
CA CYS D 314 19.29 -8.66 -24.87
C CYS D 314 20.83 -8.93 -25.03
N LEU D 315 21.65 -7.93 -24.67
CA LEU D 315 23.12 -8.07 -24.74
C LEU D 315 23.69 -9.02 -23.71
N THR D 316 23.12 -9.03 -22.51
CA THR D 316 23.60 -9.99 -21.51
C THR D 316 23.15 -11.38 -21.93
N ASP D 317 21.97 -11.48 -22.53
CA ASP D 317 21.55 -12.72 -23.20
C ASP D 317 22.62 -13.18 -24.20
N GLN D 318 23.02 -12.27 -25.09
CA GLN D 318 23.94 -12.57 -26.18
C GLN D 318 25.31 -13.06 -25.73
N LEU D 319 25.71 -12.65 -24.52
CA LEU D 319 26.99 -13.04 -23.93
C LEU D 319 26.93 -14.46 -23.38
N THR D 320 25.80 -14.81 -22.73
CA THR D 320 25.59 -16.19 -22.25
C THR D 320 25.37 -17.23 -23.40
N ILE D 321 25.09 -16.73 -24.62
CA ILE D 321 24.96 -17.58 -25.83
C ILE D 321 26.30 -17.77 -26.58
N ALA D 322 27.24 -16.86 -26.33
CA ALA D 322 28.61 -16.98 -26.82
C ALA D 322 29.41 -17.94 -25.93
N LYS D 323 28.69 -18.71 -25.12
CA LYS D 323 29.26 -19.76 -24.22
C LYS D 323 28.38 -21.04 -24.15
N GLY D 324 27.17 -20.94 -23.59
CA GLY D 324 26.25 -22.08 -23.54
C GLY D 324 24.87 -21.72 -24.08
N PRO D 327 19.87 -19.03 -21.62
CA PRO D 327 18.84 -18.29 -20.89
C PRO D 327 17.45 -18.56 -21.46
N ARG D 328 16.41 -18.17 -20.70
CA ARG D 328 15.00 -18.47 -21.05
C ARG D 328 14.40 -17.76 -22.28
N SER D 329 15.16 -16.83 -22.87
CA SER D 329 14.61 -15.95 -23.91
C SER D 329 14.32 -16.61 -25.27
N ILE D 330 14.97 -17.76 -25.51
CA ILE D 330 14.84 -18.53 -26.77
C ILE D 330 13.39 -18.74 -27.22
PA NAD E . 10.90 -19.62 -7.47
O1A NAD E . 9.58 -19.12 -8.06
O2A NAD E . 11.55 -20.55 -8.33
O5B NAD E . 11.81 -18.53 -7.09
C5B NAD E . 13.11 -18.86 -6.92
C4B NAD E . 14.00 -17.71 -7.25
O4B NAD E . 15.16 -18.26 -6.92
C3B NAD E . 14.13 -17.55 -8.73
O3B NAD E . 13.67 -16.27 -9.06
C2B NAD E . 15.60 -17.56 -8.91
O2B NAD E . 15.95 -16.35 -9.56
C1B NAD E . 16.08 -17.51 -7.49
N9A NAD E . 17.24 -18.32 -7.33
C8A NAD E . 17.38 -19.55 -7.76
N7A NAD E . 18.56 -19.99 -7.45
C5A NAD E . 19.19 -19.04 -6.80
C6A NAD E . 20.43 -18.97 -6.25
N6A NAD E . 21.26 -19.96 -6.31
N1A NAD E . 20.81 -17.87 -5.66
C2A NAD E . 19.97 -16.86 -5.59
N3A NAD E . 18.77 -16.90 -6.12
C4A NAD E . 18.36 -17.98 -6.74
O3 NAD E . 10.45 -20.36 -6.19
PN NAD E . 9.39 -19.96 -5.16
O1N NAD E . 9.57 -18.63 -4.64
O2N NAD E . 8.11 -20.40 -5.64
O5D NAD E . 9.80 -20.88 -4.04
C5D NAD E . 10.85 -20.51 -3.17
C4D NAD E . 11.03 -21.48 -2.00
O4D NAD E . 9.84 -21.69 -1.26
C3D NAD E . 11.44 -22.85 -2.49
O3D NAD E . 12.48 -23.34 -1.69
C2D NAD E . 10.17 -23.59 -2.26
O2D NAD E . 10.44 -24.94 -2.15
C1D NAD E . 9.83 -23.04 -0.93
N1N NAD E . 8.45 -23.28 -0.53
C2N NAD E . 8.12 -23.51 0.78
C3N NAD E . 6.81 -23.72 1.12
C7N NAD E . 6.40 -23.95 2.54
O7N NAD E . 5.55 -24.76 2.85
N7N NAD E . 6.99 -23.17 3.37
C4N NAD E . 5.83 -23.73 0.16
C5N NAD E . 6.14 -23.50 -1.15
C6N NAD E . 7.45 -23.27 -1.47
PA NAD F . -7.45 8.39 19.91
O1A NAD F . -6.63 8.85 18.90
O2A NAD F . -7.88 9.51 20.66
O5B NAD F . -8.54 7.61 19.34
C5B NAD F . -9.64 7.09 19.98
C4B NAD F . -10.78 6.92 18.99
O4B NAD F . -11.86 6.36 19.63
C3B NAD F . -11.30 8.27 18.54
O3B NAD F . -11.44 8.29 17.16
C2B NAD F . -12.66 8.34 19.11
O2B NAD F . -13.45 9.02 18.17
C1B NAD F . -13.00 6.89 19.10
N9A NAD F . -14.06 6.57 20.06
C8A NAD F . -14.28 7.21 21.17
N7A NAD F . -15.30 6.70 21.79
C5A NAD F . -15.72 5.71 21.07
C6A NAD F . -16.73 4.81 21.23
N6A NAD F . -17.52 4.84 22.25
N1A NAD F . -16.93 3.91 20.32
C2A NAD F . -16.18 3.88 19.28
N3A NAD F . -15.21 4.71 19.11
C4A NAD F . -14.95 5.64 19.98
O3 NAD F . -6.47 7.47 20.67
PN NAD F . -5.41 6.57 20.18
O1N NAD F . -5.78 5.87 19.04
O2N NAD F . -4.17 7.17 20.27
O5D NAD F . -5.38 5.56 21.19
C5D NAD F . -6.41 4.60 21.34
C4D NAD F . -6.26 3.54 22.44
O4D NAD F . -5.02 2.85 22.49
C3D NAD F . -6.35 4.29 23.73
O3D NAD F . -7.07 3.53 24.65
C2D NAD F . -5.00 4.25 24.29
O2D NAD F . -5.27 4.13 25.63
C1D NAD F . -4.51 2.93 23.79
N1N NAD F . -3.03 2.88 23.81
C2N NAD F . -2.39 1.73 24.13
C3N NAD F . -1.04 1.64 24.17
C7N NAD F . -0.40 0.33 24.52
O7N NAD F . 0.60 0.24 25.20
N7N NAD F . -1.04 -0.67 24.05
C4N NAD F . -0.29 2.73 23.88
C5N NAD F . -0.91 3.89 23.56
C6N NAD F . -2.27 3.95 23.51
PA NAD G . -3.35 21.73 7.33
O1A NAD G . -4.18 20.32 7.51
O2A NAD G . -3.42 22.67 8.51
O5B NAD G . -1.85 21.35 7.01
C5B NAD G . -0.93 22.42 6.81
C4B NAD G . 0.44 21.96 7.21
O4B NAD G . 1.30 23.07 6.91
C3B NAD G . 0.50 21.75 8.72
O3B NAD G . 1.04 20.44 8.94
C2B NAD G . 1.42 22.91 9.19
O2B NAD G . 2.24 22.53 10.28
C1B NAD G . 2.26 23.16 7.92
N9A NAD G . 2.94 24.51 7.85
C8A NAD G . 2.50 25.67 8.39
N7A NAD G . 3.37 26.65 8.13
C5A NAD G . 4.38 26.12 7.42
C6A NAD G . 5.60 26.62 6.89
N6A NAD G . 5.92 27.91 7.02
N1A NAD G . 6.44 25.79 6.23
C2A NAD G . 6.12 24.51 6.09
N3A NAD G . 4.99 24.00 6.59
C4A NAD G . 4.11 24.77 7.25
O3 NAD G . -3.88 22.36 5.90
PN NAD G . -4.43 21.34 4.71
O1N NAD G . -3.47 20.21 4.58
O2N NAD G . -5.85 20.99 4.94
O5D NAD G . -4.36 22.29 3.42
C5D NAD G . -3.12 22.81 3.01
C4D NAD G . -3.31 23.82 1.92
O4D NAD G . -4.17 23.25 0.88
C3D NAD G . -4.04 25.05 2.49
O3D NAD G . -3.43 26.23 1.94
C2D NAD G . -5.47 24.86 1.97
O2D NAD G . -6.28 26.04 1.92
C1D NAD G . -5.19 24.30 0.58
N1N NAD G . -6.48 23.78 0.08
C2N NAD G . -6.77 23.84 -1.28
C3N NAD G . -7.98 23.33 -1.73
C7N NAD G . -8.34 23.35 -3.22
O7N NAD G . -9.51 23.28 -3.62
N7N NAD G . -7.29 23.38 -4.04
C4N NAD G . -8.87 22.77 -0.81
C5N NAD G . -8.58 22.70 0.56
C6N NAD G . -7.38 23.19 1.01
PA NAD H . 0.77 -10.58 -21.16
O1A NAD H . 1.63 -10.85 -19.80
O2A NAD H . 0.74 -11.70 -22.13
O5B NAD H . -0.76 -10.08 -20.81
C5B NAD H . -1.88 -10.58 -21.49
C4B NAD H . -2.83 -11.19 -20.49
O4B NAD H . -4.16 -11.24 -21.12
C3B NAD H . -2.39 -12.64 -20.16
O3B NAD H . -2.36 -12.85 -18.72
C2B NAD H . -3.42 -13.53 -20.88
O2B NAD H . -3.80 -14.69 -20.09
C1B NAD H . -4.66 -12.62 -21.02
N9A NAD H . -5.51 -12.94 -22.20
C8A NAD H . -5.13 -13.60 -23.30
N7A NAD H . -6.18 -13.69 -24.13
C5A NAD H . -7.24 -13.09 -23.56
C6A NAD H . -8.57 -12.85 -23.92
N6A NAD H . -9.03 -13.28 -25.09
N1A NAD H . -9.40 -12.19 -23.08
C2A NAD H . -8.95 -11.76 -21.91
N3A NAD H . -7.69 -11.97 -21.54
C4A NAD H . -6.80 -12.62 -22.32
O3 NAD H . 1.51 -9.26 -21.81
PN NAD H . 1.54 -7.77 -21.18
O1N NAD H . 0.66 -7.67 -19.96
O2N NAD H . 2.96 -7.38 -21.10
O5D NAD H . 0.81 -6.97 -22.40
C5D NAD H . -0.57 -6.60 -22.39
C4D NAD H . -0.83 -5.66 -23.58
O4D NAD H . 0.00 -4.45 -23.46
C3D NAD H . -0.38 -6.35 -24.91
O3D NAD H . -1.44 -6.27 -25.87
C2D NAD H . 0.83 -5.51 -25.34
O2D NAD H . 1.00 -5.44 -26.75
C1D NAD H . 0.48 -4.15 -24.81
N1N NAD H . 1.67 -3.27 -24.81
C2N NAD H . 1.52 -1.92 -25.04
C3N NAD H . 2.63 -1.06 -25.03
C7N NAD H . 2.40 0.43 -25.28
O7N NAD H . 3.33 1.24 -25.38
N7N NAD H . 1.10 0.75 -25.32
C4N NAD H . 3.91 -1.57 -24.76
C5N NAD H . 4.05 -2.93 -24.51
C6N NAD H . 2.94 -3.78 -24.53
#